data_2OAE
#
_entry.id   2OAE
#
_cell.length_a   208.349
_cell.length_b   208.349
_cell.length_c   208.349
_cell.angle_alpha   90.000
_cell.angle_beta   90.000
_cell.angle_gamma   90.000
#
_symmetry.space_group_name_H-M   'P 21 3'
#
loop_
_entity.id
_entity.type
_entity.pdbx_description
1 polymer 'Dipeptidyl peptidase 4'
2 non-polymer 'SULFATE ION'
3 non-polymer N-{[(3S,5S)-5-(1,3-THIAZOLIDIN-3-YLCARBONYL)PYRROLIDIN-3-YL]METHYL}-1,3-THIAZOLE-4-CARBOXAMIDE
#
_entity_poly.entity_id   1
_entity_poly.type   'polypeptide(L)'
_entity_poly.pdbx_seq_one_letter_code
;RRTYTLADYLKNTFRVKSYSLRWVSDSEYLYKQENNILLFNAEHGNSSIFLENSTFEIFGDSISDYSVSPDRLFVLLEYN
YVKQWRHSYTASYSIYDLNKRQLITEEKIPNNTQWITWSQEGHKLAYVWKNDIYVKIEPHLPSHRITSTGKENVIFNGIN
DWVYEEEIFGAYSALWWSPNGTFLAYAQFNDTGVPLIEYSFYSDESLQYPKTVWIPYPKAGAVNPTVKFFIVNTDSLSST
TTTIPMQITAPASVTTGDHYLCDVAWVSEDRISLQWLRRIQNYSVMAICDYDKTTLVWNCPTTQEHIETSATGWCGRFRP
AEPHFTSDGSSFYKIVSDKDGYKHICQFQKDRKPEQVCTFITKGAWEVISIEALTSDYLYYISNEYKEMPGGRNLYKIQL
TDHTNKKCLSCDLNPERCQYYSVSLSKEAKYYQLGCRGPGLPLYTLHRSTDQKELRVLEDNSALDKMLQDVQMPSKKLDF
IVLNETRFWYQMILPPHFDKSKKYPLLIDVYAGPCSQKADAAFRLNWATYLASTENIIVASFDGRGSGYQGDKIMHAINK
RLGTLEVEDQIEAARQFLKMGFVDSKRVAIWGWSYGGYVTSMVLGSGSGVFKCGIAVAPVSRWEYYDSVYTERYMGLPTP
EDNLDHYRNSTVMSRAENFKQVEYLLIHGTADDNVHFQQSAQISKALVDAGVDFQAMWYTDEDHGIASSTAHQHIYSHMS
HFLQQCFSLR
;
_entity_poly.pdbx_strand_id   A,B
#
loop_
_chem_comp.id
_chem_comp.type
_chem_comp.name
_chem_comp.formula
AIL non-polymer N-{[(3S,5S)-5-(1,3-THIAZOLIDIN-3-YLCARBONYL)PYRROLIDIN-3-YL]METHYL}-1,3-THIAZOLE-4-CARBOXAMIDE 'C13 H18 N4 O2 S2'
SO4 non-polymer 'SULFATE ION' 'O4 S -2'
#
# COMPACT_ATOMS: atom_id res chain seq x y z
N ARG A 1 -4.50 -41.21 -18.98
CA ARG A 1 -5.65 -40.31 -18.71
C ARG A 1 -5.29 -39.22 -17.68
N ARG A 2 -4.28 -38.40 -17.99
CA ARG A 2 -3.82 -37.31 -17.11
C ARG A 2 -4.43 -35.98 -17.58
N THR A 3 -4.76 -35.10 -16.63
CA THR A 3 -5.36 -33.79 -16.95
C THR A 3 -4.22 -32.74 -16.97
N TYR A 4 -4.51 -31.52 -17.44
CA TYR A 4 -3.51 -30.45 -17.48
C TYR A 4 -3.54 -29.78 -16.09
N THR A 5 -2.55 -30.10 -15.26
CA THR A 5 -2.42 -29.59 -13.90
C THR A 5 -2.13 -28.08 -13.81
N LEU A 6 -2.47 -27.45 -12.67
CA LEU A 6 -2.20 -26.02 -12.52
C LEU A 6 -0.68 -25.90 -12.48
N ALA A 7 -0.02 -26.97 -12.06
CA ALA A 7 1.44 -26.99 -12.00
C ALA A 7 1.98 -27.08 -13.43
N ASP A 8 1.24 -27.75 -14.31
CA ASP A 8 1.65 -27.88 -15.70
C ASP A 8 1.78 -26.49 -16.29
N TYR A 9 0.90 -25.61 -15.82
CA TYR A 9 0.87 -24.24 -16.26
C TYR A 9 1.95 -23.41 -15.55
N LEU A 10 1.92 -23.44 -14.22
CA LEU A 10 2.88 -22.68 -13.44
C LEU A 10 4.36 -23.02 -13.67
N LYS A 11 4.67 -24.30 -13.83
CA LYS A 11 6.06 -24.70 -14.05
C LYS A 11 6.39 -24.85 -15.54
N ASN A 12 5.44 -24.50 -16.40
CA ASN A 12 5.60 -24.58 -17.85
C ASN A 12 6.13 -25.97 -18.26
N THR A 13 5.35 -26.99 -17.92
CA THR A 13 5.70 -28.38 -18.20
C THR A 13 5.79 -28.66 -19.70
N PHE A 14 4.81 -28.18 -20.44
CA PHE A 14 4.78 -28.38 -21.88
C PHE A 14 5.17 -27.11 -22.62
N ARG A 15 6.40 -27.11 -23.12
CA ARG A 15 6.96 -26.00 -23.87
C ARG A 15 6.42 -25.93 -25.30
N VAL A 16 6.01 -24.74 -25.74
CA VAL A 16 5.53 -24.54 -27.10
C VAL A 16 6.66 -23.85 -27.86
N LYS A 17 7.18 -24.50 -28.89
CA LYS A 17 8.29 -23.91 -29.64
C LYS A 17 7.91 -22.95 -30.76
N SER A 18 8.92 -22.25 -31.26
CA SER A 18 8.74 -21.30 -32.34
C SER A 18 10.04 -21.15 -33.12
N TYR A 19 10.01 -20.38 -34.20
CA TYR A 19 11.20 -20.17 -35.00
C TYR A 19 11.35 -18.68 -35.20
N SER A 20 12.05 -18.02 -34.29
CA SER A 20 12.25 -16.60 -34.41
C SER A 20 13.54 -16.33 -35.12
N LEU A 21 13.44 -15.94 -36.38
CA LEU A 21 14.61 -15.66 -37.20
C LEU A 21 14.89 -14.17 -37.36
N ARG A 22 16.07 -13.84 -37.84
CA ARG A 22 16.43 -12.47 -38.06
C ARG A 22 16.98 -12.28 -39.48
N TRP A 23 16.13 -11.83 -40.39
CA TRP A 23 16.56 -11.63 -41.77
C TRP A 23 17.75 -10.69 -41.85
N VAL A 24 18.84 -11.17 -42.44
CA VAL A 24 20.03 -10.33 -42.57
C VAL A 24 20.14 -9.76 -43.97
N SER A 25 19.54 -10.44 -44.93
CA SER A 25 19.55 -9.97 -46.32
C SER A 25 18.26 -10.38 -47.00
N ASP A 26 18.28 -10.42 -48.31
CA ASP A 26 17.08 -10.82 -49.02
C ASP A 26 17.13 -12.33 -49.19
N SER A 27 18.20 -12.95 -48.69
CA SER A 27 18.37 -14.41 -48.86
C SER A 27 18.98 -15.20 -47.70
N GLU A 28 19.33 -14.52 -46.61
CA GLU A 28 19.91 -15.21 -45.45
C GLU A 28 19.32 -14.65 -44.17
N TYR A 29 19.33 -15.46 -43.11
CA TYR A 29 18.82 -15.00 -41.84
C TYR A 29 19.64 -15.57 -40.71
N LEU A 30 19.44 -15.03 -39.52
CA LEU A 30 20.15 -15.49 -38.34
C LEU A 30 19.19 -16.26 -37.44
N TYR A 31 19.73 -17.25 -36.75
CA TYR A 31 18.92 -18.06 -35.84
C TYR A 31 19.73 -18.53 -34.65
N LYS A 32 19.14 -18.42 -33.47
CA LYS A 32 19.79 -18.83 -32.23
C LYS A 32 19.52 -20.31 -32.06
N GLN A 33 20.58 -21.12 -32.09
CA GLN A 33 20.45 -22.55 -31.92
C GLN A 33 21.45 -23.02 -30.89
N GLU A 34 20.94 -23.45 -29.73
CA GLU A 34 21.76 -23.90 -28.62
C GLU A 34 22.82 -22.85 -28.31
N ASN A 35 22.37 -21.60 -28.10
CA ASN A 35 23.27 -20.49 -27.79
C ASN A 35 24.40 -20.31 -28.79
N ASN A 36 24.04 -20.39 -30.07
CA ASN A 36 24.96 -20.23 -31.18
C ASN A 36 24.14 -19.52 -32.22
N ILE A 37 24.66 -18.41 -32.73
CA ILE A 37 23.93 -17.70 -33.75
C ILE A 37 24.37 -18.30 -35.09
N LEU A 38 23.43 -18.91 -35.80
CA LEU A 38 23.74 -19.53 -37.07
C LEU A 38 23.15 -18.77 -38.24
N LEU A 39 23.94 -18.62 -39.29
CA LEU A 39 23.50 -17.94 -40.49
C LEU A 39 22.91 -19.01 -41.40
N PHE A 40 21.66 -18.83 -41.82
CA PHE A 40 21.00 -19.78 -42.70
C PHE A 40 20.78 -19.19 -44.08
N ASN A 41 20.70 -20.09 -45.06
CA ASN A 41 20.48 -19.71 -46.44
C ASN A 41 19.08 -20.12 -46.83
N ALA A 42 18.15 -19.17 -46.93
CA ALA A 42 16.80 -19.53 -47.34
C ALA A 42 17.00 -20.04 -48.76
N GLU A 43 16.39 -21.18 -49.06
CA GLU A 43 16.48 -21.83 -50.38
C GLU A 43 17.01 -23.24 -50.10
N HIS A 44 18.16 -23.32 -49.46
CA HIS A 44 18.77 -24.60 -49.10
C HIS A 44 19.05 -24.54 -47.59
N GLY A 45 18.85 -25.62 -46.86
CA GLY A 45 19.13 -25.58 -45.42
C GLY A 45 20.52 -25.05 -45.07
N ASN A 46 21.40 -24.92 -46.08
CA ASN A 46 22.78 -24.41 -45.98
C ASN A 46 22.89 -23.54 -44.72
N SER A 47 23.64 -23.97 -43.72
CA SER A 47 23.79 -23.13 -42.52
C SER A 47 25.23 -22.62 -42.38
N SER A 48 25.65 -22.38 -41.14
CA SER A 48 27.00 -21.87 -40.85
C SER A 48 27.03 -21.11 -39.52
N ILE A 49 28.05 -21.34 -38.70
CA ILE A 49 28.15 -20.67 -37.40
C ILE A 49 28.49 -19.19 -37.54
N PHE A 50 27.68 -18.32 -36.92
CA PHE A 50 27.91 -16.88 -36.98
C PHE A 50 28.56 -16.39 -35.68
N LEU A 51 28.07 -16.90 -34.54
CA LEU A 51 28.62 -16.56 -33.22
C LEU A 51 28.55 -17.83 -32.39
N GLU A 52 29.58 -18.08 -31.59
CA GLU A 52 29.63 -19.31 -30.82
C GLU A 52 28.97 -19.45 -29.45
N ASN A 53 28.72 -20.72 -29.09
CA ASN A 53 28.15 -21.14 -27.79
C ASN A 53 29.04 -20.26 -26.89
N SER A 54 30.26 -20.04 -27.40
CA SER A 54 31.31 -19.24 -26.79
C SER A 54 30.87 -17.78 -26.65
N THR A 55 31.78 -16.85 -26.98
CA THR A 55 31.52 -15.40 -26.92
C THR A 55 30.51 -15.03 -25.82
N PHE A 56 29.24 -15.37 -26.05
CA PHE A 56 28.16 -15.13 -25.09
C PHE A 56 28.49 -15.49 -23.61
N GLU A 57 29.49 -16.33 -23.35
CA GLU A 57 29.79 -16.68 -21.97
C GLU A 57 30.91 -15.84 -21.32
N ILE A 58 31.59 -15.01 -22.10
CA ILE A 58 32.64 -14.14 -21.55
C ILE A 58 31.89 -13.22 -20.57
N PHE A 59 30.76 -12.69 -21.03
CA PHE A 59 29.90 -11.81 -20.22
C PHE A 59 29.02 -12.73 -19.36
N GLY A 60 29.67 -13.76 -18.84
CA GLY A 60 29.03 -14.74 -17.99
C GLY A 60 27.73 -15.33 -18.51
N ASP A 61 26.70 -15.19 -17.66
CA ASP A 61 25.36 -15.69 -17.91
C ASP A 61 24.38 -14.53 -17.88
N SER A 62 24.93 -13.31 -17.94
CA SER A 62 24.05 -12.13 -17.92
C SER A 62 23.87 -11.58 -19.31
N ILE A 63 24.30 -12.34 -20.32
CA ILE A 63 24.14 -11.90 -21.71
C ILE A 63 22.66 -11.92 -22.05
N SER A 64 22.03 -10.78 -21.86
CA SER A 64 20.61 -10.59 -22.11
C SER A 64 20.19 -10.71 -23.58
N ASP A 65 20.94 -10.10 -24.48
CA ASP A 65 20.56 -10.15 -25.88
C ASP A 65 21.70 -9.73 -26.81
N TYR A 66 21.48 -9.80 -28.11
CA TYR A 66 22.51 -9.44 -29.08
C TYR A 66 21.91 -8.71 -30.27
N SER A 67 22.70 -7.89 -30.92
CA SER A 67 22.25 -7.15 -32.09
C SER A 67 23.42 -7.05 -33.06
N VAL A 68 23.23 -7.61 -34.25
CA VAL A 68 24.27 -7.61 -35.26
C VAL A 68 24.17 -6.39 -36.17
N SER A 69 25.27 -5.66 -36.33
CA SER A 69 25.28 -4.48 -37.18
C SER A 69 24.80 -4.91 -38.56
N PRO A 70 24.12 -4.03 -39.28
CA PRO A 70 23.65 -4.44 -40.60
C PRO A 70 24.71 -4.91 -41.59
N ASP A 71 25.95 -4.46 -41.46
CA ASP A 71 27.00 -4.92 -42.37
C ASP A 71 27.68 -6.16 -41.79
N ARG A 72 26.98 -6.81 -40.87
CA ARG A 72 27.46 -8.01 -40.21
C ARG A 72 28.93 -7.97 -39.80
N LEU A 73 29.44 -6.79 -39.49
CA LEU A 73 30.83 -6.70 -39.08
C LEU A 73 31.02 -6.70 -37.58
N PHE A 74 30.00 -6.27 -36.84
CA PHE A 74 30.05 -6.24 -35.39
C PHE A 74 28.77 -6.77 -34.74
N VAL A 75 28.84 -7.00 -33.45
CA VAL A 75 27.68 -7.49 -32.71
C VAL A 75 27.62 -6.82 -31.35
N LEU A 76 26.44 -6.31 -31.02
CA LEU A 76 26.21 -5.67 -29.75
C LEU A 76 25.81 -6.76 -28.77
N LEU A 77 26.52 -6.82 -27.65
CA LEU A 77 26.22 -7.82 -26.64
C LEU A 77 25.65 -7.10 -25.45
N GLU A 78 24.38 -7.35 -25.19
CA GLU A 78 23.64 -6.76 -24.09
C GLU A 78 23.72 -7.63 -22.83
N TYR A 79 23.88 -7.00 -21.68
CA TYR A 79 23.98 -7.72 -20.42
C TYR A 79 23.72 -6.76 -19.26
N ASN A 80 23.36 -7.30 -18.10
CA ASN A 80 23.04 -6.49 -16.92
C ASN A 80 21.78 -5.70 -17.16
N TYR A 81 20.82 -6.41 -17.76
CA TYR A 81 19.51 -5.89 -18.10
C TYR A 81 18.73 -5.60 -16.83
N VAL A 82 18.11 -4.43 -16.78
CA VAL A 82 17.30 -4.01 -15.64
C VAL A 82 16.03 -3.37 -16.18
N LYS A 83 14.89 -4.00 -15.90
CA LYS A 83 13.60 -3.51 -16.36
C LYS A 83 13.24 -2.17 -15.73
N GLN A 84 12.32 -1.48 -16.38
CA GLN A 84 11.82 -0.16 -15.96
C GLN A 84 10.60 0.11 -16.83
N TRP A 85 9.40 -0.11 -16.32
CA TRP A 85 8.18 0.12 -17.11
C TRP A 85 8.02 -0.99 -18.13
N ARG A 86 6.96 -0.90 -18.92
CA ARG A 86 6.65 -1.91 -19.91
C ARG A 86 7.73 -2.21 -20.94
N HIS A 87 8.36 -1.17 -21.47
CA HIS A 87 9.37 -1.36 -22.50
C HIS A 87 10.76 -0.82 -22.17
N SER A 88 10.83 0.16 -21.29
CA SER A 88 12.10 0.74 -20.91
C SER A 88 12.94 -0.25 -20.12
N TYR A 89 14.25 -0.03 -20.13
CA TYR A 89 15.17 -0.86 -19.39
C TYR A 89 16.58 -0.35 -19.71
N THR A 90 17.51 -0.61 -18.80
CA THR A 90 18.88 -0.19 -18.99
C THR A 90 19.77 -1.42 -18.99
N ALA A 91 20.87 -1.36 -19.74
CA ALA A 91 21.77 -2.49 -19.82
C ALA A 91 23.19 -1.99 -20.04
N SER A 92 24.12 -2.93 -20.05
CA SER A 92 25.52 -2.64 -20.29
C SER A 92 25.83 -3.25 -21.66
N TYR A 93 26.77 -2.68 -22.40
CA TYR A 93 27.06 -3.22 -23.72
C TYR A 93 28.53 -3.41 -24.06
N SER A 94 28.77 -4.29 -25.02
CA SER A 94 30.12 -4.60 -25.51
C SER A 94 30.04 -4.85 -27.00
N ILE A 95 30.90 -4.20 -27.76
CA ILE A 95 30.91 -4.39 -29.19
C ILE A 95 31.91 -5.51 -29.48
N TYR A 96 31.48 -6.52 -30.22
CA TYR A 96 32.36 -7.62 -30.58
C TYR A 96 32.75 -7.47 -32.04
N ASP A 97 34.05 -7.42 -32.31
CA ASP A 97 34.52 -7.28 -33.69
C ASP A 97 34.56 -8.67 -34.31
N LEU A 98 33.62 -8.94 -35.23
CA LEU A 98 33.60 -10.25 -35.87
C LEU A 98 34.91 -10.51 -36.57
N ASN A 99 35.26 -9.59 -37.47
CA ASN A 99 36.47 -9.71 -38.24
C ASN A 99 37.73 -9.87 -37.37
N LYS A 100 38.04 -8.84 -36.57
CA LYS A 100 39.20 -8.87 -35.67
C LYS A 100 39.07 -9.99 -34.62
N ARG A 101 37.88 -10.62 -34.58
CA ARG A 101 37.58 -11.70 -33.66
C ARG A 101 37.92 -11.39 -32.21
N GLN A 102 37.22 -10.43 -31.62
CA GLN A 102 37.43 -10.05 -30.22
C GLN A 102 36.61 -8.83 -29.82
N LEU A 103 36.48 -8.62 -28.52
CA LEU A 103 35.70 -7.51 -28.00
C LEU A 103 36.44 -6.20 -28.06
N ILE A 104 35.85 -5.22 -28.75
CA ILE A 104 36.45 -3.91 -28.85
C ILE A 104 36.45 -3.42 -27.41
N THR A 105 37.57 -2.85 -27.01
CA THR A 105 37.74 -2.44 -25.63
C THR A 105 38.05 -0.96 -25.38
N GLU A 106 38.36 -0.22 -26.44
CA GLU A 106 38.73 1.19 -26.36
C GLU A 106 37.62 2.17 -25.93
N GLU A 107 36.99 2.80 -26.90
CA GLU A 107 35.94 3.75 -26.61
C GLU A 107 34.67 2.97 -26.24
N LYS A 108 34.63 2.39 -25.04
CA LYS A 108 33.48 1.60 -24.59
C LYS A 108 32.19 2.42 -24.48
N ILE A 109 31.08 1.72 -24.27
CA ILE A 109 29.80 2.38 -24.15
C ILE A 109 29.29 2.35 -22.69
N PRO A 110 28.94 3.53 -22.13
CA PRO A 110 28.45 3.74 -20.77
C PRO A 110 27.77 2.54 -20.16
N ASN A 111 28.06 2.29 -18.89
CA ASN A 111 27.53 1.14 -18.21
C ASN A 111 26.12 1.25 -17.68
N ASN A 112 25.26 2.00 -18.37
CA ASN A 112 23.88 2.13 -17.94
C ASN A 112 23.01 2.66 -19.03
N THR A 113 23.40 2.36 -20.26
CA THR A 113 22.68 2.83 -21.41
C THR A 113 21.18 2.57 -21.33
N GLN A 114 20.42 3.59 -21.71
CA GLN A 114 18.97 3.55 -21.72
C GLN A 114 18.44 3.07 -23.06
N TRP A 115 19.25 3.23 -24.10
CA TRP A 115 18.85 2.79 -25.41
C TRP A 115 20.00 2.84 -26.40
N ILE A 116 20.02 1.92 -27.34
CA ILE A 116 21.07 1.88 -28.34
C ILE A 116 20.54 1.24 -29.63
N THR A 117 21.17 1.56 -30.75
CA THR A 117 20.76 1.01 -32.03
C THR A 117 21.79 1.28 -33.10
N TRP A 118 21.84 0.39 -34.09
CA TRP A 118 22.77 0.57 -35.19
C TRP A 118 22.03 1.46 -36.17
N SER A 119 22.74 1.93 -37.17
CA SER A 119 22.11 2.73 -38.20
C SER A 119 21.42 1.66 -39.06
N GLN A 120 20.84 2.05 -40.19
CA GLN A 120 20.21 1.07 -41.06
C GLN A 120 21.28 0.52 -42.05
N GLU A 121 22.44 1.19 -42.08
CA GLU A 121 23.52 0.88 -43.00
C GLU A 121 24.72 0.17 -42.44
N GLY A 122 25.76 0.94 -42.19
CA GLY A 122 26.99 0.36 -41.70
C GLY A 122 27.00 -0.02 -40.26
N HIS A 123 27.96 0.55 -39.54
CA HIS A 123 28.14 0.26 -38.14
C HIS A 123 28.03 1.52 -37.27
N LYS A 124 27.13 2.42 -37.67
CA LYS A 124 26.98 3.62 -36.89
C LYS A 124 26.14 3.26 -35.68
N LEU A 125 26.44 3.90 -34.56
CA LEU A 125 25.71 3.66 -33.33
C LEU A 125 25.16 4.95 -32.72
N ALA A 126 23.95 4.89 -32.22
CA ALA A 126 23.32 6.02 -31.56
C ALA A 126 22.81 5.43 -30.27
N TYR A 127 23.09 6.07 -29.14
CA TYR A 127 22.62 5.54 -27.87
C TYR A 127 22.29 6.67 -26.91
N VAL A 128 21.33 6.44 -26.03
CA VAL A 128 20.93 7.43 -25.05
C VAL A 128 21.49 6.98 -23.72
N TRP A 129 22.00 7.93 -22.95
CA TRP A 129 22.57 7.65 -21.65
C TRP A 129 22.43 8.91 -20.82
N LYS A 130 21.82 8.78 -19.64
CA LYS A 130 21.61 9.95 -18.79
C LYS A 130 20.71 10.95 -19.51
N ASN A 131 19.79 10.44 -20.32
CA ASN A 131 18.85 11.26 -21.07
C ASN A 131 19.45 12.09 -22.20
N ASP A 132 20.68 11.78 -22.58
CA ASP A 132 21.37 12.48 -23.66
C ASP A 132 21.77 11.51 -24.77
N ILE A 133 21.69 11.99 -26.01
CA ILE A 133 22.02 11.20 -27.19
C ILE A 133 23.50 11.26 -27.52
N TYR A 134 24.07 10.13 -27.90
CA TYR A 134 25.47 10.07 -28.26
C TYR A 134 25.61 9.27 -29.55
N VAL A 135 26.55 9.66 -30.41
CA VAL A 135 26.80 8.96 -31.66
C VAL A 135 28.25 8.50 -31.80
N LYS A 136 28.44 7.33 -32.39
CA LYS A 136 29.77 6.76 -32.62
C LYS A 136 29.77 6.30 -34.07
N ILE A 137 30.46 7.05 -34.92
CA ILE A 137 30.50 6.74 -36.35
C ILE A 137 31.00 5.33 -36.64
N GLU A 138 31.81 4.80 -35.73
CA GLU A 138 32.34 3.45 -35.87
C GLU A 138 32.75 2.96 -34.46
N PRO A 139 32.49 1.67 -34.16
CA PRO A 139 32.78 0.99 -32.90
C PRO A 139 34.08 1.31 -32.14
N HIS A 140 35.18 1.46 -32.86
CA HIS A 140 36.47 1.73 -32.22
C HIS A 140 36.62 3.20 -31.86
N LEU A 141 35.97 4.05 -32.64
CA LEU A 141 36.03 5.50 -32.45
C LEU A 141 35.34 6.08 -31.22
N PRO A 142 35.73 7.29 -30.82
CA PRO A 142 35.15 7.96 -29.66
C PRO A 142 33.73 8.45 -29.84
N SER A 143 33.02 8.47 -28.72
CA SER A 143 31.62 8.89 -28.62
C SER A 143 31.39 10.40 -28.77
N HIS A 144 30.51 10.80 -29.67
CA HIS A 144 30.18 12.22 -29.88
C HIS A 144 28.87 12.58 -29.21
N ARG A 145 28.89 13.50 -28.26
CA ARG A 145 27.68 13.88 -27.56
C ARG A 145 26.82 14.82 -28.39
N ILE A 146 25.56 14.42 -28.62
CA ILE A 146 24.62 15.18 -29.44
C ILE A 146 23.77 16.18 -28.67
N THR A 147 23.36 15.82 -27.45
CA THR A 147 22.54 16.70 -26.62
C THR A 147 23.13 16.82 -25.22
N SER A 148 22.69 17.82 -24.46
CA SER A 148 23.21 17.99 -23.11
C SER A 148 22.13 18.51 -22.16
N THR A 149 20.96 18.80 -22.72
CA THR A 149 19.81 19.30 -21.98
C THR A 149 19.19 18.19 -21.13
N GLY A 150 19.60 16.96 -21.40
CA GLY A 150 19.09 15.79 -20.70
C GLY A 150 19.09 15.90 -19.20
N LYS A 151 18.00 15.44 -18.58
CA LYS A 151 17.85 15.48 -17.13
C LYS A 151 16.74 14.56 -16.68
N GLU A 152 17.06 13.65 -15.76
CA GLU A 152 16.10 12.69 -15.26
C GLU A 152 14.74 13.25 -14.88
N ASN A 153 13.70 12.59 -15.37
CA ASN A 153 12.31 12.96 -15.10
C ASN A 153 11.94 14.38 -15.45
N VAL A 154 12.71 14.99 -16.33
CA VAL A 154 12.42 16.34 -16.73
C VAL A 154 12.59 16.47 -18.22
N ILE A 155 13.82 16.26 -18.69
CA ILE A 155 14.09 16.38 -20.12
C ILE A 155 14.57 15.06 -20.71
N PHE A 156 13.80 14.55 -21.66
CA PHE A 156 14.14 13.29 -22.30
C PHE A 156 14.60 13.51 -23.71
N ASN A 157 15.81 13.05 -24.02
CA ASN A 157 16.38 13.21 -25.36
C ASN A 157 16.58 11.89 -26.06
N GLY A 158 15.71 11.55 -27.00
CA GLY A 158 15.87 10.30 -27.71
C GLY A 158 15.19 9.09 -27.10
N ILE A 159 14.52 9.30 -25.98
CA ILE A 159 13.78 8.23 -25.32
C ILE A 159 12.46 8.87 -24.94
N ASN A 160 11.43 8.07 -24.70
CA ASN A 160 10.12 8.60 -24.34
C ASN A 160 9.90 8.73 -22.84
N ASP A 161 9.08 9.71 -22.42
CA ASP A 161 8.79 9.85 -21.01
C ASP A 161 7.78 8.74 -20.72
N TRP A 162 7.34 8.59 -19.48
CA TRP A 162 6.43 7.50 -19.18
C TRP A 162 5.20 7.31 -20.06
N VAL A 163 4.39 8.36 -20.18
CA VAL A 163 3.16 8.30 -20.97
C VAL A 163 3.38 8.07 -22.46
N TYR A 164 4.47 8.61 -23.02
CA TYR A 164 4.74 8.43 -24.44
C TYR A 164 5.19 7.00 -24.72
N GLU A 165 6.03 6.48 -23.84
CA GLU A 165 6.57 5.14 -23.95
C GLU A 165 5.47 4.10 -23.85
N GLU A 166 4.43 4.42 -23.10
CA GLU A 166 3.32 3.51 -22.87
C GLU A 166 2.13 3.65 -23.82
N GLU A 167 1.69 4.88 -24.06
CA GLU A 167 0.51 5.16 -24.89
C GLU A 167 0.66 5.61 -26.35
N ILE A 168 1.77 6.24 -26.70
CA ILE A 168 1.96 6.70 -28.08
C ILE A 168 2.79 5.71 -28.88
N PHE A 169 4.09 5.71 -28.63
CA PHE A 169 4.99 4.77 -29.30
C PHE A 169 4.93 3.51 -28.45
N GLY A 170 5.16 2.36 -29.06
CA GLY A 170 5.10 1.17 -28.25
C GLY A 170 6.38 0.87 -27.50
N ALA A 171 7.38 1.74 -27.58
CA ALA A 171 8.64 1.49 -26.89
C ALA A 171 9.33 2.68 -26.24
N TYR A 172 10.54 2.43 -25.75
CA TYR A 172 11.34 3.43 -25.06
C TYR A 172 12.05 4.37 -26.02
N SER A 173 12.36 3.85 -27.20
CA SER A 173 13.07 4.61 -28.21
C SER A 173 12.38 5.83 -28.84
N ALA A 174 13.17 6.87 -29.07
CA ALA A 174 12.71 8.10 -29.70
C ALA A 174 13.80 8.58 -30.67
N LEU A 175 14.49 7.61 -31.28
CA LEU A 175 15.56 7.84 -32.25
C LEU A 175 15.16 7.26 -33.60
N TRP A 176 15.67 7.84 -34.69
CA TRP A 176 15.35 7.34 -36.03
C TRP A 176 16.46 7.67 -37.03
N TRP A 177 17.30 6.70 -37.36
CA TRP A 177 18.35 6.92 -38.34
C TRP A 177 17.74 7.04 -39.73
N SER A 178 18.29 7.93 -40.56
CA SER A 178 17.78 8.07 -41.91
C SER A 178 18.48 6.97 -42.71
N PRO A 179 17.92 6.59 -43.86
CA PRO A 179 18.59 5.54 -44.65
C PRO A 179 19.91 6.20 -45.06
N ASN A 180 20.98 5.43 -45.23
CA ASN A 180 22.28 5.98 -45.60
C ASN A 180 22.91 6.70 -44.39
N GLY A 181 22.20 6.70 -43.27
CA GLY A 181 22.71 7.29 -42.05
C GLY A 181 23.35 8.66 -42.01
N THR A 182 22.89 9.57 -42.86
CA THR A 182 23.45 10.92 -42.84
C THR A 182 22.88 11.61 -41.62
N PHE A 183 21.55 11.63 -41.55
CA PHE A 183 20.88 12.28 -40.45
C PHE A 183 20.42 11.31 -39.37
N LEU A 184 20.17 11.87 -38.19
CA LEU A 184 19.67 11.13 -37.05
C LEU A 184 18.59 12.01 -36.49
N ALA A 185 17.35 11.58 -36.57
CA ALA A 185 16.24 12.36 -36.06
C ALA A 185 15.93 11.88 -34.65
N TYR A 186 15.33 12.76 -33.85
CA TYR A 186 14.98 12.41 -32.48
C TYR A 186 13.96 13.37 -31.90
N ALA A 187 13.31 12.91 -30.83
CA ALA A 187 12.29 13.70 -30.15
C ALA A 187 12.83 14.06 -28.79
N GLN A 188 12.34 15.16 -28.25
CA GLN A 188 12.74 15.64 -26.94
C GLN A 188 11.48 15.99 -26.17
N PHE A 189 11.33 15.45 -24.97
CA PHE A 189 10.14 15.73 -24.18
C PHE A 189 10.46 16.51 -22.90
N ASN A 190 9.59 17.45 -22.56
CA ASN A 190 9.75 18.28 -21.36
C ASN A 190 8.59 17.85 -20.47
N ASP A 191 8.91 17.25 -19.33
CA ASP A 191 7.90 16.77 -18.38
C ASP A 191 7.70 17.78 -17.28
N THR A 192 8.15 19.01 -17.49
CA THR A 192 8.08 20.02 -16.44
C THR A 192 6.76 20.25 -15.73
N GLY A 193 5.70 20.60 -16.43
CA GLY A 193 4.47 20.81 -15.70
C GLY A 193 3.71 19.56 -15.29
N VAL A 194 4.17 18.40 -15.75
CA VAL A 194 3.51 17.13 -15.46
C VAL A 194 3.56 16.74 -13.99
N PRO A 195 2.39 16.48 -13.38
CA PRO A 195 2.24 16.09 -11.98
C PRO A 195 2.95 14.79 -11.68
N LEU A 196 3.22 14.53 -10.41
CA LEU A 196 3.91 13.30 -10.02
C LEU A 196 3.02 12.32 -9.24
N ILE A 197 3.29 11.03 -9.40
CA ILE A 197 2.57 9.99 -8.68
C ILE A 197 3.69 9.43 -7.82
N GLU A 198 3.41 9.04 -6.60
CA GLU A 198 4.48 8.52 -5.75
C GLU A 198 4.09 7.32 -4.91
N TYR A 199 4.48 6.14 -5.37
CA TYR A 199 4.19 4.91 -4.66
C TYR A 199 5.41 4.44 -3.85
N SER A 200 5.18 3.62 -2.82
CA SER A 200 6.30 3.12 -2.01
C SER A 200 6.89 1.81 -2.54
N PHE A 201 8.17 1.61 -2.26
CA PHE A 201 8.85 0.39 -2.66
C PHE A 201 9.56 -0.15 -1.44
N TYR A 202 9.25 -1.38 -1.05
CA TYR A 202 9.84 -1.93 0.16
C TYR A 202 11.16 -2.66 0.00
N SER A 203 11.43 -3.17 -1.20
CA SER A 203 12.69 -3.87 -1.46
C SER A 203 12.95 -4.98 -0.46
N ASP A 204 14.20 -5.45 -0.38
CA ASP A 204 14.56 -6.52 0.56
C ASP A 204 14.15 -6.18 1.96
N GLU A 205 14.02 -7.20 2.80
CA GLU A 205 13.60 -6.94 4.16
C GLU A 205 14.71 -6.28 4.96
N SER A 206 15.88 -6.12 4.35
CA SER A 206 16.99 -5.49 5.04
C SER A 206 16.93 -3.96 4.95
N LEU A 207 16.12 -3.44 4.02
CA LEU A 207 15.99 -2.00 3.90
C LEU A 207 15.15 -1.53 5.07
N GLN A 208 15.73 -0.73 5.95
CA GLN A 208 15.02 -0.24 7.12
C GLN A 208 13.90 0.75 6.80
N TYR A 209 14.14 1.65 5.86
CA TYR A 209 13.10 2.62 5.47
C TYR A 209 12.74 2.40 4.00
N PRO A 210 11.45 2.17 3.70
CA PRO A 210 11.07 1.97 2.30
C PRO A 210 11.34 3.19 1.42
N LYS A 211 11.65 2.96 0.15
CA LYS A 211 11.92 4.05 -0.79
C LYS A 211 10.61 4.65 -1.27
N THR A 212 10.72 5.72 -2.05
CA THR A 212 9.55 6.34 -2.64
C THR A 212 9.90 6.59 -4.10
N VAL A 213 9.12 6.01 -5.01
CA VAL A 213 9.37 6.19 -6.43
C VAL A 213 8.40 7.24 -6.95
N TRP A 214 8.91 8.23 -7.66
CA TRP A 214 8.02 9.25 -8.22
C TRP A 214 8.15 9.24 -9.73
N ILE A 215 7.04 9.46 -10.41
CA ILE A 215 7.05 9.45 -11.86
C ILE A 215 6.20 10.53 -12.45
N PRO A 216 6.74 11.31 -13.38
CA PRO A 216 5.90 12.34 -13.97
C PRO A 216 4.82 11.60 -14.81
N TYR A 217 3.61 11.57 -14.26
CA TYR A 217 2.47 10.85 -14.82
C TYR A 217 1.22 11.71 -14.98
N PRO A 218 0.81 12.00 -16.22
CA PRO A 218 -0.39 12.83 -16.37
C PRO A 218 -1.66 12.00 -16.36
N LYS A 219 -2.51 12.24 -15.37
CA LYS A 219 -3.79 11.54 -15.28
C LYS A 219 -4.76 12.31 -16.17
N ALA A 220 -5.94 11.76 -16.41
CA ALA A 220 -6.90 12.42 -17.28
C ALA A 220 -7.03 13.91 -17.00
N GLY A 221 -6.89 14.72 -18.06
CA GLY A 221 -7.02 16.15 -17.93
C GLY A 221 -5.83 16.94 -17.40
N ALA A 222 -4.83 16.28 -16.84
CA ALA A 222 -3.67 16.96 -16.31
C ALA A 222 -2.74 17.50 -17.38
N VAL A 223 -1.79 18.34 -16.96
CA VAL A 223 -0.81 18.94 -17.85
C VAL A 223 0.07 17.86 -18.46
N ASN A 224 0.13 17.81 -19.79
CA ASN A 224 0.93 16.79 -20.47
C ASN A 224 2.32 17.23 -20.80
N PRO A 225 3.20 16.28 -21.12
CA PRO A 225 4.57 16.64 -21.47
C PRO A 225 4.53 17.37 -22.81
N THR A 226 5.62 18.01 -23.18
CA THR A 226 5.67 18.74 -24.44
C THR A 226 6.71 18.12 -25.35
N VAL A 227 6.61 18.34 -26.65
CA VAL A 227 7.57 17.76 -27.60
C VAL A 227 8.28 18.73 -28.52
N LYS A 228 9.33 18.24 -29.14
CA LYS A 228 10.11 18.99 -30.11
C LYS A 228 10.79 17.94 -30.97
N PHE A 229 10.89 18.21 -32.27
CA PHE A 229 11.54 17.25 -33.16
C PHE A 229 12.82 17.83 -33.74
N PHE A 230 13.90 17.05 -33.67
CA PHE A 230 15.18 17.49 -34.21
C PHE A 230 15.80 16.49 -35.18
N ILE A 231 16.66 16.99 -36.04
CA ILE A 231 17.39 16.17 -37.00
C ILE A 231 18.78 16.75 -36.98
N VAL A 232 19.77 15.92 -36.65
CA VAL A 232 21.15 16.37 -36.60
C VAL A 232 21.95 15.68 -37.69
N ASN A 233 22.89 16.40 -38.30
CA ASN A 233 23.71 15.86 -39.37
C ASN A 233 24.93 15.12 -38.83
N THR A 234 24.90 13.80 -38.97
CA THR A 234 25.93 12.90 -38.51
C THR A 234 27.31 13.00 -39.18
N ASP A 235 27.31 13.36 -40.46
CA ASP A 235 28.56 13.46 -41.21
C ASP A 235 29.53 14.55 -40.79
N SER A 236 29.10 15.47 -39.95
CA SER A 236 30.00 16.55 -39.54
C SER A 236 30.68 16.37 -38.19
N LEU A 237 30.09 15.55 -37.32
CA LEU A 237 30.63 15.33 -35.99
C LEU A 237 32.16 15.44 -35.80
N SER A 238 32.93 14.89 -36.72
CA SER A 238 34.40 14.91 -36.63
C SER A 238 35.07 16.28 -36.81
N SER A 239 34.36 17.20 -37.45
CA SER A 239 34.88 18.53 -37.72
C SER A 239 34.40 19.62 -36.79
N THR A 240 33.73 19.24 -35.70
CA THR A 240 33.22 20.23 -34.73
C THR A 240 33.32 19.66 -33.34
N THR A 241 33.12 20.50 -32.34
CA THR A 241 33.11 20.02 -30.97
C THR A 241 31.62 19.78 -30.74
N THR A 242 30.80 20.61 -31.36
CA THR A 242 29.35 20.52 -31.23
C THR A 242 28.64 20.74 -32.56
N THR A 243 27.60 19.97 -32.81
CA THR A 243 26.83 20.15 -34.03
C THR A 243 25.50 20.75 -33.60
N ILE A 244 24.90 21.55 -34.47
CA ILE A 244 23.63 22.17 -34.14
C ILE A 244 22.49 21.51 -34.88
N PRO A 245 21.64 20.77 -34.13
CA PRO A 245 20.51 20.07 -34.71
C PRO A 245 19.50 21.03 -35.31
N MET A 246 18.79 20.59 -36.34
CA MET A 246 17.79 21.44 -36.96
C MET A 246 16.45 20.96 -36.42
N GLN A 247 15.60 21.89 -36.02
CA GLN A 247 14.30 21.55 -35.48
C GLN A 247 13.17 21.67 -36.47
N ILE A 248 12.24 20.73 -36.40
CA ILE A 248 11.07 20.74 -37.25
C ILE A 248 9.94 21.10 -36.30
N THR A 249 9.09 22.01 -36.71
CA THR A 249 8.02 22.41 -35.83
C THR A 249 6.73 21.82 -36.35
N ALA A 250 5.95 21.24 -35.45
CA ALA A 250 4.70 20.61 -35.81
C ALA A 250 3.84 21.54 -36.65
N PRO A 251 2.95 20.98 -37.47
CA PRO A 251 2.06 21.78 -38.31
C PRO A 251 1.13 22.71 -37.52
N ALA A 252 0.89 23.91 -38.05
CA ALA A 252 0.05 24.92 -37.41
C ALA A 252 -1.31 24.42 -36.91
N SER A 253 -1.97 23.60 -37.71
CA SER A 253 -3.27 23.09 -37.33
C SER A 253 -3.21 22.19 -36.10
N VAL A 254 -2.08 22.19 -35.40
CA VAL A 254 -1.90 21.34 -34.23
C VAL A 254 -1.32 22.08 -33.01
N THR A 255 -0.58 23.15 -33.30
CA THR A 255 0.11 23.97 -32.33
C THR A 255 -0.70 24.88 -31.41
N THR A 256 -1.97 25.12 -31.74
CA THR A 256 -2.80 26.02 -30.94
C THR A 256 -2.94 25.59 -29.49
N GLY A 257 -2.98 24.29 -29.25
CA GLY A 257 -3.11 23.79 -27.90
C GLY A 257 -2.34 22.50 -27.74
N ASP A 258 -2.57 21.79 -26.63
CA ASP A 258 -1.87 20.54 -26.37
C ASP A 258 -1.94 19.62 -27.59
N HIS A 259 -0.88 18.83 -27.81
CA HIS A 259 -0.84 17.90 -28.93
C HIS A 259 0.26 16.88 -28.70
N TYR A 260 0.31 15.84 -29.54
CA TYR A 260 1.35 14.81 -29.40
C TYR A 260 1.99 14.47 -30.74
N LEU A 261 3.10 13.74 -30.66
CA LEU A 261 3.81 13.26 -31.84
C LEU A 261 3.38 11.80 -31.97
N CYS A 262 2.79 11.45 -33.12
CA CYS A 262 2.28 10.12 -33.40
C CYS A 262 3.21 9.06 -33.93
N ASP A 263 3.91 9.39 -35.00
CA ASP A 263 4.79 8.44 -35.64
C ASP A 263 5.82 9.16 -36.51
N VAL A 264 6.98 8.55 -36.64
CA VAL A 264 8.08 9.08 -37.43
C VAL A 264 8.42 8.03 -38.47
N ALA A 265 8.57 8.44 -39.72
CA ALA A 265 8.88 7.50 -40.77
C ALA A 265 9.76 8.11 -41.85
N TRP A 266 10.99 7.62 -41.99
CA TRP A 266 11.89 8.13 -43.03
C TRP A 266 11.48 7.63 -44.42
N VAL A 267 11.24 8.55 -45.35
CA VAL A 267 10.84 8.19 -46.70
C VAL A 267 12.08 7.85 -47.50
N SER A 268 12.99 8.80 -47.60
CA SER A 268 14.25 8.61 -48.32
C SER A 268 15.24 9.33 -47.44
N GLU A 269 16.41 9.69 -47.94
CA GLU A 269 17.33 10.38 -47.05
C GLU A 269 17.19 11.91 -47.02
N ASP A 270 16.24 12.43 -47.79
CA ASP A 270 16.01 13.85 -47.83
C ASP A 270 14.55 14.11 -47.61
N ARG A 271 13.84 13.08 -47.18
CA ARG A 271 12.41 13.21 -46.94
C ARG A 271 12.06 12.37 -45.73
N ILE A 272 11.31 12.98 -44.82
CA ILE A 272 10.88 12.32 -43.61
C ILE A 272 9.40 12.60 -43.39
N SER A 273 8.70 11.63 -42.80
CA SER A 273 7.28 11.74 -42.52
C SER A 273 7.02 11.77 -41.02
N LEU A 274 6.25 12.74 -40.57
CA LEU A 274 5.93 12.88 -39.16
C LEU A 274 4.42 12.99 -39.01
N GLN A 275 3.87 12.30 -38.02
CA GLN A 275 2.43 12.36 -37.78
C GLN A 275 2.17 13.01 -36.43
N TRP A 276 1.26 13.98 -36.42
CA TRP A 276 0.94 14.69 -35.20
C TRP A 276 -0.52 14.49 -34.85
N LEU A 277 -0.82 14.59 -33.56
CA LEU A 277 -2.18 14.39 -33.08
C LEU A 277 -2.55 15.45 -32.06
N ARG A 278 -3.79 15.93 -32.10
CA ARG A 278 -4.24 16.93 -31.13
C ARG A 278 -4.56 16.20 -29.84
N ARG A 279 -4.53 16.91 -28.72
CA ARG A 279 -4.82 16.28 -27.44
C ARG A 279 -6.15 15.55 -27.51
N ILE A 280 -7.06 16.07 -28.32
CA ILE A 280 -8.36 15.46 -28.56
C ILE A 280 -8.15 14.78 -29.90
N GLN A 281 -7.82 13.49 -29.85
CA GLN A 281 -7.51 12.67 -31.02
C GLN A 281 -8.60 12.49 -32.10
N ASN A 282 -9.40 13.55 -32.22
CA ASN A 282 -10.53 13.77 -33.14
C ASN A 282 -9.81 14.05 -34.48
N TYR A 283 -8.68 14.76 -34.40
CA TYR A 283 -7.88 15.22 -35.55
C TYR A 283 -6.40 14.78 -35.58
N SER A 284 -5.89 14.50 -36.77
CA SER A 284 -4.50 14.07 -36.95
C SER A 284 -3.91 14.61 -38.24
N VAL A 285 -2.63 14.99 -38.23
CA VAL A 285 -1.97 15.48 -39.44
C VAL A 285 -0.66 14.76 -39.69
N MET A 286 -0.39 14.43 -40.94
CA MET A 286 0.85 13.75 -41.31
C MET A 286 1.62 14.58 -42.31
N ALA A 287 2.55 15.39 -41.84
CA ALA A 287 3.35 16.21 -42.73
C ALA A 287 4.53 15.45 -43.32
N ILE A 288 4.86 15.79 -44.56
CA ILE A 288 6.00 15.19 -45.25
C ILE A 288 7.02 16.32 -45.37
N CYS A 289 8.25 16.09 -44.92
CA CYS A 289 9.25 17.15 -44.97
C CYS A 289 10.48 16.84 -45.81
N ASP A 290 10.91 17.85 -46.55
CA ASP A 290 12.07 17.73 -47.43
C ASP A 290 13.27 18.55 -46.95
N TYR A 291 14.46 18.02 -47.21
CA TYR A 291 15.69 18.67 -46.83
C TYR A 291 16.21 19.66 -47.86
N ASP A 292 16.27 20.94 -47.48
CA ASP A 292 16.78 21.97 -48.36
C ASP A 292 18.31 21.99 -48.26
N LYS A 293 18.99 21.62 -49.34
CA LYS A 293 20.45 21.57 -49.36
C LYS A 293 21.08 22.94 -49.23
N THR A 294 20.44 23.93 -49.86
CA THR A 294 20.94 25.29 -49.85
C THR A 294 20.93 25.96 -48.48
N THR A 295 19.74 26.12 -47.92
CA THR A 295 19.62 26.77 -46.63
C THR A 295 19.77 25.80 -45.44
N LEU A 296 20.09 24.54 -45.74
CA LEU A 296 20.28 23.47 -44.73
C LEU A 296 19.18 23.49 -43.67
N VAL A 297 17.96 23.27 -44.14
CA VAL A 297 16.78 23.28 -43.30
C VAL A 297 15.74 22.30 -43.83
N TRP A 298 14.86 21.81 -42.96
CA TRP A 298 13.82 20.91 -43.41
C TRP A 298 12.53 21.71 -43.58
N ASN A 299 11.81 21.47 -44.67
CA ASN A 299 10.56 22.18 -44.94
C ASN A 299 9.39 21.22 -44.91
N CYS A 300 8.28 21.65 -44.34
CA CYS A 300 7.12 20.80 -44.30
C CYS A 300 5.92 21.58 -44.85
N PRO A 301 5.95 21.88 -46.16
CA PRO A 301 4.92 22.62 -46.89
C PRO A 301 3.52 22.07 -46.69
N THR A 302 2.58 22.94 -46.32
CA THR A 302 1.21 22.51 -46.09
C THR A 302 0.65 21.75 -47.29
N THR A 303 1.28 21.94 -48.45
CA THR A 303 0.84 21.26 -49.67
C THR A 303 1.01 19.76 -49.52
N GLN A 304 1.94 19.35 -48.65
CA GLN A 304 2.20 17.93 -48.40
C GLN A 304 1.70 17.56 -47.01
N GLU A 305 0.67 18.28 -46.55
CA GLU A 305 0.11 18.09 -45.22
C GLU A 305 -0.61 16.77 -44.96
N HIS A 306 -1.76 16.50 -45.59
CA HIS A 306 -2.50 15.24 -45.33
C HIS A 306 -3.19 15.16 -43.96
N ILE A 307 -4.52 15.27 -43.96
CA ILE A 307 -5.29 15.23 -42.73
C ILE A 307 -6.15 13.98 -42.51
N GLU A 308 -6.13 13.44 -41.30
CA GLU A 308 -6.94 12.27 -40.97
C GLU A 308 -7.93 12.69 -39.89
N THR A 309 -9.19 12.32 -40.09
CA THR A 309 -10.23 12.71 -39.16
C THR A 309 -11.21 11.61 -38.76
N SER A 310 -11.96 11.84 -37.69
CA SER A 310 -12.95 10.88 -37.23
C SER A 310 -14.12 11.56 -36.58
N ALA A 311 -15.30 11.44 -37.19
CA ALA A 311 -16.50 12.05 -36.62
C ALA A 311 -17.18 11.11 -35.64
N THR A 312 -16.72 9.87 -35.60
CA THR A 312 -17.29 8.84 -34.72
C THR A 312 -16.52 8.70 -33.41
N GLY A 313 -15.21 8.95 -33.45
CA GLY A 313 -14.43 8.79 -32.24
C GLY A 313 -12.99 9.27 -32.26
N TRP A 314 -12.07 8.40 -32.65
CA TRP A 314 -10.68 8.79 -32.65
C TRP A 314 -9.94 8.23 -33.84
N CYS A 315 -8.66 8.59 -34.00
CA CYS A 315 -7.87 8.12 -35.12
C CYS A 315 -7.10 6.86 -34.91
N GLY A 316 -7.30 5.92 -35.83
CA GLY A 316 -6.61 4.65 -35.77
C GLY A 316 -7.18 3.78 -34.67
N ARG A 317 -6.44 2.72 -34.39
CA ARG A 317 -6.83 1.77 -33.37
C ARG A 317 -6.30 2.32 -32.05
N PHE A 318 -5.01 2.61 -32.02
CA PHE A 318 -4.41 3.21 -30.83
C PHE A 318 -3.74 4.51 -31.24
N ARG A 319 -3.48 4.62 -32.53
CA ARG A 319 -2.87 5.80 -33.14
C ARG A 319 -2.93 5.66 -34.65
N PRO A 320 -2.86 6.78 -35.38
CA PRO A 320 -2.91 6.68 -36.84
C PRO A 320 -1.97 5.59 -37.31
N ALA A 321 -2.37 4.84 -38.34
CA ALA A 321 -1.51 3.78 -38.87
C ALA A 321 -0.26 4.37 -39.51
N GLU A 322 0.76 3.54 -39.70
CA GLU A 322 1.98 4.04 -40.30
C GLU A 322 2.02 4.04 -41.84
N PRO A 323 2.64 5.07 -42.43
CA PRO A 323 2.73 5.13 -43.89
C PRO A 323 3.83 4.22 -44.43
N HIS A 324 3.60 3.72 -45.64
CA HIS A 324 4.55 2.85 -46.34
C HIS A 324 4.77 3.48 -47.72
N PHE A 325 5.91 4.15 -47.87
CA PHE A 325 6.24 4.85 -49.12
C PHE A 325 6.86 3.97 -50.17
N THR A 326 6.75 4.43 -51.41
CA THR A 326 7.30 3.76 -52.57
C THR A 326 8.80 4.10 -52.57
N SER A 327 9.58 3.52 -53.47
CA SER A 327 11.01 3.82 -53.52
C SER A 327 11.28 5.29 -53.76
N ASP A 328 10.79 5.80 -54.89
CA ASP A 328 10.97 7.19 -55.26
C ASP A 328 10.17 8.10 -54.31
N GLY A 329 9.56 7.47 -53.31
CA GLY A 329 8.79 8.19 -52.31
C GLY A 329 7.74 9.16 -52.84
N SER A 330 7.19 8.88 -54.01
CA SER A 330 6.18 9.74 -54.61
C SER A 330 4.79 9.48 -54.04
N SER A 331 4.57 8.24 -53.61
CA SER A 331 3.29 7.83 -53.06
C SER A 331 3.51 6.94 -51.85
N PHE A 332 2.44 6.70 -51.11
CA PHE A 332 2.51 5.84 -49.95
C PHE A 332 1.17 5.20 -49.66
N TYR A 333 1.21 4.03 -49.04
CA TYR A 333 0.00 3.31 -48.71
C TYR A 333 -0.14 3.34 -47.20
N LYS A 334 -1.36 3.59 -46.72
CA LYS A 334 -1.62 3.67 -45.30
C LYS A 334 -2.98 3.08 -44.97
N ILE A 335 -3.10 2.47 -43.80
CA ILE A 335 -4.37 1.87 -43.39
C ILE A 335 -5.28 2.91 -42.74
N VAL A 336 -6.42 3.20 -43.37
CA VAL A 336 -7.36 4.18 -42.83
C VAL A 336 -8.81 3.74 -43.05
N SER A 337 -9.66 4.00 -42.07
CA SER A 337 -11.07 3.63 -42.16
C SER A 337 -11.70 4.22 -43.41
N ASP A 338 -12.37 3.37 -44.20
CA ASP A 338 -13.05 3.84 -45.41
C ASP A 338 -14.44 4.39 -45.10
N LYS A 339 -15.15 4.77 -46.16
CA LYS A 339 -16.48 5.32 -46.03
C LYS A 339 -17.40 4.53 -45.08
N ASP A 340 -17.20 3.22 -45.00
CA ASP A 340 -18.04 2.37 -44.13
C ASP A 340 -17.49 2.12 -42.73
N GLY A 341 -16.34 2.71 -42.43
CA GLY A 341 -15.75 2.52 -41.12
C GLY A 341 -14.89 1.27 -41.05
N TYR A 342 -14.37 0.83 -42.19
CA TYR A 342 -13.53 -0.35 -42.21
C TYR A 342 -12.08 -0.02 -42.52
N LYS A 343 -11.21 -0.37 -41.60
CA LYS A 343 -9.79 -0.14 -41.76
C LYS A 343 -9.28 -0.89 -43.02
N HIS A 344 -8.94 -0.12 -44.06
CA HIS A 344 -8.45 -0.64 -45.33
C HIS A 344 -7.27 0.15 -45.88
N ILE A 345 -6.54 -0.48 -46.79
CA ILE A 345 -5.37 0.13 -47.42
C ILE A 345 -5.71 1.08 -48.57
N CYS A 346 -5.20 2.32 -48.54
CA CYS A 346 -5.39 3.18 -49.70
C CYS A 346 -4.18 4.05 -50.01
N GLN A 347 -4.07 4.43 -51.28
CA GLN A 347 -2.98 5.23 -51.80
C GLN A 347 -3.08 6.72 -51.59
N PHE A 348 -1.90 7.31 -51.49
CA PHE A 348 -1.74 8.74 -51.29
C PHE A 348 -0.60 9.20 -52.18
N GLN A 349 -0.60 10.49 -52.48
CA GLN A 349 0.41 11.16 -53.27
C GLN A 349 1.07 12.11 -52.28
N LYS A 350 2.38 12.26 -52.34
CA LYS A 350 3.04 13.16 -51.39
C LYS A 350 2.20 14.45 -51.24
N ASP A 351 1.67 14.99 -52.32
CA ASP A 351 0.86 16.20 -52.22
C ASP A 351 -0.58 15.84 -51.94
N ARG A 352 -1.19 16.52 -50.98
CA ARG A 352 -2.58 16.27 -50.64
C ARG A 352 -3.46 16.71 -51.80
N LYS A 353 -4.63 16.10 -51.90
CA LYS A 353 -5.61 16.42 -52.94
C LYS A 353 -6.96 16.67 -52.28
N PRO A 354 -7.56 17.83 -52.56
CA PRO A 354 -8.87 18.26 -52.01
C PRO A 354 -10.00 17.19 -51.92
N GLU A 355 -10.13 16.59 -50.73
CA GLU A 355 -11.14 15.54 -50.42
C GLU A 355 -11.16 14.38 -51.44
N GLN A 356 -9.97 13.80 -51.66
CA GLN A 356 -9.75 12.68 -52.58
C GLN A 356 -8.30 12.24 -52.32
N VAL A 357 -7.75 12.62 -51.16
CA VAL A 357 -6.36 12.29 -50.83
C VAL A 357 -6.14 10.78 -50.94
N CYS A 358 -7.21 10.02 -50.83
CA CYS A 358 -7.10 8.58 -50.90
C CYS A 358 -7.75 7.89 -52.08
N THR A 359 -7.38 6.62 -52.24
CA THR A 359 -7.90 5.75 -53.26
C THR A 359 -7.71 4.39 -52.61
N PHE A 360 -8.81 3.78 -52.18
CA PHE A 360 -8.68 2.50 -51.54
C PHE A 360 -8.31 1.37 -52.48
N ILE A 361 -7.52 0.45 -51.96
CA ILE A 361 -7.04 -0.71 -52.69
C ILE A 361 -7.69 -1.96 -52.10
N THR A 362 -8.53 -1.73 -51.09
CA THR A 362 -9.23 -2.80 -50.39
C THR A 362 -10.63 -2.36 -49.94
N LYS A 363 -11.58 -3.30 -50.01
CA LYS A 363 -12.96 -3.02 -49.62
C LYS A 363 -13.51 -4.26 -48.93
N GLY A 364 -14.62 -4.09 -48.20
CA GLY A 364 -15.24 -5.22 -47.53
C GLY A 364 -15.51 -5.10 -46.05
N ALA A 365 -16.38 -5.99 -45.55
CA ALA A 365 -16.72 -6.01 -44.15
C ALA A 365 -15.70 -6.87 -43.42
N TRP A 366 -14.47 -6.41 -43.46
CA TRP A 366 -13.35 -7.05 -42.80
C TRP A 366 -12.26 -5.97 -42.78
N GLU A 367 -11.15 -6.22 -42.10
CA GLU A 367 -10.12 -5.20 -42.01
C GLU A 367 -8.70 -5.66 -42.26
N VAL A 368 -7.89 -4.74 -42.78
CA VAL A 368 -6.48 -5.03 -43.02
C VAL A 368 -5.82 -4.81 -41.67
N ILE A 369 -5.26 -5.86 -41.11
CA ILE A 369 -4.61 -5.77 -39.80
C ILE A 369 -3.37 -4.93 -39.89
N SER A 370 -2.50 -5.22 -40.84
CA SER A 370 -1.24 -4.50 -40.99
C SER A 370 -0.55 -4.75 -42.32
N ILE A 371 0.20 -3.76 -42.78
CA ILE A 371 0.95 -3.87 -44.02
C ILE A 371 2.30 -4.50 -43.67
N GLU A 372 2.73 -5.52 -44.42
CA GLU A 372 3.98 -6.19 -44.10
C GLU A 372 5.17 -5.90 -44.99
N ALA A 373 4.92 -5.49 -46.23
CA ALA A 373 6.01 -5.20 -47.16
C ALA A 373 5.50 -4.53 -48.42
N LEU A 374 6.31 -3.65 -48.99
CA LEU A 374 5.93 -2.95 -50.21
C LEU A 374 7.00 -3.06 -51.28
N THR A 375 6.86 -4.06 -52.12
CA THR A 375 7.76 -4.30 -53.23
C THR A 375 7.48 -3.28 -54.34
N SER A 376 8.34 -3.26 -55.35
CA SER A 376 8.18 -2.35 -56.47
C SER A 376 6.94 -2.72 -57.29
N ASP A 377 6.35 -3.88 -56.99
CA ASP A 377 5.18 -4.36 -57.74
C ASP A 377 4.12 -5.00 -56.87
N TYR A 378 4.50 -5.36 -55.65
CA TYR A 378 3.57 -6.02 -54.74
C TYR A 378 3.43 -5.38 -53.37
N LEU A 379 2.25 -5.54 -52.78
CA LEU A 379 1.98 -5.04 -51.46
C LEU A 379 1.52 -6.22 -50.61
N TYR A 380 2.38 -6.70 -49.71
CA TYR A 380 2.06 -7.82 -48.83
C TYR A 380 1.41 -7.32 -47.56
N TYR A 381 0.26 -7.87 -47.20
CA TYR A 381 -0.45 -7.43 -46.00
C TYR A 381 -1.08 -8.59 -45.21
N ILE A 382 -1.73 -8.28 -44.10
CA ILE A 382 -2.38 -9.32 -43.30
C ILE A 382 -3.79 -8.87 -42.93
N SER A 383 -4.79 -9.73 -43.17
CA SER A 383 -6.16 -9.37 -42.83
C SER A 383 -6.95 -10.52 -42.25
N ASN A 384 -8.15 -10.20 -41.79
CA ASN A 384 -9.02 -11.18 -41.17
C ASN A 384 -10.21 -11.40 -42.10
N GLU A 385 -9.96 -11.19 -43.39
CA GLU A 385 -10.95 -11.34 -44.45
C GLU A 385 -11.46 -12.76 -44.64
N TYR A 386 -10.54 -13.70 -44.72
CA TYR A 386 -10.87 -15.10 -44.94
C TYR A 386 -11.96 -15.67 -44.04
N LYS A 387 -12.89 -16.42 -44.66
CA LYS A 387 -14.00 -17.07 -43.99
C LYS A 387 -14.79 -16.12 -43.09
N GLU A 388 -14.64 -14.82 -43.34
CA GLU A 388 -15.32 -13.80 -42.54
C GLU A 388 -15.08 -13.99 -41.04
N MET A 389 -13.87 -14.44 -40.69
CA MET A 389 -13.50 -14.64 -39.30
C MET A 389 -12.68 -13.44 -38.82
N PRO A 390 -13.30 -12.52 -38.08
CA PRO A 390 -12.60 -11.33 -37.58
C PRO A 390 -11.48 -11.72 -36.63
N GLY A 391 -11.57 -12.93 -36.09
CA GLY A 391 -10.55 -13.43 -35.17
C GLY A 391 -9.45 -14.26 -35.80
N GLY A 392 -9.44 -14.34 -37.12
CA GLY A 392 -8.43 -15.12 -37.81
C GLY A 392 -7.41 -14.21 -38.49
N ARG A 393 -6.23 -14.74 -38.79
CA ARG A 393 -5.18 -13.94 -39.43
C ARG A 393 -4.55 -14.60 -40.65
N ASN A 394 -4.63 -13.95 -41.80
CA ASN A 394 -4.05 -14.49 -43.04
C ASN A 394 -3.24 -13.48 -43.85
N LEU A 395 -2.19 -13.99 -44.49
CA LEU A 395 -1.29 -13.17 -45.32
C LEU A 395 -1.73 -13.08 -46.78
N TYR A 396 -2.03 -11.87 -47.23
CA TYR A 396 -2.46 -11.64 -48.59
C TYR A 396 -1.38 -10.90 -49.38
N LYS A 397 -1.68 -10.58 -50.63
CA LYS A 397 -0.74 -9.84 -51.48
C LYS A 397 -1.43 -9.31 -52.72
N ILE A 398 -1.21 -8.02 -53.01
CA ILE A 398 -1.81 -7.38 -54.17
C ILE A 398 -0.73 -6.84 -55.10
N GLN A 399 -1.00 -6.94 -56.40
CA GLN A 399 -0.11 -6.43 -57.42
C GLN A 399 -0.46 -4.96 -57.61
N LEU A 400 0.53 -4.10 -57.52
CA LEU A 400 0.31 -2.66 -57.61
C LEU A 400 -0.28 -2.28 -58.94
N THR A 401 0.37 -2.74 -60.00
CA THR A 401 -0.07 -2.47 -61.37
C THR A 401 -1.48 -2.97 -61.73
N ASP A 402 -1.94 -4.00 -61.01
CA ASP A 402 -3.26 -4.61 -61.20
C ASP A 402 -3.85 -4.94 -59.82
N HIS A 403 -4.74 -4.10 -59.32
CA HIS A 403 -5.32 -4.37 -58.00
C HIS A 403 -6.30 -5.55 -57.97
N THR A 404 -6.37 -6.30 -59.08
CA THR A 404 -7.25 -7.46 -59.13
C THR A 404 -6.41 -8.66 -58.78
N ASN A 405 -5.13 -8.61 -59.15
CA ASN A 405 -4.23 -9.70 -58.87
C ASN A 405 -3.96 -9.84 -57.35
N LYS A 406 -5.05 -9.96 -56.58
CA LYS A 406 -5.03 -10.12 -55.11
C LYS A 406 -5.10 -11.61 -54.77
N LYS A 407 -4.18 -12.11 -53.95
CA LYS A 407 -4.17 -13.52 -53.64
C LYS A 407 -3.78 -13.85 -52.20
N CYS A 408 -4.51 -14.77 -51.56
CA CYS A 408 -4.19 -15.19 -50.20
C CYS A 408 -3.07 -16.21 -50.31
N LEU A 409 -2.10 -16.18 -49.39
CA LEU A 409 -0.97 -17.10 -49.47
C LEU A 409 -0.90 -18.12 -48.35
N SER A 410 -1.81 -18.04 -47.39
CA SER A 410 -1.80 -18.96 -46.26
C SER A 410 -3.14 -19.68 -46.03
N CYS A 411 -4.17 -19.19 -46.69
CA CYS A 411 -5.53 -19.75 -46.58
C CYS A 411 -5.64 -21.24 -46.85
N ASP A 412 -4.87 -21.76 -47.80
CA ASP A 412 -4.90 -23.20 -48.14
C ASP A 412 -4.06 -24.00 -47.18
N LEU A 413 -2.77 -23.71 -47.18
CA LEU A 413 -1.79 -24.40 -46.35
C LEU A 413 -2.29 -25.46 -45.34
N ASN A 414 -2.97 -25.05 -44.28
CA ASN A 414 -3.49 -26.00 -43.28
C ASN A 414 -4.77 -25.44 -42.69
N PRO A 415 -5.82 -25.34 -43.50
CA PRO A 415 -7.10 -24.80 -43.03
C PRO A 415 -7.57 -25.36 -41.70
N GLU A 416 -7.11 -26.58 -41.38
CA GLU A 416 -7.49 -27.25 -40.13
C GLU A 416 -6.69 -26.71 -38.95
N ARG A 417 -5.36 -26.78 -39.08
CA ARG A 417 -4.44 -26.37 -38.03
C ARG A 417 -4.15 -24.88 -37.97
N CYS A 418 -4.08 -24.26 -39.14
CA CYS A 418 -3.72 -22.85 -39.22
C CYS A 418 -4.72 -21.85 -39.77
N GLN A 419 -5.10 -20.90 -38.92
CA GLN A 419 -6.04 -19.83 -39.27
C GLN A 419 -5.59 -18.49 -38.69
N TYR A 420 -4.47 -18.52 -37.97
CA TYR A 420 -3.91 -17.33 -37.35
C TYR A 420 -2.42 -17.26 -37.67
N TYR A 421 -2.08 -16.61 -38.78
CA TYR A 421 -0.68 -16.49 -39.19
C TYR A 421 0.03 -15.20 -38.82
N SER A 422 1.34 -15.30 -38.71
CA SER A 422 2.23 -14.19 -38.43
C SER A 422 3.19 -14.31 -39.63
N VAL A 423 3.67 -13.19 -40.16
CA VAL A 423 4.56 -13.29 -41.29
C VAL A 423 5.95 -12.74 -40.97
N SER A 424 6.80 -12.63 -41.99
CA SER A 424 8.17 -12.14 -41.83
C SER A 424 8.87 -12.33 -43.15
N LEU A 425 8.85 -11.31 -44.00
CA LEU A 425 9.49 -11.40 -45.30
C LEU A 425 10.95 -10.96 -45.25
N SER A 426 11.77 -11.53 -46.13
CA SER A 426 13.18 -11.16 -46.18
C SER A 426 13.30 -9.72 -46.68
N LYS A 427 14.49 -9.16 -46.52
CA LYS A 427 14.77 -7.78 -46.91
C LYS A 427 14.07 -7.24 -48.15
N GLU A 428 13.90 -8.07 -49.17
CA GLU A 428 13.22 -7.60 -50.36
C GLU A 428 12.11 -8.52 -50.83
N ALA A 429 11.54 -9.24 -49.88
CA ALA A 429 10.42 -10.14 -50.13
C ALA A 429 10.75 -11.31 -51.06
N LYS A 430 11.96 -11.81 -51.00
CA LYS A 430 12.29 -12.95 -51.87
C LYS A 430 11.80 -14.22 -51.20
N TYR A 431 11.81 -14.23 -49.88
CA TYR A 431 11.36 -15.36 -49.09
C TYR A 431 10.49 -14.82 -47.99
N TYR A 432 9.64 -15.66 -47.44
CA TYR A 432 8.79 -15.21 -46.36
C TYR A 432 8.52 -16.36 -45.43
N GLN A 433 8.73 -16.12 -44.15
CA GLN A 433 8.50 -17.15 -43.15
C GLN A 433 7.09 -16.99 -42.59
N LEU A 434 6.41 -18.11 -42.38
CA LEU A 434 5.07 -18.08 -41.84
C LEU A 434 5.04 -18.64 -40.44
N GLY A 435 4.28 -17.99 -39.58
CA GLY A 435 4.12 -18.40 -38.21
C GLY A 435 2.68 -18.74 -37.97
N CYS A 436 2.39 -20.03 -37.90
CA CYS A 436 1.05 -20.51 -37.67
C CYS A 436 0.83 -20.57 -36.16
N ARG A 437 -0.12 -19.76 -35.68
CA ARG A 437 -0.49 -19.72 -34.27
C ARG A 437 -1.88 -20.34 -34.28
N GLY A 438 -2.37 -20.59 -35.51
CA GLY A 438 -3.68 -21.16 -35.82
C GLY A 438 -4.18 -22.15 -34.80
N PRO A 439 -5.48 -22.42 -34.77
CA PRO A 439 -6.10 -23.37 -33.83
C PRO A 439 -5.17 -24.45 -33.27
N GLY A 440 -4.47 -25.16 -34.15
CA GLY A 440 -3.59 -26.24 -33.73
C GLY A 440 -2.26 -25.82 -33.13
N LEU A 441 -1.32 -26.76 -33.04
CA LEU A 441 -0.01 -26.43 -32.50
C LEU A 441 0.73 -25.55 -33.49
N PRO A 442 1.32 -24.45 -33.02
CA PRO A 442 2.07 -23.50 -33.88
C PRO A 442 3.03 -24.18 -34.87
N LEU A 443 2.88 -23.82 -36.14
CA LEU A 443 3.67 -24.38 -37.24
C LEU A 443 4.43 -23.31 -38.01
N TYR A 444 5.75 -23.39 -37.98
CA TYR A 444 6.57 -22.41 -38.68
C TYR A 444 7.21 -23.02 -39.90
N THR A 445 7.06 -22.33 -41.02
CA THR A 445 7.60 -22.80 -42.29
C THR A 445 8.05 -21.61 -43.13
N LEU A 446 9.10 -21.78 -43.95
CA LEU A 446 9.52 -20.68 -44.82
C LEU A 446 9.25 -21.04 -46.28
N HIS A 447 8.88 -20.03 -47.07
CA HIS A 447 8.51 -20.23 -48.46
C HIS A 447 9.28 -19.34 -49.41
N ARG A 448 9.40 -19.76 -50.68
CA ARG A 448 10.07 -18.93 -51.67
C ARG A 448 8.96 -18.02 -52.22
N SER A 449 9.12 -16.73 -52.00
CA SER A 449 8.14 -15.73 -52.41
C SER A 449 7.57 -15.88 -53.83
N THR A 450 8.44 -16.13 -54.80
CA THR A 450 8.05 -16.28 -56.22
C THR A 450 6.81 -17.09 -56.54
N ASP A 451 6.84 -18.37 -56.17
CA ASP A 451 5.75 -19.30 -56.42
C ASP A 451 5.13 -19.87 -55.15
N GLN A 452 5.59 -19.40 -53.99
CA GLN A 452 5.09 -19.85 -52.69
C GLN A 452 5.55 -21.25 -52.27
N LYS A 453 6.35 -21.90 -53.12
CA LYS A 453 6.87 -23.25 -52.82
C LYS A 453 7.39 -23.29 -51.40
N GLU A 454 6.79 -24.13 -50.57
CA GLU A 454 7.24 -24.26 -49.20
C GLU A 454 8.60 -24.94 -49.22
N LEU A 455 9.67 -24.16 -49.08
CA LEU A 455 11.02 -24.71 -49.09
C LEU A 455 11.17 -25.80 -48.06
N ARG A 456 10.79 -25.52 -46.82
CA ARG A 456 10.87 -26.50 -45.75
C ARG A 456 10.07 -26.11 -44.52
N VAL A 457 10.03 -27.01 -43.54
CA VAL A 457 9.30 -26.76 -42.31
C VAL A 457 10.31 -26.43 -41.24
N LEU A 458 10.29 -25.17 -40.80
CA LEU A 458 11.22 -24.67 -39.78
C LEU A 458 10.93 -25.20 -38.39
N GLU A 459 9.65 -25.39 -38.09
CA GLU A 459 9.27 -25.90 -36.78
C GLU A 459 7.80 -26.30 -36.70
N ASP A 460 7.58 -27.59 -36.47
CA ASP A 460 6.24 -28.18 -36.31
C ASP A 460 6.34 -28.63 -34.86
N ASN A 461 5.31 -28.48 -34.04
CA ASN A 461 5.56 -28.90 -32.67
C ASN A 461 5.35 -30.37 -32.35
N SER A 462 6.10 -31.19 -33.07
CA SER A 462 6.05 -32.64 -32.93
C SER A 462 6.36 -33.05 -31.50
N ALA A 463 7.40 -32.47 -30.92
CA ALA A 463 7.79 -32.77 -29.55
C ALA A 463 6.63 -32.46 -28.59
N LEU A 464 6.13 -31.23 -28.66
CA LEU A 464 5.02 -30.83 -27.80
C LEU A 464 3.85 -31.80 -28.06
N ASP A 465 3.59 -32.09 -29.33
CA ASP A 465 2.50 -32.98 -29.74
C ASP A 465 2.61 -34.36 -29.09
N LYS A 466 3.81 -34.92 -29.14
CA LYS A 466 4.09 -36.24 -28.56
C LYS A 466 3.73 -36.28 -27.08
N MET A 467 4.03 -35.19 -26.36
CA MET A 467 3.74 -35.10 -24.93
C MET A 467 2.28 -34.88 -24.62
N LEU A 468 1.62 -34.01 -25.38
CA LEU A 468 0.21 -33.71 -25.16
C LEU A 468 -0.69 -34.91 -25.47
N GLN A 469 -0.07 -35.96 -25.99
CA GLN A 469 -0.79 -37.19 -26.31
C GLN A 469 -1.35 -37.84 -25.04
N ASP A 470 -0.50 -37.94 -24.03
CA ASP A 470 -0.90 -38.55 -22.75
C ASP A 470 -1.61 -37.58 -21.83
N VAL A 471 -2.30 -36.59 -22.40
CA VAL A 471 -2.99 -35.62 -21.57
C VAL A 471 -4.34 -35.31 -22.16
N GLN A 472 -5.34 -35.15 -21.28
CA GLN A 472 -6.70 -34.84 -21.71
C GLN A 472 -6.85 -33.33 -21.91
N MET A 473 -6.38 -32.84 -23.05
CA MET A 473 -6.46 -31.42 -23.37
C MET A 473 -7.88 -30.99 -23.69
N PRO A 474 -8.21 -29.74 -23.36
CA PRO A 474 -9.56 -29.24 -23.64
C PRO A 474 -9.57 -28.72 -25.07
N SER A 475 -10.75 -28.49 -25.62
CA SER A 475 -10.87 -27.97 -26.97
C SER A 475 -11.18 -26.48 -26.92
N LYS A 476 -11.31 -25.87 -28.10
CA LYS A 476 -11.63 -24.45 -28.18
C LYS A 476 -12.61 -24.18 -29.31
N LYS A 477 -13.79 -23.68 -28.95
CA LYS A 477 -14.79 -23.38 -29.96
C LYS A 477 -14.74 -21.88 -30.24
N LEU A 478 -14.67 -21.52 -31.51
CA LEU A 478 -14.63 -20.13 -31.90
C LEU A 478 -15.79 -19.84 -32.83
N ASP A 479 -16.91 -19.43 -32.27
CA ASP A 479 -18.06 -19.12 -33.10
C ASP A 479 -18.56 -17.73 -32.78
N PHE A 480 -19.78 -17.44 -33.19
CA PHE A 480 -20.36 -16.14 -32.95
C PHE A 480 -21.83 -16.28 -32.60
N ILE A 481 -22.34 -15.30 -31.86
CA ILE A 481 -23.72 -15.27 -31.48
C ILE A 481 -24.18 -13.99 -32.18
N VAL A 482 -25.48 -13.78 -32.32
CA VAL A 482 -25.94 -12.56 -32.97
C VAL A 482 -26.90 -11.78 -32.08
N LEU A 483 -26.54 -10.53 -31.82
CA LEU A 483 -27.33 -9.62 -30.98
C LEU A 483 -27.76 -8.45 -31.85
N ASN A 484 -28.93 -7.88 -31.55
CA ASN A 484 -29.50 -6.75 -32.31
C ASN A 484 -29.12 -6.78 -33.80
N GLU A 485 -29.14 -7.97 -34.41
CA GLU A 485 -28.84 -8.12 -35.84
C GLU A 485 -27.37 -8.01 -36.28
N THR A 486 -26.44 -8.27 -35.36
CA THR A 486 -25.02 -8.16 -35.69
C THR A 486 -24.22 -9.34 -35.20
N ARG A 487 -23.22 -9.78 -35.97
CA ARG A 487 -22.39 -10.88 -35.52
C ARG A 487 -21.50 -10.38 -34.38
N PHE A 488 -21.29 -11.23 -33.38
CA PHE A 488 -20.41 -10.91 -32.24
C PHE A 488 -19.72 -12.20 -31.88
N TRP A 489 -18.43 -12.28 -32.16
CA TRP A 489 -17.70 -13.51 -31.88
C TRP A 489 -17.31 -13.77 -30.45
N TYR A 490 -17.25 -15.06 -30.11
CA TYR A 490 -16.89 -15.49 -28.78
C TYR A 490 -16.08 -16.77 -28.92
N GLN A 491 -15.45 -17.18 -27.83
CA GLN A 491 -14.69 -18.41 -27.87
C GLN A 491 -14.87 -19.13 -26.53
N MET A 492 -14.84 -20.45 -26.56
CA MET A 492 -15.00 -21.25 -25.34
C MET A 492 -13.94 -22.33 -25.20
N ILE A 493 -13.30 -22.37 -24.03
CA ILE A 493 -12.31 -23.41 -23.78
C ILE A 493 -13.14 -24.50 -23.11
N LEU A 494 -13.50 -25.52 -23.89
CA LEU A 494 -14.32 -26.63 -23.42
C LEU A 494 -13.50 -27.73 -22.79
N PRO A 495 -13.87 -28.13 -21.57
CA PRO A 495 -13.14 -29.20 -20.85
C PRO A 495 -13.18 -30.50 -21.65
N PRO A 496 -12.11 -31.31 -21.57
CA PRO A 496 -11.99 -32.59 -22.28
C PRO A 496 -13.23 -33.21 -22.91
N HIS A 497 -13.63 -34.38 -22.43
CA HIS A 497 -14.77 -35.09 -23.00
C HIS A 497 -16.10 -34.33 -22.89
N PHE A 498 -16.04 -33.04 -23.18
CA PHE A 498 -17.20 -32.14 -23.10
C PHE A 498 -18.48 -32.72 -23.68
N ASP A 499 -19.43 -32.98 -22.79
CA ASP A 499 -20.73 -33.52 -23.16
C ASP A 499 -21.83 -32.44 -23.13
N LYS A 500 -22.20 -31.98 -24.33
CA LYS A 500 -23.20 -30.93 -24.54
C LYS A 500 -24.50 -31.07 -23.72
N SER A 501 -24.71 -32.26 -23.17
CA SER A 501 -25.92 -32.49 -22.38
C SER A 501 -25.74 -32.14 -20.90
N LYS A 502 -24.57 -32.42 -20.33
CA LYS A 502 -24.33 -32.10 -18.92
C LYS A 502 -24.29 -30.59 -18.66
N LYS A 503 -24.09 -30.22 -17.40
CA LYS A 503 -24.03 -28.81 -17.02
C LYS A 503 -22.68 -28.51 -16.39
N TYR A 504 -22.01 -27.49 -16.92
CA TYR A 504 -20.69 -27.12 -16.40
C TYR A 504 -20.69 -25.70 -15.84
N PRO A 505 -19.74 -25.41 -14.94
CA PRO A 505 -19.66 -24.06 -14.37
C PRO A 505 -19.00 -23.18 -15.44
N LEU A 506 -19.45 -21.93 -15.55
CA LEU A 506 -18.91 -20.99 -16.54
C LEU A 506 -18.07 -19.87 -15.93
N LEU A 507 -16.96 -19.56 -16.59
CA LEU A 507 -16.06 -18.49 -16.16
C LEU A 507 -15.83 -17.56 -17.34
N ILE A 508 -16.32 -16.32 -17.24
CA ILE A 508 -16.11 -15.36 -18.31
C ILE A 508 -14.72 -14.76 -18.09
N ASP A 509 -13.94 -14.73 -19.15
CA ASP A 509 -12.58 -14.17 -19.14
C ASP A 509 -12.71 -12.85 -19.88
N VAL A 510 -12.37 -11.74 -19.22
CA VAL A 510 -12.51 -10.43 -19.86
C VAL A 510 -11.34 -9.47 -19.96
N TYR A 511 -11.56 -8.55 -20.89
CA TYR A 511 -10.68 -7.42 -21.14
C TYR A 511 -11.68 -6.43 -21.72
N ALA A 512 -12.01 -6.58 -22.99
CA ALA A 512 -12.98 -5.72 -23.63
C ALA A 512 -12.71 -4.22 -23.61
N GLY A 513 -11.44 -3.84 -23.75
CA GLY A 513 -11.09 -2.43 -23.78
C GLY A 513 -11.28 -2.01 -25.22
N PRO A 514 -11.17 -0.72 -25.56
CA PRO A 514 -11.35 -0.32 -26.95
C PRO A 514 -10.38 -1.03 -27.89
N CYS A 515 -10.91 -1.49 -29.03
CA CYS A 515 -10.12 -2.18 -30.05
C CYS A 515 -9.38 -3.45 -29.59
N SER A 516 -9.94 -4.16 -28.61
CA SER A 516 -9.32 -5.37 -28.11
C SER A 516 -9.97 -6.56 -28.78
N GLN A 517 -9.41 -7.75 -28.58
CA GLN A 517 -9.96 -8.94 -29.17
C GLN A 517 -9.58 -10.18 -28.36
N LYS A 518 -10.53 -10.69 -27.60
CA LYS A 518 -10.30 -11.88 -26.78
C LYS A 518 -10.70 -13.20 -27.47
N ALA A 519 -11.48 -13.10 -28.54
CA ALA A 519 -11.92 -14.28 -29.27
C ALA A 519 -11.16 -14.41 -30.59
N ASP A 520 -10.20 -15.33 -30.65
CA ASP A 520 -9.44 -15.53 -31.87
C ASP A 520 -8.99 -16.98 -32.06
N ALA A 521 -8.50 -17.28 -33.25
CA ALA A 521 -8.06 -18.62 -33.60
C ALA A 521 -6.63 -18.97 -33.25
N ALA A 522 -6.12 -18.46 -32.15
CA ALA A 522 -4.73 -18.74 -31.78
C ALA A 522 -4.59 -19.78 -30.68
N PHE A 523 -3.58 -20.61 -30.81
CA PHE A 523 -3.33 -21.68 -29.84
C PHE A 523 -2.68 -21.13 -28.58
N ARG A 524 -3.09 -21.64 -27.43
CA ARG A 524 -2.54 -21.20 -26.16
C ARG A 524 -2.62 -22.25 -25.05
N LEU A 525 -1.66 -22.19 -24.13
CA LEU A 525 -1.61 -23.10 -22.98
C LEU A 525 -1.51 -22.16 -21.78
N ASN A 526 -2.65 -21.68 -21.30
CA ASN A 526 -2.68 -20.76 -20.17
C ASN A 526 -3.39 -21.35 -18.97
N TRP A 527 -3.88 -20.47 -18.10
CA TRP A 527 -4.59 -20.88 -16.90
C TRP A 527 -5.91 -21.52 -17.28
N ALA A 528 -6.61 -20.94 -18.24
CA ALA A 528 -7.90 -21.48 -18.70
C ALA A 528 -7.79 -22.93 -19.16
N THR A 529 -6.60 -23.31 -19.65
CA THR A 529 -6.37 -24.68 -20.10
C THR A 529 -6.57 -25.57 -18.87
N TYR A 530 -5.82 -25.29 -17.82
CA TYR A 530 -5.92 -26.04 -16.57
C TYR A 530 -7.35 -26.00 -16.04
N LEU A 531 -7.97 -24.83 -16.04
CA LEU A 531 -9.33 -24.69 -15.54
C LEU A 531 -10.35 -25.61 -16.20
N ALA A 532 -10.17 -25.93 -17.49
CA ALA A 532 -11.11 -26.81 -18.17
C ALA A 532 -10.63 -28.27 -18.13
N SER A 533 -9.34 -28.47 -18.37
CA SER A 533 -8.77 -29.80 -18.36
C SER A 533 -8.75 -30.49 -17.00
N THR A 534 -8.95 -29.75 -15.92
CA THR A 534 -8.89 -30.39 -14.61
C THR A 534 -10.00 -29.99 -13.66
N GLU A 535 -10.60 -28.83 -13.89
CA GLU A 535 -11.66 -28.37 -13.01
C GLU A 535 -12.99 -28.47 -13.72
N ASN A 536 -12.92 -28.87 -15.00
CA ASN A 536 -14.10 -29.00 -15.85
C ASN A 536 -14.90 -27.73 -15.86
N ILE A 537 -14.21 -26.61 -15.99
CA ILE A 537 -14.87 -25.32 -16.05
C ILE A 537 -14.77 -24.79 -17.46
N ILE A 538 -15.88 -24.20 -17.93
CA ILE A 538 -15.91 -23.64 -19.27
C ILE A 538 -15.47 -22.18 -19.19
N VAL A 539 -14.32 -21.89 -19.80
CA VAL A 539 -13.77 -20.55 -19.83
C VAL A 539 -14.12 -19.92 -21.17
N ALA A 540 -14.92 -18.86 -21.15
CA ALA A 540 -15.34 -18.20 -22.39
C ALA A 540 -15.06 -16.70 -22.42
N SER A 541 -14.78 -16.18 -23.62
CA SER A 541 -14.50 -14.76 -23.81
C SER A 541 -15.45 -14.24 -24.88
N PHE A 542 -15.83 -12.97 -24.78
CA PHE A 542 -16.76 -12.41 -25.77
C PHE A 542 -16.38 -11.02 -26.25
N ASP A 543 -16.08 -10.89 -27.55
CA ASP A 543 -15.73 -9.58 -28.11
C ASP A 543 -17.00 -8.85 -28.47
N GLY A 544 -17.43 -7.94 -27.60
CA GLY A 544 -18.64 -7.18 -27.85
C GLY A 544 -18.35 -5.79 -28.39
N ARG A 545 -19.27 -4.87 -28.15
CA ARG A 545 -19.11 -3.52 -28.62
C ARG A 545 -17.89 -2.77 -28.14
N GLY A 546 -17.33 -1.98 -29.05
CA GLY A 546 -16.13 -1.21 -28.78
C GLY A 546 -14.93 -2.11 -28.96
N SER A 547 -15.03 -3.10 -29.82
CA SER A 547 -13.91 -4.00 -29.97
C SER A 547 -13.29 -4.22 -31.33
N GLY A 548 -12.38 -5.19 -31.30
CA GLY A 548 -11.63 -5.68 -32.43
C GLY A 548 -11.50 -4.99 -33.76
N TYR A 549 -11.47 -5.82 -34.79
CA TYR A 549 -11.27 -5.35 -36.13
C TYR A 549 -12.50 -5.69 -36.94
N GLN A 550 -13.58 -4.98 -36.64
CA GLN A 550 -14.85 -5.22 -37.31
C GLN A 550 -15.53 -3.93 -37.70
N GLY A 551 -14.74 -2.92 -38.02
CA GLY A 551 -15.31 -1.64 -38.40
C GLY A 551 -15.49 -0.71 -37.21
N ASP A 552 -15.45 0.58 -37.49
CA ASP A 552 -15.60 1.58 -36.45
C ASP A 552 -17.01 1.63 -35.86
N LYS A 553 -17.99 1.07 -36.57
CA LYS A 553 -19.35 1.10 -36.03
C LYS A 553 -19.33 0.32 -34.73
N ILE A 554 -18.63 -0.81 -34.72
CA ILE A 554 -18.54 -1.63 -33.53
C ILE A 554 -17.54 -1.06 -32.53
N MET A 555 -16.37 -0.62 -33.01
CA MET A 555 -15.32 -0.09 -32.15
C MET A 555 -15.65 1.27 -31.53
N HIS A 556 -16.06 2.23 -32.35
CA HIS A 556 -16.39 3.58 -31.86
C HIS A 556 -17.69 3.63 -31.04
N ALA A 557 -18.40 2.51 -30.97
CA ALA A 557 -19.66 2.42 -30.24
C ALA A 557 -19.57 2.84 -28.78
N ILE A 558 -18.37 2.75 -28.24
CA ILE A 558 -18.11 3.09 -26.85
C ILE A 558 -17.67 4.53 -26.62
N ASN A 559 -17.27 5.20 -27.70
CA ASN A 559 -16.79 6.58 -27.66
C ASN A 559 -17.47 7.46 -26.62
N LYS A 560 -16.65 8.20 -25.88
CA LYS A 560 -17.10 9.12 -24.84
C LYS A 560 -17.87 8.47 -23.71
N ARG A 561 -17.90 7.14 -23.65
CA ARG A 561 -18.64 6.48 -22.59
C ARG A 561 -18.17 5.07 -22.28
N LEU A 562 -16.97 4.96 -21.73
CA LEU A 562 -16.41 3.66 -21.35
C LEU A 562 -17.24 3.21 -20.17
N GLY A 563 -17.16 1.93 -19.82
CA GLY A 563 -17.93 1.41 -18.70
C GLY A 563 -19.42 1.34 -18.96
N THR A 564 -19.79 1.25 -20.24
CA THR A 564 -21.17 1.18 -20.70
C THR A 564 -21.47 -0.09 -21.49
N LEU A 565 -21.60 0.09 -22.80
CA LEU A 565 -21.93 -1.00 -23.70
C LEU A 565 -21.03 -2.23 -23.60
N GLU A 566 -19.72 -2.04 -23.47
CA GLU A 566 -18.81 -3.18 -23.39
C GLU A 566 -19.07 -4.02 -22.14
N VAL A 567 -19.59 -3.38 -21.09
CA VAL A 567 -19.91 -4.09 -19.86
C VAL A 567 -21.20 -4.86 -20.13
N GLU A 568 -22.26 -4.13 -20.47
CA GLU A 568 -23.55 -4.73 -20.76
C GLU A 568 -23.47 -5.96 -21.67
N ASP A 569 -22.85 -5.80 -22.83
CA ASP A 569 -22.69 -6.88 -23.79
C ASP A 569 -22.02 -8.08 -23.18
N GLN A 570 -21.18 -7.83 -22.18
CA GLN A 570 -20.50 -8.94 -21.55
C GLN A 570 -21.53 -9.73 -20.76
N ILE A 571 -22.53 -9.04 -20.22
CA ILE A 571 -23.59 -9.71 -19.47
C ILE A 571 -24.54 -10.43 -20.44
N GLU A 572 -24.90 -9.76 -21.53
CA GLU A 572 -25.77 -10.35 -22.54
C GLU A 572 -25.19 -11.68 -23.00
N ALA A 573 -23.91 -11.65 -23.34
CA ALA A 573 -23.18 -12.82 -23.80
C ALA A 573 -23.29 -13.99 -22.81
N ALA A 574 -23.28 -13.69 -21.52
CA ALA A 574 -23.41 -14.75 -20.53
C ALA A 574 -24.81 -15.33 -20.66
N ARG A 575 -25.81 -14.45 -20.77
CA ARG A 575 -27.20 -14.88 -20.94
C ARG A 575 -27.26 -15.92 -22.04
N GLN A 576 -26.79 -15.52 -23.22
CA GLN A 576 -26.76 -16.38 -24.40
C GLN A 576 -26.13 -17.74 -24.13
N PHE A 577 -24.96 -17.73 -23.52
CA PHE A 577 -24.26 -18.97 -23.19
C PHE A 577 -25.14 -19.88 -22.34
N LEU A 578 -25.90 -19.28 -21.43
CA LEU A 578 -26.80 -20.03 -20.57
C LEU A 578 -27.86 -20.68 -21.44
N LYS A 579 -28.50 -19.88 -22.29
CA LYS A 579 -29.52 -20.35 -23.20
C LYS A 579 -28.96 -21.46 -24.09
N MET A 580 -27.66 -21.61 -24.11
CA MET A 580 -27.05 -22.66 -24.91
C MET A 580 -27.12 -24.01 -24.20
N GLY A 581 -27.80 -24.05 -23.06
CA GLY A 581 -27.91 -25.30 -22.34
C GLY A 581 -26.84 -25.64 -21.32
N PHE A 582 -25.78 -26.32 -21.77
CA PHE A 582 -24.66 -26.79 -20.95
C PHE A 582 -23.99 -25.93 -19.87
N VAL A 583 -24.67 -24.91 -19.41
CA VAL A 583 -24.13 -24.04 -18.37
C VAL A 583 -24.99 -24.09 -17.11
N ASP A 584 -24.34 -24.43 -15.99
CA ASP A 584 -24.99 -24.51 -14.68
C ASP A 584 -25.22 -23.07 -14.20
N SER A 585 -26.38 -22.48 -14.51
CA SER A 585 -26.63 -21.09 -14.11
C SER A 585 -26.27 -20.77 -12.65
N LYS A 586 -26.21 -21.78 -11.79
CA LYS A 586 -25.90 -21.56 -10.37
C LYS A 586 -24.39 -21.43 -10.11
N ARG A 587 -23.62 -21.50 -11.18
CA ARG A 587 -22.18 -21.36 -11.04
C ARG A 587 -21.48 -20.69 -12.22
N VAL A 588 -21.74 -19.38 -12.35
CA VAL A 588 -21.17 -18.54 -13.38
C VAL A 588 -20.30 -17.48 -12.69
N ALA A 589 -19.05 -17.35 -13.15
CA ALA A 589 -18.14 -16.36 -12.57
C ALA A 589 -17.50 -15.48 -13.66
N ILE A 590 -16.75 -14.47 -13.26
CA ILE A 590 -16.10 -13.59 -14.22
C ILE A 590 -14.87 -12.90 -13.62
N TRP A 591 -13.76 -12.97 -14.35
CA TRP A 591 -12.51 -12.34 -13.91
C TRP A 591 -11.87 -11.61 -15.07
N GLY A 592 -11.06 -10.62 -14.73
CA GLY A 592 -10.38 -9.85 -15.74
C GLY A 592 -9.18 -9.15 -15.14
N TRP A 593 -8.21 -8.84 -15.99
CA TRP A 593 -7.00 -8.17 -15.56
C TRP A 593 -6.97 -6.77 -16.20
N SER A 594 -6.36 -5.81 -15.51
CA SER A 594 -6.26 -4.48 -16.06
C SER A 594 -7.63 -3.90 -16.49
N TYR A 595 -7.80 -3.59 -17.76
CA TYR A 595 -9.09 -3.06 -18.24
C TYR A 595 -10.15 -4.11 -17.92
N GLY A 596 -9.77 -5.37 -18.06
CA GLY A 596 -10.69 -6.47 -17.79
C GLY A 596 -11.12 -6.49 -16.34
N GLY A 597 -10.22 -6.08 -15.45
CA GLY A 597 -10.53 -6.04 -14.03
C GLY A 597 -11.61 -4.99 -13.81
N TYR A 598 -11.59 -3.94 -14.65
CA TYR A 598 -12.57 -2.87 -14.57
C TYR A 598 -13.94 -3.45 -14.92
N VAL A 599 -14.06 -4.03 -16.11
CA VAL A 599 -15.31 -4.61 -16.57
C VAL A 599 -15.80 -5.65 -15.56
N THR A 600 -14.90 -6.53 -15.13
CA THR A 600 -15.29 -7.54 -14.15
C THR A 600 -15.97 -6.85 -12.98
N SER A 601 -15.31 -5.81 -12.44
CA SER A 601 -15.86 -5.06 -11.32
C SER A 601 -17.17 -4.35 -11.64
N MET A 602 -17.26 -3.76 -12.83
CA MET A 602 -18.47 -3.08 -13.25
C MET A 602 -19.63 -4.07 -13.42
N VAL A 603 -19.31 -5.28 -13.88
CA VAL A 603 -20.32 -6.33 -14.08
C VAL A 603 -20.81 -6.86 -12.74
N LEU A 604 -19.88 -7.15 -11.84
CA LEU A 604 -20.25 -7.66 -10.53
C LEU A 604 -21.08 -6.62 -9.79
N GLY A 605 -20.78 -5.35 -10.03
CA GLY A 605 -21.51 -4.29 -9.35
C GLY A 605 -22.73 -3.78 -10.07
N SER A 606 -23.16 -4.48 -11.10
CA SER A 606 -24.34 -4.08 -11.87
C SER A 606 -25.61 -4.69 -11.29
N GLY A 607 -25.44 -5.64 -10.37
CA GLY A 607 -26.57 -6.31 -9.75
C GLY A 607 -27.46 -7.00 -10.76
N SER A 608 -26.87 -7.53 -11.83
CA SER A 608 -27.64 -8.22 -12.87
C SER A 608 -28.07 -9.60 -12.36
N GLY A 609 -27.44 -10.01 -11.26
CA GLY A 609 -27.75 -11.30 -10.68
C GLY A 609 -27.23 -12.49 -11.46
N VAL A 610 -26.69 -12.26 -12.66
CA VAL A 610 -26.19 -13.34 -13.48
C VAL A 610 -24.87 -13.98 -13.03
N PHE A 611 -24.08 -13.28 -12.21
CA PHE A 611 -22.81 -13.83 -11.74
C PHE A 611 -22.71 -14.07 -10.25
N LYS A 612 -22.07 -15.16 -9.88
CA LYS A 612 -21.93 -15.55 -8.49
C LYS A 612 -20.74 -14.89 -7.83
N CYS A 613 -19.62 -14.86 -8.54
CA CYS A 613 -18.40 -14.26 -8.00
C CYS A 613 -17.52 -13.74 -9.13
N GLY A 614 -16.40 -13.15 -8.75
CA GLY A 614 -15.49 -12.62 -9.74
C GLY A 614 -14.18 -12.16 -9.17
N ILE A 615 -13.20 -12.00 -10.04
CA ILE A 615 -11.87 -11.57 -9.64
C ILE A 615 -11.37 -10.48 -10.57
N ALA A 616 -11.01 -9.34 -9.99
CA ALA A 616 -10.48 -8.20 -10.74
C ALA A 616 -9.02 -8.03 -10.31
N VAL A 617 -8.11 -8.04 -11.26
CA VAL A 617 -6.70 -7.87 -10.96
C VAL A 617 -6.24 -6.54 -11.52
N ALA A 618 -5.74 -5.67 -10.64
CA ALA A 618 -5.24 -4.34 -11.00
C ALA A 618 -6.24 -3.67 -11.90
N PRO A 619 -7.46 -3.49 -11.41
CA PRO A 619 -8.50 -2.84 -12.22
C PRO A 619 -8.40 -1.32 -12.19
N VAL A 620 -9.13 -0.68 -13.07
CA VAL A 620 -9.19 0.75 -13.10
C VAL A 620 -10.53 0.95 -12.41
N SER A 621 -10.64 1.95 -11.53
CA SER A 621 -11.89 2.17 -10.81
C SER A 621 -12.66 3.41 -11.22
N ARG A 622 -11.96 4.35 -11.84
CA ARG A 622 -12.58 5.57 -12.36
C ARG A 622 -11.55 6.20 -13.26
N TRP A 623 -11.97 6.63 -14.44
CA TRP A 623 -11.04 7.17 -15.40
C TRP A 623 -10.19 8.37 -15.07
N GLU A 624 -10.53 9.15 -14.04
CA GLU A 624 -9.67 10.27 -13.73
C GLU A 624 -8.35 9.79 -13.18
N TYR A 625 -8.31 8.58 -12.65
CA TYR A 625 -7.06 8.05 -12.09
C TYR A 625 -6.12 7.53 -13.16
N TYR A 626 -6.64 7.25 -14.34
CA TYR A 626 -5.78 6.71 -15.38
C TYR A 626 -5.10 7.79 -16.20
N ASP A 627 -4.01 7.42 -16.88
CA ASP A 627 -3.26 8.39 -17.66
C ASP A 627 -4.04 9.14 -18.72
N SER A 628 -3.46 10.22 -19.22
CA SER A 628 -4.13 11.07 -20.18
C SER A 628 -4.28 10.59 -21.61
N VAL A 629 -3.17 10.32 -22.27
CA VAL A 629 -3.20 9.87 -23.66
C VAL A 629 -4.26 8.81 -23.93
N TYR A 630 -4.27 7.76 -23.11
CA TYR A 630 -5.23 6.68 -23.27
C TYR A 630 -6.67 7.08 -22.97
N THR A 631 -6.93 7.43 -21.71
CA THR A 631 -8.26 7.82 -21.28
C THR A 631 -8.93 8.83 -22.19
N GLU A 632 -8.33 9.99 -22.33
CA GLU A 632 -8.86 11.06 -23.17
C GLU A 632 -9.17 10.66 -24.60
N ARG A 633 -8.48 9.65 -25.11
CA ARG A 633 -8.69 9.19 -26.48
C ARG A 633 -10.12 8.65 -26.63
N TYR A 634 -10.64 8.05 -25.57
CA TYR A 634 -11.97 7.47 -25.60
C TYR A 634 -12.94 8.22 -24.72
N MET A 635 -12.42 9.07 -23.84
CA MET A 635 -13.29 9.80 -22.93
C MET A 635 -13.33 11.32 -23.04
N GLY A 636 -12.36 11.90 -23.75
CA GLY A 636 -12.29 13.34 -23.87
C GLY A 636 -11.70 13.87 -22.56
N LEU A 637 -12.00 15.11 -22.22
CA LEU A 637 -11.48 15.68 -20.99
C LEU A 637 -12.53 15.62 -19.88
N PRO A 638 -12.09 15.38 -18.65
CA PRO A 638 -12.96 15.30 -17.47
C PRO A 638 -13.42 16.66 -17.00
N THR A 639 -13.86 17.51 -17.93
CA THR A 639 -14.30 18.84 -17.59
C THR A 639 -15.78 19.08 -17.90
N PRO A 640 -16.45 19.93 -17.12
CA PRO A 640 -17.86 20.19 -17.39
C PRO A 640 -18.08 20.67 -18.81
N GLU A 641 -17.02 21.20 -19.41
CA GLU A 641 -17.13 21.69 -20.76
C GLU A 641 -17.10 20.55 -21.75
N ASP A 642 -16.69 19.37 -21.30
CA ASP A 642 -16.60 18.21 -22.17
C ASP A 642 -17.39 17.00 -21.68
N ASN A 643 -16.69 16.01 -21.15
CA ASN A 643 -17.33 14.77 -20.71
C ASN A 643 -17.23 14.44 -19.21
N LEU A 644 -17.14 15.45 -18.36
CA LEU A 644 -17.04 15.19 -16.92
C LEU A 644 -18.12 14.24 -16.43
N ASP A 645 -19.32 14.35 -16.98
CA ASP A 645 -20.41 13.50 -16.54
C ASP A 645 -20.19 12.02 -16.74
N HIS A 646 -19.81 11.60 -17.94
CA HIS A 646 -19.57 10.17 -18.16
C HIS A 646 -18.38 9.69 -17.35
N TYR A 647 -17.50 10.60 -16.95
CA TYR A 647 -16.37 10.19 -16.14
C TYR A 647 -16.90 9.76 -14.77
N ARG A 648 -17.69 10.62 -14.17
CA ARG A 648 -18.23 10.34 -12.84
C ARG A 648 -19.33 9.28 -12.76
N ASN A 649 -19.90 8.94 -13.91
CA ASN A 649 -20.93 7.92 -13.95
C ASN A 649 -20.33 6.49 -14.02
N SER A 650 -19.17 6.38 -14.67
CA SER A 650 -18.51 5.10 -14.85
C SER A 650 -17.56 4.68 -13.75
N THR A 651 -17.91 5.01 -12.51
CA THR A 651 -17.08 4.67 -11.36
C THR A 651 -17.40 3.29 -10.80
N VAL A 652 -16.38 2.55 -10.38
CA VAL A 652 -16.63 1.23 -9.80
C VAL A 652 -17.17 1.40 -8.40
N MET A 653 -16.65 2.38 -7.68
CA MET A 653 -17.11 2.60 -6.32
C MET A 653 -18.54 3.09 -6.23
N SER A 654 -19.08 3.63 -7.31
CA SER A 654 -20.44 4.13 -7.29
C SER A 654 -21.42 2.97 -7.35
N ARG A 655 -20.89 1.77 -7.48
CA ARG A 655 -21.72 0.57 -7.55
C ARG A 655 -21.44 -0.36 -6.38
N ALA A 656 -20.82 0.19 -5.33
CA ALA A 656 -20.47 -0.59 -4.14
C ALA A 656 -21.61 -1.44 -3.59
N GLU A 657 -22.75 -0.81 -3.36
CA GLU A 657 -23.93 -1.52 -2.85
C GLU A 657 -24.17 -2.86 -3.53
N ASN A 658 -24.29 -2.86 -4.85
CA ASN A 658 -24.57 -4.09 -5.59
C ASN A 658 -23.62 -5.24 -5.40
N PHE A 659 -22.52 -4.99 -4.69
CA PHE A 659 -21.55 -6.04 -4.44
C PHE A 659 -22.00 -6.93 -3.29
N LYS A 660 -23.03 -6.51 -2.57
CA LYS A 660 -23.53 -7.32 -1.46
C LYS A 660 -24.03 -8.67 -1.99
N GLN A 661 -24.37 -8.72 -3.28
CA GLN A 661 -24.87 -9.93 -3.92
C GLN A 661 -23.77 -10.75 -4.61
N VAL A 662 -22.50 -10.56 -4.22
CA VAL A 662 -21.41 -11.26 -4.88
C VAL A 662 -20.18 -11.54 -4.03
N GLU A 663 -19.47 -12.60 -4.37
CA GLU A 663 -18.21 -12.93 -3.71
C GLU A 663 -17.19 -12.22 -4.60
N TYR A 664 -16.48 -11.25 -4.05
CA TYR A 664 -15.52 -10.49 -4.84
C TYR A 664 -14.08 -10.64 -4.37
N LEU A 665 -13.16 -10.82 -5.31
CA LEU A 665 -11.72 -10.92 -5.00
C LEU A 665 -10.93 -9.81 -5.70
N LEU A 666 -10.44 -8.84 -4.91
CA LEU A 666 -9.67 -7.72 -5.44
C LEU A 666 -8.18 -7.94 -5.23
N ILE A 667 -7.42 -7.94 -6.31
CA ILE A 667 -5.96 -8.16 -6.25
C ILE A 667 -5.19 -7.02 -6.87
N HIS A 668 -4.14 -6.54 -6.22
CA HIS A 668 -3.38 -5.43 -6.80
C HIS A 668 -1.91 -5.40 -6.42
N GLY A 669 -1.10 -4.93 -7.35
CA GLY A 669 0.33 -4.83 -7.13
C GLY A 669 0.75 -3.52 -6.49
N THR A 670 1.58 -3.63 -5.45
CA THR A 670 2.08 -2.49 -4.70
C THR A 670 2.85 -1.45 -5.50
N ALA A 671 3.65 -1.91 -6.43
CA ALA A 671 4.46 -1.00 -7.24
C ALA A 671 3.93 -0.91 -8.65
N ASP A 672 2.62 -0.86 -8.78
CA ASP A 672 1.99 -0.75 -10.09
C ASP A 672 2.08 0.71 -10.53
N ASP A 673 2.94 0.96 -11.51
CA ASP A 673 3.18 2.30 -12.06
C ASP A 673 2.19 2.64 -13.18
N ASN A 674 1.40 1.66 -13.60
CA ASN A 674 0.42 1.87 -14.66
C ASN A 674 -0.97 2.20 -14.07
N VAL A 675 -1.59 1.21 -13.46
CA VAL A 675 -2.89 1.35 -12.81
C VAL A 675 -2.46 1.39 -11.34
N HIS A 676 -2.28 2.60 -10.86
CA HIS A 676 -1.77 2.94 -9.54
C HIS A 676 -2.07 2.31 -8.18
N PHE A 677 -2.96 1.33 -8.07
CA PHE A 677 -3.25 0.76 -6.74
C PHE A 677 -4.17 1.73 -6.03
N GLN A 678 -3.93 3.00 -6.23
CA GLN A 678 -4.80 4.04 -5.68
C GLN A 678 -6.18 3.63 -6.17
N GLN A 679 -6.21 3.03 -7.35
CA GLN A 679 -7.45 2.59 -7.96
C GLN A 679 -8.18 1.52 -7.17
N SER A 680 -7.46 0.52 -6.71
CA SER A 680 -8.07 -0.54 -5.93
C SER A 680 -8.31 -0.06 -4.49
N ALA A 681 -7.41 0.80 -4.01
CA ALA A 681 -7.52 1.33 -2.66
C ALA A 681 -8.81 2.10 -2.51
N GLN A 682 -9.23 2.72 -3.60
CA GLN A 682 -10.44 3.51 -3.61
C GLN A 682 -11.67 2.58 -3.67
N ILE A 683 -11.49 1.41 -4.28
CA ILE A 683 -12.58 0.42 -4.41
C ILE A 683 -12.85 -0.23 -3.06
N SER A 684 -11.80 -0.76 -2.43
CA SER A 684 -11.94 -1.40 -1.14
C SER A 684 -12.59 -0.41 -0.18
N LYS A 685 -12.05 0.81 -0.12
CA LYS A 685 -12.58 1.84 0.74
C LYS A 685 -14.07 2.07 0.50
N ALA A 686 -14.49 2.01 -0.76
CA ALA A 686 -15.90 2.21 -1.09
C ALA A 686 -16.80 1.08 -0.61
N LEU A 687 -16.29 -0.15 -0.72
CA LEU A 687 -17.03 -1.33 -0.27
C LEU A 687 -17.08 -1.35 1.26
N VAL A 688 -15.99 -0.92 1.90
CA VAL A 688 -15.95 -0.88 3.35
C VAL A 688 -16.99 0.12 3.87
N ASP A 689 -17.11 1.24 3.18
CA ASP A 689 -18.08 2.24 3.59
C ASP A 689 -19.50 1.74 3.34
N ALA A 690 -19.66 0.89 2.32
CA ALA A 690 -20.97 0.32 1.97
C ALA A 690 -21.33 -0.88 2.85
N GLY A 691 -20.35 -1.37 3.60
CA GLY A 691 -20.56 -2.53 4.46
C GLY A 691 -20.68 -3.82 3.68
N VAL A 692 -19.88 -3.94 2.62
CA VAL A 692 -19.87 -5.12 1.77
C VAL A 692 -18.63 -5.92 2.04
N ASP A 693 -18.75 -7.16 2.48
CA ASP A 693 -17.56 -7.94 2.73
C ASP A 693 -17.02 -8.41 1.38
N PHE A 694 -15.70 -8.57 1.31
CA PHE A 694 -15.06 -9.00 0.08
C PHE A 694 -13.68 -9.51 0.43
N GLN A 695 -12.95 -9.97 -0.58
CA GLN A 695 -11.61 -10.47 -0.35
C GLN A 695 -10.55 -9.68 -1.11
N ALA A 696 -9.46 -9.37 -0.41
CA ALA A 696 -8.39 -8.61 -1.04
C ALA A 696 -7.05 -9.34 -0.92
N MET A 697 -6.09 -8.87 -1.70
CA MET A 697 -4.76 -9.45 -1.73
C MET A 697 -3.82 -8.47 -2.45
N TRP A 698 -2.82 -7.98 -1.73
CA TRP A 698 -1.86 -7.06 -2.31
C TRP A 698 -0.58 -7.85 -2.60
N TYR A 699 0.16 -7.43 -3.62
CA TYR A 699 1.40 -8.09 -3.95
C TYR A 699 2.53 -7.09 -3.79
N THR A 700 3.26 -7.27 -2.71
CA THR A 700 4.36 -6.39 -2.38
C THR A 700 5.39 -6.22 -3.47
N ASP A 701 5.63 -4.96 -3.83
CA ASP A 701 6.60 -4.60 -4.84
C ASP A 701 6.37 -5.20 -6.22
N GLU A 702 5.16 -5.70 -6.46
CA GLU A 702 4.88 -6.26 -7.76
C GLU A 702 4.40 -5.19 -8.70
N ASP A 703 4.60 -5.47 -9.98
CA ASP A 703 4.26 -4.60 -11.08
C ASP A 703 2.78 -4.62 -11.42
N HIS A 704 2.46 -4.15 -12.62
CA HIS A 704 1.09 -4.16 -13.10
C HIS A 704 0.89 -5.53 -13.70
N GLY A 705 1.99 -6.25 -13.88
CA GLY A 705 1.90 -7.58 -14.45
C GLY A 705 2.07 -8.66 -13.42
N ILE A 706 2.31 -8.28 -12.16
CA ILE A 706 2.51 -9.23 -11.06
C ILE A 706 3.18 -10.44 -11.71
N ALA A 707 4.24 -10.16 -12.45
CA ALA A 707 4.93 -11.18 -13.21
C ALA A 707 6.23 -11.73 -12.66
N SER A 708 6.59 -11.40 -11.42
CA SER A 708 7.83 -11.95 -10.91
C SER A 708 7.50 -13.44 -10.82
N SER A 709 8.50 -14.30 -10.82
CA SER A 709 8.25 -15.73 -10.77
C SER A 709 7.39 -16.20 -9.60
N THR A 710 7.83 -15.95 -8.37
CA THR A 710 7.08 -16.37 -7.20
C THR A 710 5.69 -15.75 -7.13
N ALA A 711 5.57 -14.47 -7.43
CA ALA A 711 4.26 -13.81 -7.39
C ALA A 711 3.32 -14.37 -8.45
N HIS A 712 3.83 -14.61 -9.65
CA HIS A 712 3.01 -15.15 -10.72
C HIS A 712 2.37 -16.47 -10.28
N GLN A 713 3.16 -17.33 -9.68
CA GLN A 713 2.65 -18.61 -9.24
C GLN A 713 1.65 -18.39 -8.10
N HIS A 714 2.03 -17.57 -7.13
CA HIS A 714 1.18 -17.30 -5.98
C HIS A 714 -0.20 -16.75 -6.35
N ILE A 715 -0.23 -15.78 -7.24
CA ILE A 715 -1.49 -15.17 -7.62
C ILE A 715 -2.43 -16.12 -8.31
N TYR A 716 -1.91 -17.01 -9.14
CA TYR A 716 -2.80 -17.93 -9.83
C TYR A 716 -3.26 -19.05 -8.93
N SER A 717 -2.43 -19.43 -7.98
CA SER A 717 -2.82 -20.48 -7.06
C SER A 717 -3.94 -19.91 -6.22
N HIS A 718 -3.77 -18.66 -5.79
CA HIS A 718 -4.76 -17.98 -4.96
C HIS A 718 -6.11 -17.80 -5.66
N MET A 719 -6.08 -17.47 -6.95
CA MET A 719 -7.32 -17.30 -7.71
C MET A 719 -7.98 -18.65 -7.94
N SER A 720 -7.16 -19.68 -8.10
CA SER A 720 -7.65 -21.04 -8.31
C SER A 720 -8.48 -21.43 -7.10
N HIS A 721 -7.90 -21.31 -5.91
CA HIS A 721 -8.63 -21.65 -4.70
C HIS A 721 -9.88 -20.78 -4.53
N PHE A 722 -9.82 -19.53 -4.97
CA PHE A 722 -10.98 -18.66 -4.85
C PHE A 722 -12.13 -19.20 -5.68
N LEU A 723 -11.84 -19.69 -6.88
CA LEU A 723 -12.88 -20.24 -7.74
C LEU A 723 -13.38 -21.57 -7.16
N GLN A 724 -12.44 -22.40 -6.70
CA GLN A 724 -12.77 -23.68 -6.11
C GLN A 724 -13.73 -23.47 -4.93
N GLN A 725 -13.44 -22.49 -4.07
CA GLN A 725 -14.32 -22.22 -2.95
C GLN A 725 -15.65 -21.75 -3.55
N CYS A 726 -15.60 -20.74 -4.42
CA CYS A 726 -16.83 -20.22 -5.03
C CYS A 726 -17.66 -21.24 -5.81
N PHE A 727 -17.02 -22.14 -6.54
CA PHE A 727 -17.73 -23.16 -7.32
C PHE A 727 -18.00 -24.47 -6.58
N SER A 728 -17.73 -24.46 -5.28
CA SER A 728 -17.97 -25.62 -4.41
C SER A 728 -17.16 -26.86 -4.78
N LEU A 729 -16.10 -26.69 -5.55
CA LEU A 729 -15.23 -27.81 -5.93
C LEU A 729 -14.25 -27.96 -4.76
N ARG A 730 -12.95 -27.96 -5.09
CA ARG A 730 -11.83 -28.05 -4.11
C ARG A 730 -12.01 -28.91 -2.85
N ARG B 1 -34.13 -16.62 25.53
CA ARG B 1 -32.88 -17.37 25.22
C ARG B 1 -32.14 -16.77 24.00
N ARG B 2 -31.75 -15.49 24.09
CA ARG B 2 -31.02 -14.79 23.01
C ARG B 2 -29.53 -14.79 23.30
N THR B 3 -28.70 -14.88 22.25
CA THR B 3 -27.24 -14.89 22.40
C THR B 3 -26.71 -13.47 22.15
N TYR B 4 -25.44 -13.22 22.49
CA TYR B 4 -24.84 -11.90 22.25
C TYR B 4 -24.37 -11.88 20.78
N THR B 5 -25.14 -11.21 19.93
CA THR B 5 -24.88 -11.11 18.49
C THR B 5 -23.62 -10.28 18.14
N LEU B 6 -23.02 -10.53 16.96
CA LEU B 6 -21.84 -9.76 16.55
C LEU B 6 -22.34 -8.34 16.34
N ALA B 7 -23.62 -8.19 16.03
CA ALA B 7 -24.21 -6.87 15.84
C ALA B 7 -24.33 -6.20 17.22
N ASP B 8 -24.56 -7.00 18.25
CA ASP B 8 -24.67 -6.48 19.63
C ASP B 8 -23.39 -5.76 19.98
N TYR B 9 -22.30 -6.29 19.45
CA TYR B 9 -20.98 -5.74 19.67
C TYR B 9 -20.72 -4.54 18.76
N LEU B 10 -20.89 -4.76 17.46
CA LEU B 10 -20.65 -3.72 16.48
C LEU B 10 -21.52 -2.49 16.61
N LYS B 11 -22.79 -2.65 16.95
CA LYS B 11 -23.69 -1.51 17.10
C LYS B 11 -23.78 -1.04 18.55
N ASN B 12 -22.99 -1.66 19.43
CA ASN B 12 -22.98 -1.31 20.86
C ASN B 12 -24.40 -1.28 21.42
N THR B 13 -25.07 -2.43 21.32
CA THR B 13 -26.44 -2.56 21.79
C THR B 13 -26.56 -2.36 23.28
N PHE B 14 -25.66 -2.98 24.04
CA PHE B 14 -25.69 -2.87 25.48
C PHE B 14 -24.61 -1.93 25.97
N ARG B 15 -25.03 -0.74 26.36
CA ARG B 15 -24.14 0.29 26.86
C ARG B 15 -23.72 0.02 28.30
N VAL B 16 -22.42 0.18 28.58
CA VAL B 16 -21.90 -0.01 29.93
C VAL B 16 -21.63 1.39 30.47
N LYS B 17 -22.31 1.78 31.55
CA LYS B 17 -22.13 3.12 32.08
C LYS B 17 -20.98 3.28 33.08
N SER B 18 -20.67 4.55 33.36
CA SER B 18 -19.61 4.88 34.30
C SER B 18 -19.90 6.24 34.93
N TYR B 19 -19.05 6.65 35.88
CA TYR B 19 -19.23 7.94 36.52
C TYR B 19 -17.91 8.67 36.47
N SER B 20 -17.70 9.43 35.40
CA SER B 20 -16.46 10.18 35.26
C SER B 20 -16.63 11.59 35.80
N LEU B 21 -16.11 11.81 36.99
CA LEU B 21 -16.22 13.11 37.64
C LEU B 21 -14.94 13.93 37.55
N ARG B 22 -15.06 15.21 37.85
CA ARG B 22 -13.91 16.10 37.82
C ARG B 22 -13.81 16.88 39.13
N TRP B 23 -12.97 16.39 40.05
CA TRP B 23 -12.79 17.05 41.34
C TRP B 23 -12.39 18.51 41.16
N VAL B 24 -13.20 19.43 41.70
CA VAL B 24 -12.89 20.84 41.58
C VAL B 24 -12.23 21.36 42.85
N SER B 25 -12.51 20.69 43.96
CA SER B 25 -11.95 21.08 45.24
C SER B 25 -11.73 19.83 46.09
N ASP B 26 -11.64 20.03 47.40
CA ASP B 26 -11.46 18.89 48.28
C ASP B 26 -12.85 18.41 48.67
N SER B 27 -13.88 19.07 48.17
CA SER B 27 -15.25 18.70 48.56
C SER B 27 -16.34 18.80 47.49
N GLU B 28 -15.99 19.22 46.28
CA GLU B 28 -16.96 19.33 45.20
C GLU B 28 -16.35 18.80 43.89
N TYR B 29 -17.21 18.37 42.98
CA TYR B 29 -16.73 17.88 41.71
C TYR B 29 -17.70 18.27 40.61
N LEU B 30 -17.26 18.09 39.37
CA LEU B 30 -18.08 18.38 38.21
C LEU B 30 -18.51 17.08 37.55
N TYR B 31 -19.70 17.11 36.96
CA TYR B 31 -20.23 15.94 36.28
C TYR B 31 -21.10 16.34 35.10
N LYS B 32 -20.89 15.66 33.98
CA LYS B 32 -21.66 15.94 32.76
C LYS B 32 -22.93 15.10 32.85
N GLN B 33 -24.07 15.77 32.89
CA GLN B 33 -25.35 15.10 32.98
C GLN B 33 -26.29 15.71 31.94
N GLU B 34 -26.60 14.91 30.92
CA GLU B 34 -27.47 15.33 29.83
C GLU B 34 -26.95 16.65 29.25
N ASN B 35 -25.66 16.68 28.91
CA ASN B 35 -25.02 17.87 28.35
C ASN B 35 -25.20 19.13 29.19
N ASN B 36 -25.00 18.94 30.49
CA ASN B 36 -25.09 20.00 31.47
C ASN B 36 -24.01 19.68 32.46
N ILE B 37 -23.13 20.63 32.73
CA ILE B 37 -22.09 20.37 33.70
C ILE B 37 -22.67 20.74 35.06
N LEU B 38 -22.76 19.75 35.95
CA LEU B 38 -23.31 20.01 37.28
C LEU B 38 -22.25 19.90 38.36
N LEU B 39 -22.32 20.84 39.30
CA LEU B 39 -21.39 20.86 40.42
C LEU B 39 -22.05 20.07 41.55
N PHE B 40 -21.35 19.06 42.03
CA PHE B 40 -21.86 18.23 43.09
C PHE B 40 -21.09 18.44 44.38
N ASN B 41 -21.77 18.18 45.49
CA ASN B 41 -21.20 18.32 46.82
C ASN B 41 -20.98 16.93 47.41
N ALA B 42 -19.73 16.44 47.41
CA ALA B 42 -19.49 15.13 48.02
C ALA B 42 -19.88 15.35 49.47
N GLU B 43 -20.63 14.38 50.03
CA GLU B 43 -21.13 14.43 51.41
C GLU B 43 -22.65 14.36 51.32
N HIS B 44 -23.25 15.30 50.57
CA HIS B 44 -24.70 15.33 50.35
C HIS B 44 -24.91 15.39 48.82
N GLY B 45 -25.92 14.70 48.30
CA GLY B 45 -26.17 14.75 46.87
C GLY B 45 -26.26 16.17 46.30
N ASN B 46 -26.34 17.16 47.20
CA ASN B 46 -26.42 18.59 46.89
C ASN B 46 -25.81 18.85 45.50
N SER B 47 -26.62 19.24 44.51
CA SER B 47 -26.02 19.50 43.19
C SER B 47 -26.12 20.99 42.85
N SER B 48 -26.23 21.30 41.55
CA SER B 48 -26.31 22.68 41.05
C SER B 48 -25.78 22.78 39.61
N ILE B 49 -26.49 23.50 38.74
CA ILE B 49 -26.05 23.66 37.35
C ILE B 49 -24.81 24.54 37.21
N PHE B 50 -23.76 24.02 36.57
CA PHE B 50 -22.52 24.78 36.36
C PHE B 50 -22.48 25.38 34.95
N LEU B 51 -22.87 24.58 33.97
CA LEU B 51 -22.93 25.00 32.57
C LEU B 51 -24.15 24.34 31.96
N GLU B 52 -24.88 25.09 31.13
CA GLU B 52 -26.11 24.55 30.56
C GLU B 52 -26.12 23.69 29.29
N ASN B 53 -27.23 22.94 29.15
CA ASN B 53 -27.54 22.08 28.00
C ASN B 53 -27.19 23.10 26.88
N SER B 54 -27.40 24.37 27.25
CA SER B 54 -27.13 25.55 26.40
C SER B 54 -25.64 25.68 26.09
N THR B 55 -25.11 26.90 26.18
CA THR B 55 -23.68 27.20 25.92
C THR B 55 -23.08 26.25 24.87
N PHE B 56 -22.86 24.99 25.26
CA PHE B 56 -22.34 23.94 24.38
C PHE B 56 -22.94 23.90 22.95
N GLU B 57 -24.13 24.46 22.75
CA GLU B 57 -24.71 24.40 21.40
C GLU B 57 -24.45 25.65 20.53
N ILE B 58 -23.87 26.70 21.11
CA ILE B 58 -23.55 27.89 20.33
C ILE B 58 -22.53 27.41 19.28
N PHE B 59 -21.54 26.62 19.76
CA PHE B 59 -20.50 26.05 18.93
C PHE B 59 -21.07 24.76 18.31
N GLY B 60 -22.33 24.92 17.88
CA GLY B 60 -23.08 23.84 17.26
C GLY B 60 -23.05 22.50 17.98
N ASP B 61 -22.62 21.52 17.22
CA ASP B 61 -22.54 20.13 17.67
C ASP B 61 -21.08 19.66 17.53
N SER B 62 -20.16 20.62 17.36
CA SER B 62 -18.76 20.26 17.23
C SER B 62 -18.04 20.50 18.54
N ILE B 63 -18.78 20.77 19.61
CA ILE B 63 -18.17 20.97 20.92
C ILE B 63 -17.58 19.64 21.41
N SER B 64 -16.32 19.46 21.10
CA SER B 64 -15.55 18.28 21.46
C SER B 64 -15.35 18.07 22.95
N ASP B 65 -14.97 19.12 23.67
CA ASP B 65 -14.72 18.97 25.10
C ASP B 65 -14.68 20.32 25.81
N TYR B 66 -14.52 20.27 27.13
CA TYR B 66 -14.48 21.48 27.93
C TYR B 66 -13.46 21.35 29.06
N SER B 67 -12.93 22.49 29.50
CA SER B 67 -11.96 22.52 30.58
C SER B 67 -12.22 23.77 31.39
N VAL B 68 -12.53 23.58 32.66
CA VAL B 68 -12.82 24.69 33.57
C VAL B 68 -11.57 25.18 34.29
N SER B 69 -11.31 26.48 34.21
CA SER B 69 -10.14 27.07 34.86
C SER B 69 -10.20 26.64 36.32
N PRO B 70 -9.05 26.47 36.97
CA PRO B 70 -9.10 26.06 38.38
C PRO B 70 -9.85 26.99 39.33
N ASP B 71 -9.92 28.29 39.03
CA ASP B 71 -10.65 29.22 39.88
C ASP B 71 -12.11 29.31 39.42
N ARG B 72 -12.54 28.28 38.71
CA ARG B 72 -13.90 28.18 38.20
C ARG B 72 -14.47 29.47 37.66
N LEU B 73 -13.62 30.33 37.11
CA LEU B 73 -14.13 31.59 36.57
C LEU B 73 -14.37 31.53 35.06
N PHE B 74 -13.66 30.63 34.38
CA PHE B 74 -13.81 30.49 32.94
C PHE B 74 -13.84 29.04 32.52
N VAL B 75 -14.25 28.82 31.27
CA VAL B 75 -14.32 27.47 30.74
C VAL B 75 -13.82 27.48 29.31
N LEU B 76 -12.93 26.53 29.00
CA LEU B 76 -12.39 26.37 27.66
C LEU B 76 -13.34 25.46 26.90
N LEU B 77 -13.82 25.92 25.75
CA LEU B 77 -14.72 25.12 24.95
C LEU B 77 -13.98 24.69 23.71
N GLU B 78 -13.75 23.38 23.62
CA GLU B 78 -13.02 22.79 22.52
C GLU B 78 -13.97 22.37 21.41
N TYR B 79 -13.58 22.57 20.16
CA TYR B 79 -14.42 22.20 19.03
C TYR B 79 -13.57 22.16 17.76
N ASN B 80 -14.05 21.46 16.74
CA ASN B 80 -13.32 21.30 15.48
C ASN B 80 -12.07 20.46 15.71
N TYR B 81 -12.27 19.40 16.49
CA TYR B 81 -11.27 18.43 16.87
C TYR B 81 -10.84 17.65 15.64
N VAL B 82 -9.52 17.51 15.49
CA VAL B 82 -8.94 16.77 14.37
C VAL B 82 -7.81 15.91 14.91
N LYS B 83 -7.97 14.59 14.84
CA LYS B 83 -6.96 13.67 15.33
C LYS B 83 -5.67 13.74 14.55
N GLN B 84 -4.61 13.23 15.16
CA GLN B 84 -3.27 13.21 14.58
C GLN B 84 -2.43 12.33 15.50
N TRP B 85 -2.25 11.06 15.15
CA TRP B 85 -1.48 10.14 16.00
C TRP B 85 -2.32 9.72 17.19
N ARG B 86 -1.72 8.93 18.07
CA ARG B 86 -2.42 8.41 19.23
C ARG B 86 -2.98 9.43 20.18
N HIS B 87 -2.22 10.48 20.48
CA HIS B 87 -2.69 11.48 21.43
C HIS B 87 -2.78 12.91 20.90
N SER B 88 -2.01 13.21 19.88
CA SER B 88 -2.00 14.54 19.30
C SER B 88 -3.33 14.82 18.59
N TYR B 89 -3.63 16.10 18.43
CA TYR B 89 -4.84 16.53 17.76
C TYR B 89 -4.89 18.03 17.85
N THR B 90 -5.60 18.66 16.91
CA THR B 90 -5.72 20.11 16.91
C THR B 90 -7.17 20.45 17.03
N ALA B 91 -7.47 21.58 17.67
CA ALA B 91 -8.84 22.02 17.84
C ALA B 91 -8.90 23.55 17.85
N SER B 92 -10.13 24.06 17.90
CA SER B 92 -10.40 25.50 17.95
C SER B 92 -10.94 25.73 19.36
N TYR B 93 -10.69 26.92 19.91
CA TYR B 93 -11.15 27.17 21.27
C TYR B 93 -11.87 28.49 21.50
N SER B 94 -12.68 28.52 22.55
CA SER B 94 -13.41 29.72 22.96
C SER B 94 -13.45 29.77 24.47
N ILE B 95 -13.11 30.92 25.04
CA ILE B 95 -13.13 31.06 26.48
C ILE B 95 -14.51 31.61 26.84
N TYR B 96 -15.19 30.94 27.77
CA TYR B 96 -16.50 31.38 28.22
C TYR B 96 -16.36 32.00 29.59
N ASP B 97 -16.78 33.26 29.72
CA ASP B 97 -16.69 33.95 31.01
C ASP B 97 -17.91 33.56 31.85
N LEU B 98 -17.70 32.74 32.87
CA LEU B 98 -18.79 32.31 33.72
C LEU B 98 -19.48 33.52 34.34
N ASN B 99 -18.68 34.32 35.04
CA ASN B 99 -19.18 35.51 35.70
C ASN B 99 -19.90 36.46 34.74
N LYS B 100 -19.18 37.00 33.76
CA LYS B 100 -19.74 37.94 32.78
C LYS B 100 -20.82 37.25 31.93
N ARG B 101 -20.95 35.93 32.11
CA ARG B 101 -21.93 35.12 31.39
C ARG B 101 -21.95 35.32 29.87
N GLN B 102 -20.86 34.94 29.21
CA GLN B 102 -20.76 35.06 27.76
C GLN B 102 -19.35 34.70 27.27
N LEU B 103 -19.24 34.47 25.97
CA LEU B 103 -17.97 34.10 25.34
C LEU B 103 -17.06 35.28 25.12
N ILE B 104 -15.85 35.20 25.70
CA ILE B 104 -14.87 36.26 25.53
C ILE B 104 -14.59 36.25 24.04
N THR B 105 -14.54 37.42 23.46
CA THR B 105 -14.38 37.52 22.02
C THR B 105 -13.18 38.33 21.51
N GLU B 106 -12.52 39.04 22.42
CA GLU B 106 -11.38 39.91 22.07
C GLU B 106 -10.11 39.19 21.61
N GLU B 107 -9.18 38.98 22.53
CA GLU B 107 -7.93 38.32 22.19
C GLU B 107 -8.19 36.82 22.08
N LYS B 108 -8.83 36.39 20.99
CA LYS B 108 -9.15 34.97 20.79
C LYS B 108 -7.92 34.09 20.65
N ILE B 109 -8.14 32.79 20.66
CA ILE B 109 -7.05 31.82 20.56
C ILE B 109 -7.04 31.13 19.18
N PRO B 110 -5.89 31.18 18.48
CA PRO B 110 -5.64 30.63 17.14
C PRO B 110 -6.53 29.46 16.81
N ASN B 111 -7.03 29.46 15.57
CA ASN B 111 -7.94 28.42 15.12
C ASN B 111 -7.34 27.10 14.73
N ASN B 112 -6.25 26.69 15.38
CA ASN B 112 -5.66 25.41 15.06
C ASN B 112 -4.72 24.96 16.13
N THR B 113 -5.00 25.40 17.34
CA THR B 113 -4.15 25.08 18.46
C THR B 113 -3.83 23.60 18.56
N GLN B 114 -2.56 23.32 18.84
CA GLN B 114 -2.03 21.98 18.99
C GLN B 114 -2.13 21.53 20.45
N TRP B 115 -2.17 22.48 21.35
CA TRP B 115 -2.27 22.14 22.77
C TRP B 115 -2.57 23.38 23.62
N ILE B 116 -3.31 23.18 24.69
CA ILE B 116 -3.65 24.26 25.59
C ILE B 116 -3.92 23.72 27.00
N THR B 117 -3.73 24.58 27.99
CA THR B 117 -3.93 24.19 29.37
C THR B 117 -3.98 25.39 30.29
N TRP B 118 -4.68 25.24 31.40
CA TRP B 118 -4.77 26.32 32.37
C TRP B 118 -3.56 26.13 33.26
N SER B 119 -3.29 27.11 34.10
CA SER B 119 -2.20 26.98 35.05
C SER B 119 -2.82 26.10 36.12
N GLN B 120 -2.12 25.86 37.21
CA GLN B 120 -2.69 25.05 38.28
C GLN B 120 -3.50 25.96 39.23
N GLU B 121 -3.31 27.27 39.07
CA GLU B 121 -3.92 28.27 39.93
C GLU B 121 -5.12 29.03 39.38
N GLY B 122 -4.85 30.24 38.91
CA GLY B 122 -5.91 31.10 38.42
C GLY B 122 -6.40 30.75 37.04
N HIS B 123 -6.35 31.73 36.16
CA HIS B 123 -6.83 31.58 34.81
C HIS B 123 -5.74 31.81 33.78
N LYS B 124 -4.52 31.38 34.11
CA LYS B 124 -3.43 31.56 33.17
C LYS B 124 -3.55 30.47 32.11
N LEU B 125 -3.23 30.83 30.87
CA LEU B 125 -3.29 29.91 29.74
C LEU B 125 -1.96 29.83 28.99
N ALA B 126 -1.58 28.60 28.64
CA ALA B 126 -0.38 28.34 27.88
C ALA B 126 -0.87 27.46 26.75
N TYR B 127 -0.53 27.81 25.52
CA TYR B 127 -0.96 27.01 24.38
C TYR B 127 0.09 27.00 23.27
N VAL B 128 0.18 25.89 22.56
CA VAL B 128 1.14 25.74 21.47
C VAL B 128 0.36 25.87 20.19
N TRP B 129 0.94 26.59 19.25
CA TRP B 129 0.31 26.81 17.96
C TRP B 129 1.43 27.02 16.95
N LYS B 130 1.44 26.26 15.88
CA LYS B 130 2.49 26.38 14.88
C LYS B 130 3.84 26.05 15.53
N ASN B 131 3.81 25.12 16.47
CA ASN B 131 4.99 24.66 17.18
C ASN B 131 5.64 25.68 18.10
N ASP B 132 4.91 26.76 18.40
CA ASP B 132 5.41 27.80 19.30
C ASP B 132 4.50 27.97 20.50
N ILE B 133 5.10 28.25 21.65
CA ILE B 133 4.37 28.43 22.90
C ILE B 133 3.90 29.87 23.07
N TYR B 134 2.67 30.03 23.54
CA TYR B 134 2.09 31.35 23.79
C TYR B 134 1.44 31.37 25.17
N VAL B 135 1.54 32.50 25.87
CA VAL B 135 0.96 32.63 27.20
C VAL B 135 -0.02 33.81 27.27
N LYS B 136 -1.10 33.63 28.02
CA LYS B 136 -2.11 34.67 28.22
C LYS B 136 -2.38 34.73 29.71
N ILE B 137 -1.85 35.75 30.38
CA ILE B 137 -2.01 35.88 31.82
C ILE B 137 -3.47 35.84 32.27
N GLU B 138 -4.37 36.27 31.39
CA GLU B 138 -5.77 36.28 31.69
C GLU B 138 -6.54 36.26 30.35
N PRO B 139 -7.66 35.51 30.29
CA PRO B 139 -8.52 35.34 29.12
C PRO B 139 -8.82 36.53 28.20
N HIS B 140 -9.06 37.71 28.77
CA HIS B 140 -9.37 38.88 27.97
C HIS B 140 -8.12 39.52 27.37
N LEU B 141 -7.00 39.36 28.06
CA LEU B 141 -5.73 39.93 27.65
C LEU B 141 -5.07 39.33 26.43
N PRO B 142 -4.16 40.09 25.80
CA PRO B 142 -3.44 39.64 24.61
C PRO B 142 -2.40 38.54 24.83
N SER B 143 -2.23 37.73 23.79
CA SER B 143 -1.33 36.58 23.77
C SER B 143 0.16 36.95 23.69
N HIS B 144 0.97 36.42 24.61
CA HIS B 144 2.43 36.69 24.62
C HIS B 144 3.19 35.51 24.03
N ARG B 145 3.92 35.75 22.94
CA ARG B 145 4.67 34.67 22.31
C ARG B 145 5.95 34.35 23.07
N ILE B 146 6.09 33.09 23.48
CA ILE B 146 7.24 32.63 24.25
C ILE B 146 8.39 32.10 23.41
N THR B 147 8.08 31.42 22.30
CA THR B 147 9.13 30.88 21.43
C THR B 147 8.85 31.27 19.97
N SER B 148 9.84 31.11 19.11
CA SER B 148 9.67 31.46 17.71
C SER B 148 10.48 30.53 16.80
N THR B 149 11.25 29.64 17.42
CA THR B 149 12.08 28.68 16.72
C THR B 149 11.22 27.58 16.12
N GLY B 150 9.95 27.55 16.54
CA GLY B 150 9.02 26.53 16.08
C GLY B 150 8.95 26.33 14.59
N LYS B 151 8.89 25.08 14.16
CA LYS B 151 8.83 24.74 12.73
C LYS B 151 8.38 23.31 12.54
N GLU B 152 7.31 23.14 11.75
CA GLU B 152 6.75 21.82 11.50
C GLU B 152 7.75 20.73 11.16
N ASN B 153 7.61 19.58 11.83
CA ASN B 153 8.47 18.42 11.63
C ASN B 153 9.94 18.67 11.79
N VAL B 154 10.31 19.74 12.48
CA VAL B 154 11.70 20.03 12.70
C VAL B 154 11.91 20.45 14.14
N ILE B 155 11.30 21.57 14.53
CA ILE B 155 11.43 22.08 15.88
C ILE B 155 10.11 22.10 16.61
N PHE B 156 10.03 21.35 17.69
CA PHE B 156 8.82 21.27 18.50
C PHE B 156 8.99 22.02 19.82
N ASN B 157 8.14 23.00 20.07
CA ASN B 157 8.21 23.77 21.31
C ASN B 157 7.00 23.55 22.19
N GLY B 158 7.13 22.77 23.25
CA GLY B 158 5.98 22.56 24.13
C GLY B 158 5.09 21.39 23.79
N ILE B 159 5.42 20.68 22.72
CA ILE B 159 4.66 19.52 22.30
C ILE B 159 5.72 18.48 21.95
N ASN B 160 5.36 17.19 21.93
CA ASN B 160 6.32 16.14 21.62
C ASN B 160 6.36 15.76 20.15
N ASP B 161 7.53 15.33 19.66
CA ASP B 161 7.62 14.91 18.26
C ASP B 161 6.97 13.52 18.24
N TRP B 162 6.87 12.88 17.09
CA TRP B 162 6.19 11.60 17.05
C TRP B 162 6.60 10.55 18.07
N VAL B 163 7.89 10.21 18.09
CA VAL B 163 8.39 9.18 19.00
C VAL B 163 8.25 9.51 20.47
N TYR B 164 8.39 10.78 20.84
CA TYR B 164 8.28 11.17 22.24
C TYR B 164 6.82 11.09 22.72
N GLU B 165 5.92 11.53 21.84
CA GLU B 165 4.50 11.55 22.11
C GLU B 165 3.96 10.14 22.26
N GLU B 166 4.58 9.20 21.57
CA GLU B 166 4.16 7.82 21.59
C GLU B 166 4.84 6.93 22.61
N GLU B 167 6.17 7.01 22.69
CA GLU B 167 6.96 6.16 23.58
C GLU B 167 7.47 6.66 24.92
N ILE B 168 7.65 7.97 25.08
CA ILE B 168 8.16 8.52 26.34
C ILE B 168 7.01 9.01 27.21
N PHE B 169 6.49 10.18 26.87
CA PHE B 169 5.35 10.74 27.59
C PHE B 169 4.14 10.10 26.95
N GLY B 170 3.06 9.97 27.69
CA GLY B 170 1.91 9.36 27.08
C GLY B 170 1.07 10.30 26.27
N ALA B 171 1.49 11.55 26.12
CA ALA B 171 0.67 12.50 25.36
C ALA B 171 1.43 13.48 24.46
N TYR B 172 0.67 14.43 23.93
CA TYR B 172 1.19 15.44 23.02
C TYR B 172 1.87 16.57 23.76
N SER B 173 1.40 16.84 24.98
CA SER B 173 1.94 17.93 25.78
C SER B 173 3.39 17.84 26.28
N ALA B 174 4.06 18.99 26.25
CA ALA B 174 5.44 19.12 26.72
C ALA B 174 5.56 20.45 27.50
N LEU B 175 4.46 20.81 28.18
CA LEU B 175 4.38 22.02 29.01
C LEU B 175 4.14 21.62 30.46
N TRP B 176 4.59 22.46 31.39
CA TRP B 176 4.42 22.19 32.82
C TRP B 176 4.40 23.48 33.65
N TRP B 177 3.22 23.94 34.05
CA TRP B 177 3.12 25.14 34.88
C TRP B 177 3.61 24.82 36.28
N SER B 178 4.31 25.76 36.89
CA SER B 178 4.77 25.53 38.25
C SER B 178 3.58 25.87 39.14
N PRO B 179 3.57 25.40 40.40
CA PRO B 179 2.44 25.74 41.26
C PRO B 179 2.57 27.26 41.43
N ASN B 180 1.47 27.97 41.65
CA ASN B 180 1.52 29.42 41.80
C ASN B 180 1.80 30.10 40.45
N GLY B 181 1.94 29.29 39.41
CA GLY B 181 2.14 29.79 38.05
C GLY B 181 3.15 30.88 37.76
N THR B 182 4.25 30.92 38.50
CA THR B 182 5.25 31.93 38.21
C THR B 182 5.98 31.49 36.94
N PHE B 183 6.51 30.28 37.00
CA PHE B 183 7.25 29.73 35.87
C PHE B 183 6.43 28.80 35.01
N LEU B 184 6.91 28.62 33.79
CA LEU B 184 6.30 27.71 32.82
C LEU B 184 7.48 26.97 32.22
N ALA B 185 7.58 25.68 32.51
CA ALA B 185 8.67 24.88 31.98
C ALA B 185 8.20 24.22 30.69
N TYR B 186 9.14 23.88 29.82
CA TYR B 186 8.79 23.22 28.58
C TYR B 186 9.99 22.53 27.95
N ALA B 187 9.72 21.62 27.02
CA ALA B 187 10.76 20.90 26.33
C ALA B 187 10.74 21.33 24.88
N GLN B 188 11.89 21.21 24.22
CA GLN B 188 12.03 21.56 22.83
C GLN B 188 12.77 20.43 22.13
N PHE B 189 12.20 19.90 21.06
CA PHE B 189 12.83 18.81 20.35
C PHE B 189 13.27 19.21 18.95
N ASN B 190 14.45 18.73 18.55
CA ASN B 190 15.01 18.99 17.22
C ASN B 190 14.98 17.64 16.50
N ASP B 191 14.16 17.52 15.46
CA ASP B 191 14.02 16.28 14.69
C ASP B 191 14.90 16.32 13.47
N THR B 192 15.87 17.23 13.44
CA THR B 192 16.70 17.38 12.26
C THR B 192 17.35 16.16 11.62
N GLY B 193 18.16 15.42 12.36
CA GLY B 193 18.76 14.26 11.73
C GLY B 193 17.86 13.04 11.60
N VAL B 194 16.68 13.09 12.20
CA VAL B 194 15.75 11.96 12.17
C VAL B 194 15.22 11.65 10.79
N PRO B 195 15.37 10.40 10.33
CA PRO B 195 14.92 9.92 9.02
C PRO B 195 13.42 10.04 8.85
N LEU B 196 12.94 9.99 7.62
CA LEU B 196 11.50 10.11 7.39
C LEU B 196 10.87 8.83 6.86
N ILE B 197 9.60 8.61 7.18
CA ILE B 197 8.84 7.47 6.69
C ILE B 197 7.80 8.16 5.85
N GLU B 198 7.40 7.57 4.73
CA GLU B 198 6.43 8.23 3.88
C GLU B 198 5.40 7.30 3.29
N TYR B 199 4.21 7.28 3.88
CA TYR B 199 3.12 6.45 3.38
C TYR B 199 2.13 7.27 2.55
N SER B 200 1.36 6.61 1.71
CA SER B 200 0.38 7.33 0.89
C SER B 200 -0.98 7.48 1.54
N PHE B 201 -1.69 8.53 1.18
CA PHE B 201 -3.03 8.76 1.69
C PHE B 201 -3.93 9.02 0.50
N TYR B 202 -4.98 8.24 0.35
CA TYR B 202 -5.86 8.39 -0.81
C TYR B 202 -7.02 9.34 -0.67
N SER B 203 -7.46 9.58 0.55
CA SER B 203 -8.55 10.51 0.81
C SER B 203 -9.78 10.19 -0.03
N ASP B 204 -10.72 11.14 -0.15
CA ASP B 204 -11.94 10.94 -0.93
C ASP B 204 -11.62 10.49 -2.32
N GLU B 205 -12.58 9.85 -2.98
CA GLU B 205 -12.32 9.37 -4.31
C GLU B 205 -12.25 10.51 -5.30
N SER B 206 -12.48 11.73 -4.82
CA SER B 206 -12.41 12.89 -5.72
C SER B 206 -10.99 13.41 -5.86
N LEU B 207 -10.11 12.99 -4.97
CA LEU B 207 -8.71 13.43 -5.03
C LEU B 207 -8.08 12.67 -6.17
N GLN B 208 -7.67 13.38 -7.23
CA GLN B 208 -7.08 12.73 -8.39
C GLN B 208 -5.70 12.11 -8.14
N TYR B 209 -4.85 12.80 -7.38
CA TYR B 209 -3.52 12.28 -7.05
C TYR B 209 -3.42 12.07 -5.53
N PRO B 210 -3.09 10.86 -5.09
CA PRO B 210 -2.97 10.65 -3.64
C PRO B 210 -1.87 11.49 -2.98
N LYS B 211 -2.08 11.87 -1.72
CA LYS B 211 -1.08 12.67 -1.01
C LYS B 211 0.03 11.77 -0.51
N THR B 212 1.04 12.38 0.10
CA THR B 212 2.13 11.62 0.68
C THR B 212 2.39 12.24 2.05
N VAL B 213 2.27 11.45 3.10
CA VAL B 213 2.49 11.95 4.45
C VAL B 213 3.88 11.52 4.89
N TRP B 214 4.67 12.46 5.38
CA TRP B 214 6.00 12.10 5.86
C TRP B 214 6.10 12.45 7.33
N ILE B 215 6.81 11.61 8.08
CA ILE B 215 6.94 11.83 9.50
C ILE B 215 8.33 11.53 10.00
N PRO B 216 8.94 12.46 10.73
CA PRO B 216 10.28 12.15 11.24
C PRO B 216 10.09 11.03 12.26
N TYR B 217 10.48 9.82 11.86
CA TYR B 217 10.32 8.59 12.64
C TYR B 217 11.62 7.79 12.76
N PRO B 218 12.18 7.71 13.96
CA PRO B 218 13.41 6.95 14.09
C PRO B 218 13.18 5.47 14.34
N LYS B 219 13.63 4.64 13.39
CA LYS B 219 13.48 3.19 13.54
C LYS B 219 14.65 2.72 14.39
N ALA B 220 14.61 1.47 14.83
CA ALA B 220 15.68 0.96 15.68
C ALA B 220 17.06 1.35 15.18
N GLY B 221 17.86 1.93 16.09
CA GLY B 221 19.21 2.33 15.73
C GLY B 221 19.41 3.64 15.00
N ALA B 222 18.35 4.21 14.45
CA ALA B 222 18.47 5.46 13.70
C ALA B 222 18.72 6.68 14.58
N VAL B 223 19.06 7.79 13.95
CA VAL B 223 19.33 9.05 14.64
C VAL B 223 18.06 9.52 15.33
N ASN B 224 18.14 9.77 16.62
CA ASN B 224 16.98 10.21 17.40
C ASN B 224 16.88 11.71 17.52
N PRO B 225 15.69 12.20 17.89
CA PRO B 225 15.52 13.64 18.05
C PRO B 225 16.35 14.07 19.24
N THR B 226 16.54 15.37 19.42
CA THR B 226 17.33 15.86 20.54
C THR B 226 16.44 16.72 21.43
N VAL B 227 16.85 16.91 22.69
CA VAL B 227 16.05 17.69 23.63
C VAL B 227 16.76 18.84 24.33
N LYS B 228 15.97 19.73 24.90
CA LYS B 228 16.45 20.88 25.66
C LYS B 228 15.32 21.24 26.61
N PHE B 229 15.66 21.60 27.84
CA PHE B 229 14.64 21.96 28.81
C PHE B 229 14.73 23.44 29.18
N PHE B 230 13.60 24.13 29.12
CA PHE B 230 13.57 25.54 29.46
C PHE B 230 12.51 25.87 30.51
N ILE B 231 12.73 26.99 31.19
CA ILE B 231 11.80 27.48 32.19
C ILE B 231 11.78 28.98 31.96
N VAL B 232 10.61 29.52 31.68
CA VAL B 232 10.48 30.95 31.43
C VAL B 232 9.64 31.58 32.53
N ASN B 233 10.00 32.80 32.93
CA ASN B 233 9.29 33.52 33.99
C ASN B 233 8.08 34.28 33.46
N THR B 234 6.91 33.76 33.79
CA THR B 234 5.62 34.30 33.38
C THR B 234 5.26 35.71 33.89
N ASP B 235 5.70 36.03 35.10
CA ASP B 235 5.39 37.33 35.71
C ASP B 235 5.97 38.56 35.02
N SER B 236 6.92 38.40 34.11
CA SER B 236 7.52 39.57 33.46
C SER B 236 6.92 39.93 32.11
N LEU B 237 6.31 38.97 31.43
CA LEU B 237 5.75 39.18 30.10
C LEU B 237 5.24 40.57 29.74
N SER B 238 4.54 41.22 30.65
CA SER B 238 3.97 42.56 30.41
C SER B 238 4.98 43.71 30.34
N SER B 239 6.19 43.50 30.89
CA SER B 239 7.21 44.53 30.90
C SER B 239 8.28 44.35 29.84
N THR B 240 8.08 43.42 28.91
CA THR B 240 9.08 43.19 27.85
C THR B 240 8.37 42.86 26.58
N THR B 241 9.11 42.83 25.47
CA THR B 241 8.53 42.43 24.20
C THR B 241 8.87 40.96 24.14
N THR B 242 10.02 40.61 24.70
CA THR B 242 10.48 39.23 24.72
C THR B 242 11.11 38.86 26.05
N THR B 243 10.83 37.65 26.53
CA THR B 243 11.42 37.19 27.77
C THR B 243 12.44 36.13 27.39
N ILE B 244 13.51 36.02 28.17
CA ILE B 244 14.54 35.03 27.86
C ILE B 244 14.45 33.83 28.79
N PRO B 245 14.02 32.68 28.25
CA PRO B 245 13.90 31.46 29.06
C PRO B 245 15.24 30.99 29.59
N MET B 246 15.22 30.32 30.73
CA MET B 246 16.45 29.80 31.30
C MET B 246 16.48 28.31 30.97
N GLN B 247 17.62 27.83 30.51
CA GLN B 247 17.75 26.45 30.14
C GLN B 247 18.41 25.60 31.21
N ILE B 248 17.90 24.39 31.38
CA ILE B 248 18.46 23.44 32.32
C ILE B 248 19.13 22.41 31.44
N THR B 249 20.35 22.04 31.78
CA THR B 249 21.02 21.06 30.96
C THR B 249 21.06 19.72 31.68
N ALA B 250 20.69 18.66 30.95
CA ALA B 250 20.65 17.33 31.53
C ALA B 250 21.95 17.02 32.29
N PRO B 251 21.86 16.13 33.28
CA PRO B 251 23.05 15.74 34.07
C PRO B 251 24.17 15.10 33.22
N ALA B 252 25.42 15.43 33.55
CA ALA B 252 26.60 14.93 32.84
C ALA B 252 26.61 13.42 32.56
N SER B 253 26.20 12.63 33.53
CA SER B 253 26.20 11.18 33.37
C SER B 253 25.22 10.71 32.28
N VAL B 254 24.71 11.65 31.49
CA VAL B 254 23.73 11.33 30.46
C VAL B 254 24.04 11.97 29.09
N THR B 255 24.78 13.08 29.15
CA THR B 255 25.16 13.88 28.00
C THR B 255 26.22 13.34 27.03
N THR B 256 26.97 12.33 27.43
CA THR B 256 28.02 11.79 26.58
C THR B 256 27.54 11.28 25.22
N GLY B 257 26.32 10.72 25.21
CA GLY B 257 25.74 10.20 23.98
C GLY B 257 24.24 10.41 23.96
N ASP B 258 23.57 9.79 23.00
CA ASP B 258 22.13 9.93 22.88
C ASP B 258 21.46 9.69 24.23
N HIS B 259 20.36 10.38 24.46
CA HIS B 259 19.61 10.24 25.71
C HIS B 259 18.21 10.83 25.54
N TYR B 260 17.33 10.62 26.52
CA TYR B 260 15.98 11.17 26.43
C TYR B 260 15.56 11.82 27.74
N LEU B 261 14.45 12.56 27.68
CA LEU B 261 13.88 13.21 28.85
C LEU B 261 12.72 12.28 29.26
N CYS B 262 12.76 11.78 30.49
CA CYS B 262 11.76 10.85 31.02
C CYS B 262 10.48 11.39 31.59
N ASP B 263 10.63 12.31 32.55
CA ASP B 263 9.49 12.86 33.25
C ASP B 263 9.84 14.20 33.89
N VAL B 264 8.83 15.05 34.01
CA VAL B 264 8.97 16.37 34.60
C VAL B 264 7.98 16.44 35.76
N ALA B 265 8.44 16.90 36.91
CA ALA B 265 7.56 16.99 38.07
C ALA B 265 7.90 18.20 38.97
N TRP B 266 7.00 19.16 39.05
CA TRP B 266 7.23 20.33 39.91
C TRP B 266 7.08 19.98 41.38
N VAL B 267 8.13 20.21 42.17
CA VAL B 267 8.10 19.92 43.60
C VAL B 267 7.39 21.04 44.34
N SER B 268 7.92 22.26 44.22
CA SER B 268 7.32 23.44 44.83
C SER B 268 7.48 24.49 43.74
N GLU B 269 7.44 25.77 44.06
CA GLU B 269 7.61 26.73 42.98
C GLU B 269 9.05 27.17 42.75
N ASP B 270 9.98 26.60 43.52
CA ASP B 270 11.39 26.93 43.37
C ASP B 270 12.18 25.66 43.26
N ARG B 271 11.46 24.57 43.05
CA ARG B 271 12.10 23.27 42.93
C ARG B 271 11.34 22.46 41.88
N ILE B 272 12.10 21.87 40.97
CA ILE B 272 11.52 21.05 39.92
C ILE B 272 12.33 19.75 39.80
N SER B 273 11.65 18.68 39.43
CA SER B 273 12.28 17.37 39.27
C SER B 273 12.24 16.93 37.81
N LEU B 274 13.39 16.51 37.30
CA LEU B 274 13.47 16.06 35.91
C LEU B 274 14.14 14.70 35.90
N GLN B 275 13.63 13.80 35.06
CA GLN B 275 14.21 12.46 34.95
C GLN B 275 14.77 12.29 33.55
N TRP B 276 16.00 11.80 33.48
CA TRP B 276 16.66 11.59 32.20
C TRP B 276 17.01 10.13 32.02
N LEU B 277 17.08 9.69 30.78
CA LEU B 277 17.37 8.31 30.47
C LEU B 277 18.37 8.22 29.33
N ARG B 278 19.29 7.26 29.41
CA ARG B 278 20.27 7.09 28.34
C ARG B 278 19.60 6.32 27.21
N ARG B 279 20.11 6.47 25.99
CA ARG B 279 19.50 5.77 24.86
C ARG B 279 19.35 4.30 25.17
N ILE B 280 20.28 3.79 25.96
CA ILE B 280 20.25 2.40 26.41
C ILE B 280 19.70 2.54 27.83
N GLN B 281 18.39 2.37 27.94
CA GLN B 281 17.64 2.50 29.19
C GLN B 281 18.02 1.59 30.38
N ASN B 282 19.31 1.26 30.40
CA ASN B 282 20.05 0.44 31.37
C ASN B 282 20.18 1.41 32.60
N TYR B 283 20.37 2.69 32.29
CA TYR B 283 20.61 3.77 33.27
C TYR B 283 19.64 4.97 33.22
N SER B 284 19.32 5.50 34.40
CA SER B 284 18.40 6.64 34.52
C SER B 284 18.80 7.57 35.66
N VAL B 285 18.64 8.88 35.47
CA VAL B 285 18.97 9.85 36.52
C VAL B 285 17.84 10.84 36.74
N MET B 286 17.55 11.14 38.00
CA MET B 286 16.49 12.06 38.36
C MET B 286 17.05 13.23 39.14
N ALA B 287 17.39 14.31 38.46
CA ALA B 287 17.93 15.48 39.14
C ALA B 287 16.83 16.35 39.73
N ILE B 288 17.16 16.98 40.85
CA ILE B 288 16.25 17.89 41.53
C ILE B 288 16.90 19.26 41.38
N CYS B 289 16.17 20.23 40.86
CA CYS B 289 16.75 21.55 40.64
C CYS B 289 16.06 22.68 41.40
N ASP B 290 16.89 23.57 41.93
CA ASP B 290 16.42 24.71 42.71
C ASP B 290 16.66 26.04 42.01
N TYR B 291 15.73 26.97 42.23
CA TYR B 291 15.80 28.28 41.62
C TYR B 291 16.63 29.29 42.44
N ASP B 292 17.73 29.77 41.88
CA ASP B 292 18.58 30.75 42.54
C ASP B 292 17.96 32.12 42.28
N LYS B 293 17.48 32.78 43.33
CA LYS B 293 16.85 34.11 43.20
C LYS B 293 17.86 35.19 42.81
N THR B 294 19.08 35.06 43.33
CA THR B 294 20.14 36.04 43.06
C THR B 294 20.61 36.06 41.62
N THR B 295 21.15 34.96 41.15
CA THR B 295 21.66 34.90 39.79
C THR B 295 20.60 34.49 38.76
N LEU B 296 19.35 34.35 39.21
CA LEU B 296 18.19 33.99 38.38
C LEU B 296 18.53 32.83 37.44
N VAL B 297 18.85 31.69 38.05
CA VAL B 297 19.23 30.50 37.32
C VAL B 297 18.78 29.26 38.08
N TRP B 298 18.59 28.15 37.39
CA TRP B 298 18.23 26.92 38.09
C TRP B 298 19.49 26.08 38.25
N ASN B 299 19.65 25.47 39.43
CA ASN B 299 20.82 24.63 39.71
C ASN B 299 20.38 23.21 39.95
N CYS B 300 21.15 22.27 39.42
CA CYS B 300 20.83 20.87 39.61
C CYS B 300 22.07 20.16 40.14
N PRO B 301 22.46 20.48 41.39
CA PRO B 301 23.63 19.92 42.08
C PRO B 301 23.64 18.39 42.09
N THR B 302 24.76 17.81 41.68
CA THR B 302 24.88 16.35 41.65
C THR B 302 24.54 15.73 43.00
N THR B 303 24.59 16.54 44.06
CA THR B 303 24.27 16.08 45.41
C THR B 303 22.80 15.65 45.49
N GLN B 304 21.98 16.21 44.60
CA GLN B 304 20.57 15.88 44.58
C GLN B 304 20.27 15.07 43.30
N GLU B 305 21.28 14.35 42.82
CA GLU B 305 21.19 13.57 41.60
C GLU B 305 20.23 12.38 41.61
N HIS B 306 20.49 11.33 42.38
CA HIS B 306 19.59 10.14 42.39
C HIS B 306 19.63 9.28 41.12
N ILE B 307 20.24 8.10 41.23
CA ILE B 307 20.39 7.18 40.10
C ILE B 307 19.56 5.89 40.18
N GLU B 308 18.93 5.54 39.06
CA GLU B 308 18.14 4.31 38.98
C GLU B 308 18.79 3.40 37.94
N THR B 309 18.95 2.13 38.30
CA THR B 309 19.63 1.20 37.43
C THR B 309 18.95 -0.15 37.30
N SER B 310 19.34 -0.93 36.29
CA SER B 310 18.78 -2.25 36.08
C SER B 310 19.80 -3.17 35.44
N ALA B 311 20.20 -4.21 36.17
CA ALA B 311 21.17 -5.15 35.63
C ALA B 311 20.47 -6.26 34.87
N THR B 312 19.14 -6.32 34.98
CA THR B 312 18.33 -7.34 34.33
C THR B 312 17.75 -6.89 33.01
N GLY B 313 17.49 -5.60 32.86
CA GLY B 313 16.92 -5.12 31.62
C GLY B 313 16.80 -3.63 31.42
N TRP B 314 15.71 -3.05 31.90
CA TRP B 314 15.52 -1.62 31.71
C TRP B 314 14.84 -0.97 32.91
N CYS B 315 14.68 0.34 32.86
CA CYS B 315 14.05 1.05 33.97
C CYS B 315 12.58 1.26 33.88
N GLY B 316 11.91 0.86 34.96
CA GLY B 316 10.48 1.01 35.04
C GLY B 316 9.78 0.01 34.15
N ARG B 317 8.48 0.25 33.97
CA ARG B 317 7.66 -0.61 33.15
C ARG B 317 7.82 -0.12 31.70
N PHE B 318 7.58 1.17 31.50
CA PHE B 318 7.76 1.77 30.18
C PHE B 318 8.74 2.94 30.32
N ARG B 319 8.89 3.40 31.55
CA ARG B 319 9.79 4.49 31.90
C ARG B 319 9.84 4.58 33.42
N PRO B 320 10.92 5.18 33.98
CA PRO B 320 11.01 5.30 35.43
C PRO B 320 9.69 5.85 35.97
N ALA B 321 9.25 5.34 37.13
CA ALA B 321 8.00 5.79 37.74
C ALA B 321 8.14 7.26 38.21
N GLU B 322 7.01 7.93 38.38
CA GLU B 322 7.04 9.32 38.79
C GLU B 322 7.20 9.58 40.29
N PRO B 323 7.99 10.62 40.65
CA PRO B 323 8.17 10.93 42.07
C PRO B 323 6.96 11.67 42.64
N HIS B 324 6.73 11.48 43.94
CA HIS B 324 5.64 12.11 44.68
C HIS B 324 6.27 12.74 45.91
N PHE B 325 6.48 14.05 45.84
CA PHE B 325 7.11 14.79 46.93
C PHE B 325 6.17 15.19 48.08
N THR B 326 6.79 15.46 49.22
CA THR B 326 6.08 15.89 50.40
C THR B 326 5.82 17.38 50.22
N SER B 327 5.09 18.01 51.14
CA SER B 327 4.80 19.43 51.00
C SER B 327 6.06 20.26 50.95
N ASP B 328 6.83 20.18 52.04
CA ASP B 328 8.07 20.92 52.18
C ASP B 328 9.10 20.37 51.17
N GLY B 329 8.65 19.43 50.34
CA GLY B 329 9.49 18.83 49.31
C GLY B 329 10.84 18.32 49.77
N SER B 330 10.94 17.90 51.02
CA SER B 330 12.20 17.39 51.57
C SER B 330 12.44 15.94 51.19
N SER B 331 11.35 15.21 50.96
CA SER B 331 11.41 13.80 50.60
C SER B 331 10.39 13.49 49.53
N PHE B 332 10.49 12.30 48.96
CA PHE B 332 9.54 11.89 47.95
C PHE B 332 9.45 10.37 47.90
N TYR B 333 8.31 9.89 47.45
CA TYR B 333 8.08 8.46 47.34
C TYR B 333 7.99 8.13 45.86
N LYS B 334 8.64 7.04 45.46
CA LYS B 334 8.67 6.62 44.07
C LYS B 334 8.64 5.09 43.98
N ILE B 335 7.98 4.58 42.94
CA ILE B 335 7.90 3.13 42.74
C ILE B 335 9.13 2.59 42.04
N VAL B 336 9.91 1.76 42.72
CA VAL B 336 11.11 1.18 42.12
C VAL B 336 11.27 -0.28 42.55
N SER B 337 11.75 -1.10 41.62
CA SER B 337 11.96 -2.52 41.89
C SER B 337 12.89 -2.72 43.08
N ASP B 338 12.47 -3.51 44.06
CA ASP B 338 13.30 -3.77 45.23
C ASP B 338 14.31 -4.89 44.97
N LYS B 339 15.04 -5.25 46.02
CA LYS B 339 16.06 -6.28 45.92
C LYS B 339 15.59 -7.56 45.20
N ASP B 340 14.28 -7.88 45.30
CA ASP B 340 13.75 -9.09 44.67
C ASP B 340 13.14 -8.89 43.29
N GLY B 341 13.22 -7.67 42.79
CA GLY B 341 12.66 -7.38 41.48
C GLY B 341 11.20 -7.06 41.53
N TYR B 342 10.71 -6.58 42.67
CA TYR B 342 9.31 -6.25 42.78
C TYR B 342 9.09 -4.76 42.91
N LYS B 343 8.30 -4.23 41.99
CA LYS B 343 7.98 -2.81 41.97
C LYS B 343 7.24 -2.45 43.28
N HIS B 344 7.93 -1.70 44.15
CA HIS B 344 7.39 -1.25 45.45
C HIS B 344 7.72 0.21 45.77
N ILE B 345 6.93 0.79 46.67
CA ILE B 345 7.11 2.17 47.08
C ILE B 345 8.25 2.39 48.09
N CYS B 346 9.17 3.32 47.81
CA CYS B 346 10.16 3.62 48.84
C CYS B 346 10.53 5.09 48.90
N GLN B 347 11.00 5.49 50.10
CA GLN B 347 11.37 6.87 50.39
C GLN B 347 12.75 7.32 49.96
N PHE B 348 12.81 8.61 49.64
CA PHE B 348 14.01 9.27 49.21
C PHE B 348 14.09 10.62 49.89
N GLN B 349 15.31 11.12 49.99
CA GLN B 349 15.61 12.43 50.57
C GLN B 349 16.11 13.25 49.39
N LYS B 350 15.74 14.52 49.31
CA LYS B 350 16.20 15.32 48.17
C LYS B 350 17.70 15.02 47.89
N ASP B 351 18.51 14.89 48.93
CA ASP B 351 19.91 14.58 48.72
C ASP B 351 20.12 13.07 48.64
N ARG B 352 20.88 12.64 47.63
CA ARG B 352 21.15 11.22 47.46
C ARG B 352 22.03 10.75 48.61
N LYS B 353 21.93 9.45 48.92
CA LYS B 353 22.73 8.84 49.98
C LYS B 353 23.40 7.59 49.42
N PRO B 354 24.74 7.50 49.55
CA PRO B 354 25.58 6.39 49.08
C PRO B 354 25.04 4.94 49.26
N GLU B 355 24.41 4.43 48.19
CA GLU B 355 23.79 3.08 48.14
C GLU B 355 22.84 2.78 49.33
N GLN B 356 21.88 3.69 49.53
CA GLN B 356 20.88 3.61 50.59
C GLN B 356 19.88 4.73 50.29
N VAL B 357 19.89 5.21 49.04
CA VAL B 357 19.01 6.31 48.62
C VAL B 357 17.55 5.95 48.93
N CYS B 358 17.26 4.65 49.05
CA CYS B 358 15.90 4.22 49.35
C CYS B 358 15.66 3.54 50.67
N THR B 359 14.39 3.43 50.99
CA THR B 359 13.89 2.77 52.19
C THR B 359 12.50 2.37 51.73
N PHE B 360 12.32 1.08 51.53
CA PHE B 360 11.02 0.61 51.08
C PHE B 360 9.95 0.68 52.16
N ILE B 361 8.75 0.99 51.71
CA ILE B 361 7.59 1.12 52.57
C ILE B 361 6.65 -0.06 52.26
N THR B 362 7.06 -0.87 51.28
CA THR B 362 6.27 -2.02 50.83
C THR B 362 7.16 -3.21 50.46
N LYS B 363 6.68 -4.42 50.74
CA LYS B 363 7.43 -5.63 50.43
C LYS B 363 6.44 -6.69 49.99
N GLY B 364 6.95 -7.75 49.36
CA GLY B 364 6.08 -8.83 48.94
C GLY B 364 6.13 -9.26 47.48
N ALA B 365 5.61 -10.46 47.22
CA ALA B 365 5.57 -11.00 45.87
C ALA B 365 4.30 -10.49 45.20
N TRP B 366 4.25 -9.18 45.06
CA TRP B 366 3.15 -8.49 44.41
C TRP B 366 3.71 -7.10 44.11
N GLU B 367 2.97 -6.28 43.38
CA GLU B 367 3.50 -4.98 43.05
C GLU B 367 2.57 -3.79 43.24
N VAL B 368 3.16 -2.64 43.53
CA VAL B 368 2.37 -1.42 43.68
C VAL B 368 2.16 -0.92 42.25
N ILE B 369 0.91 -0.90 41.81
CA ILE B 369 0.61 -0.45 40.45
C ILE B 369 0.89 1.03 40.27
N SER B 370 0.39 1.85 41.19
CA SER B 370 0.58 3.28 41.10
C SER B 370 0.21 4.03 42.38
N ILE B 371 0.89 5.15 42.63
CA ILE B 371 0.63 5.97 43.80
C ILE B 371 -0.50 6.94 43.41
N GLU B 372 -1.53 7.04 44.25
CA GLU B 372 -2.67 7.89 43.94
C GLU B 372 -2.77 9.23 44.66
N ALA B 373 -2.17 9.33 45.85
CA ALA B 373 -2.22 10.57 46.62
C ALA B 373 -1.26 10.51 47.80
N LEU B 374 -0.72 11.67 48.16
CA LEU B 374 0.21 11.76 49.28
C LEU B 374 -0.18 12.87 50.25
N THR B 375 -0.95 12.49 51.25
CA THR B 375 -1.42 13.37 52.31
C THR B 375 -0.26 13.65 53.25
N SER B 376 -0.45 14.62 54.14
CA SER B 376 0.58 14.98 55.12
C SER B 376 0.83 13.82 56.11
N ASP B 377 -0.02 12.80 56.04
CA ASP B 377 0.06 11.66 56.97
C ASP B 377 -0.20 10.31 56.30
N TYR B 378 -0.81 10.35 55.13
CA TYR B 378 -1.15 9.12 54.45
C TYR B 378 -0.65 9.02 53.01
N LEU B 379 -0.44 7.79 52.56
CA LEU B 379 -0.02 7.52 51.20
C LEU B 379 -1.01 6.54 50.58
N TYR B 380 -1.90 7.03 49.72
CA TYR B 380 -2.90 6.18 49.05
C TYR B 380 -2.31 5.60 47.78
N TYR B 381 -2.40 4.29 47.61
CA TYR B 381 -1.86 3.65 46.42
C TYR B 381 -2.75 2.53 45.90
N ILE B 382 -2.35 1.89 44.78
CA ILE B 382 -3.12 0.79 44.22
C ILE B 382 -2.21 -0.39 43.93
N SER B 383 -2.58 -1.58 44.40
CA SER B 383 -1.77 -2.76 44.14
C SER B 383 -2.57 -4.01 43.81
N ASN B 384 -1.86 -5.06 43.41
CA ASN B 384 -2.48 -6.31 43.05
C ASN B 384 -2.12 -7.34 44.11
N GLU B 385 -1.88 -6.83 45.32
CA GLU B 385 -1.51 -7.66 46.46
C GLU B 385 -2.59 -8.64 46.92
N TYR B 386 -3.81 -8.12 47.06
CA TYR B 386 -4.95 -8.90 47.52
C TYR B 386 -5.14 -10.26 46.84
N LYS B 387 -5.39 -11.28 47.66
CA LYS B 387 -5.62 -12.65 47.20
C LYS B 387 -4.55 -13.16 46.24
N GLU B 388 -3.39 -12.51 46.25
CA GLU B 388 -2.29 -12.88 45.38
C GLU B 388 -2.72 -12.92 43.92
N MET B 389 -3.63 -12.03 43.54
CA MET B 389 -4.11 -11.97 42.16
C MET B 389 -3.39 -10.85 41.41
N PRO B 390 -2.37 -11.20 40.62
CA PRO B 390 -1.63 -10.19 39.87
C PRO B 390 -2.53 -9.44 38.90
N GLY B 391 -3.66 -10.07 38.56
CA GLY B 391 -4.60 -9.47 37.63
C GLY B 391 -5.72 -8.66 38.28
N GLY B 392 -5.64 -8.48 39.60
CA GLY B 392 -6.66 -7.72 40.31
C GLY B 392 -6.16 -6.35 40.73
N ARG B 393 -7.08 -5.42 41.00
CA ARG B 393 -6.69 -4.08 41.40
C ARG B 393 -7.41 -3.58 42.66
N ASN B 394 -6.64 -3.23 43.69
CA ASN B 394 -7.22 -2.72 44.93
C ASN B 394 -6.54 -1.47 45.50
N LEU B 395 -7.35 -0.60 46.12
CA LEU B 395 -6.87 0.63 46.72
C LEU B 395 -6.45 0.48 48.18
N TYR B 396 -5.18 0.71 48.44
CA TYR B 396 -4.65 0.60 49.80
C TYR B 396 -4.31 1.99 50.36
N LYS B 397 -3.79 2.01 51.58
CA LYS B 397 -3.39 3.27 52.22
C LYS B 397 -2.48 3.02 53.43
N ILE B 398 -1.35 3.74 53.47
CA ILE B 398 -0.41 3.61 54.57
C ILE B 398 -0.22 4.93 55.29
N GLN B 399 -0.06 4.81 56.61
CA GLN B 399 0.18 5.97 57.45
C GLN B 399 1.69 6.20 57.41
N LEU B 400 2.08 7.44 57.08
CA LEU B 400 3.49 7.79 56.96
C LEU B 400 4.21 7.56 58.29
N THR B 401 3.69 8.19 59.34
CA THR B 401 4.25 8.10 60.70
C THR B 401 4.37 6.65 61.23
N ASP B 402 3.52 5.75 60.74
CA ASP B 402 3.48 4.34 61.16
C ASP B 402 3.26 3.48 59.91
N HIS B 403 4.33 2.87 59.39
CA HIS B 403 4.17 2.04 58.18
C HIS B 403 3.48 0.70 58.42
N THR B 404 2.91 0.54 59.61
CA THR B 404 2.18 -0.69 59.92
C THR B 404 0.71 -0.41 59.70
N ASN B 405 0.28 0.82 59.96
CA ASN B 405 -1.12 1.21 59.78
C ASN B 405 -1.50 1.17 58.29
N LYS B 406 -1.23 0.02 57.65
CA LYS B 406 -1.54 -0.23 56.22
C LYS B 406 -2.90 -0.90 56.10
N LYS B 407 -3.80 -0.35 55.29
CA LYS B 407 -5.13 -0.92 55.20
C LYS B 407 -5.75 -0.90 53.81
N CYS B 408 -6.39 -2.01 53.39
CA CYS B 408 -7.05 -2.06 52.09
C CYS B 408 -8.40 -1.37 52.26
N LEU B 409 -8.85 -0.62 51.27
CA LEU B 409 -10.13 0.07 51.40
C LEU B 409 -11.21 -0.40 50.43
N SER B 410 -10.88 -1.35 49.56
CA SER B 410 -11.87 -1.84 48.58
C SER B 410 -12.02 -3.37 48.60
N CYS B 411 -11.07 -4.06 49.24
CA CYS B 411 -11.08 -5.51 49.34
C CYS B 411 -12.38 -6.13 49.84
N ASP B 412 -13.05 -5.48 50.81
CA ASP B 412 -14.31 -6.00 51.38
C ASP B 412 -15.48 -5.66 50.50
N LEU B 413 -15.72 -4.37 50.34
CA LEU B 413 -16.82 -3.85 49.54
C LEU B 413 -17.71 -4.87 48.78
N ASN B 414 -17.19 -5.47 47.71
CA ASN B 414 -17.97 -6.45 46.92
C ASN B 414 -17.02 -7.50 46.37
N PRO B 415 -16.43 -8.32 47.24
CA PRO B 415 -15.49 -9.37 46.85
C PRO B 415 -15.97 -10.22 45.68
N GLU B 416 -17.29 -10.28 45.50
CA GLU B 416 -17.89 -11.05 44.41
C GLU B 416 -17.85 -10.28 43.08
N ARG B 417 -18.42 -9.08 43.11
CA ARG B 417 -18.51 -8.22 41.93
C ARG B 417 -17.26 -7.42 41.61
N CYS B 418 -16.58 -6.95 42.66
CA CYS B 418 -15.42 -6.10 42.49
C CYS B 418 -14.06 -6.57 42.97
N GLN B 419 -13.13 -6.67 42.02
CA GLN B 419 -11.75 -7.07 42.29
C GLN B 419 -10.77 -6.22 41.47
N TYR B 420 -11.32 -5.34 40.64
CA TYR B 420 -10.52 -4.46 39.77
C TYR B 420 -11.00 -3.03 39.94
N TYR B 421 -10.41 -2.32 40.91
CA TYR B 421 -10.80 -0.94 41.16
C TYR B 421 -9.92 0.14 40.52
N SER B 422 -10.55 1.29 40.31
CA SER B 422 -9.91 2.48 39.76
C SER B 422 -10.24 3.48 40.87
N VAL B 423 -9.35 4.43 41.15
CA VAL B 423 -9.65 5.38 42.22
C VAL B 423 -9.76 6.82 41.69
N SER B 424 -9.85 7.77 42.59
CA SER B 424 -9.96 9.19 42.23
C SER B 424 -10.27 9.94 43.51
N LEU B 425 -9.23 10.45 44.17
CA LEU B 425 -9.42 11.19 45.41
C LEU B 425 -9.59 12.67 45.15
N SER B 426 -10.34 13.35 46.02
CA SER B 426 -10.57 14.79 45.88
C SER B 426 -9.25 15.51 46.14
N LYS B 427 -9.20 16.79 45.77
CA LYS B 427 -8.01 17.61 45.92
C LYS B 427 -7.10 17.33 47.12
N GLU B 428 -7.69 17.02 48.27
CA GLU B 428 -6.86 16.75 49.44
C GLU B 428 -7.22 15.46 50.16
N ALA B 429 -7.76 14.53 49.38
CA ALA B 429 -8.12 13.21 49.89
C ALA B 429 -9.20 13.22 50.97
N LYS B 430 -10.17 14.12 50.86
CA LYS B 430 -11.23 14.14 51.86
C LYS B 430 -12.28 13.11 51.45
N TYR B 431 -12.42 12.93 50.14
CA TYR B 431 -13.38 11.96 49.59
C TYR B 431 -12.65 11.20 48.52
N TYR B 432 -13.15 10.02 48.19
CA TYR B 432 -12.52 9.27 47.13
C TYR B 432 -13.58 8.46 46.42
N GLN B 433 -13.58 8.54 45.09
CA GLN B 433 -14.55 7.81 44.30
C GLN B 433 -13.90 6.50 43.87
N LEU B 434 -14.68 5.43 43.89
CA LEU B 434 -14.18 4.13 43.48
C LEU B 434 -14.85 3.70 42.19
N GLY B 435 -14.03 3.10 41.33
CA GLY B 435 -14.50 2.60 40.05
C GLY B 435 -14.27 1.11 40.01
N CYS B 436 -15.36 0.38 40.17
CA CYS B 436 -15.31 -1.07 40.13
C CYS B 436 -15.44 -1.53 38.67
N ARG B 437 -14.39 -2.14 38.17
CA ARG B 437 -14.37 -2.68 36.81
C ARG B 437 -14.41 -4.18 37.05
N GLY B 438 -14.29 -4.53 38.35
CA GLY B 438 -14.27 -5.90 38.85
C GLY B 438 -15.12 -6.87 38.06
N PRO B 439 -14.86 -8.17 38.20
CA PRO B 439 -15.59 -9.24 37.49
C PRO B 439 -16.99 -8.88 37.02
N GLY B 440 -17.83 -8.38 37.94
CA GLY B 440 -19.20 -8.04 37.60
C GLY B 440 -19.39 -6.74 36.83
N LEU B 441 -20.63 -6.24 36.79
CA LEU B 441 -20.89 -5.00 36.07
C LEU B 441 -20.27 -3.85 36.84
N PRO B 442 -19.52 -2.96 36.15
CA PRO B 442 -18.86 -1.81 36.77
C PRO B 442 -19.73 -1.03 37.77
N LEU B 443 -19.20 -0.89 38.99
CA LEU B 443 -19.89 -0.20 40.08
C LEU B 443 -19.14 1.03 40.62
N TYR B 444 -19.75 2.21 40.45
CA TYR B 444 -19.11 3.42 40.90
C TYR B 444 -19.79 3.98 42.15
N THR B 445 -18.97 4.26 43.14
CA THR B 445 -19.45 4.76 44.42
C THR B 445 -18.45 5.74 45.02
N LEU B 446 -18.92 6.76 45.75
CA LEU B 446 -17.98 7.67 46.39
C LEU B 446 -18.04 7.48 47.89
N HIS B 447 -16.89 7.64 48.55
CA HIS B 447 -16.76 7.45 49.98
C HIS B 447 -16.14 8.65 50.71
N ARG B 448 -16.46 8.80 52.01
CA ARG B 448 -15.85 9.87 52.80
C ARG B 448 -14.52 9.26 53.31
N SER B 449 -13.42 9.85 52.87
CA SER B 449 -12.08 9.38 53.21
C SER B 449 -11.83 9.00 54.68
N THR B 450 -12.32 9.84 55.60
CA THR B 450 -12.16 9.65 57.06
C THR B 450 -12.39 8.24 57.63
N ASP B 451 -13.61 7.75 57.46
CA ASP B 451 -14.01 6.43 57.96
C ASP B 451 -14.40 5.47 56.83
N GLN B 452 -14.27 5.91 55.58
CA GLN B 452 -14.64 5.09 54.43
C GLN B 452 -16.15 4.94 54.20
N LYS B 453 -16.96 5.54 55.06
CA LYS B 453 -18.42 5.47 54.93
C LYS B 453 -18.83 5.73 53.48
N GLU B 454 -19.46 4.74 52.85
CA GLU B 454 -19.89 4.91 51.48
C GLU B 454 -21.04 5.92 51.48
N LEU B 455 -20.75 7.16 51.12
CA LEU B 455 -21.78 8.19 51.10
C LEU B 455 -22.96 7.75 50.23
N ARG B 456 -22.69 7.34 48.99
CA ARG B 456 -23.74 6.88 48.09
C ARG B 456 -23.19 6.10 46.90
N VAL B 457 -24.10 5.59 46.09
CA VAL B 457 -23.73 4.83 44.91
C VAL B 457 -23.94 5.74 43.69
N LEU B 458 -22.83 6.12 43.06
CA LEU B 458 -22.85 7.00 41.91
C LEU B 458 -23.36 6.33 40.65
N GLU B 459 -23.08 5.05 40.52
CA GLU B 459 -23.53 4.31 39.34
C GLU B 459 -23.33 2.81 39.48
N ASP B 460 -24.45 2.09 39.46
CA ASP B 460 -24.49 0.62 39.51
C ASP B 460 -25.10 0.35 38.14
N ASN B 461 -24.67 -0.67 37.41
CA ASN B 461 -25.30 -0.79 36.10
C ASN B 461 -26.58 -1.59 36.06
N SER B 462 -27.56 -1.10 36.82
CA SER B 462 -28.87 -1.70 36.91
C SER B 462 -29.54 -1.78 35.53
N ALA B 463 -29.44 -0.69 34.77
CA ALA B 463 -30.02 -0.64 33.44
C ALA B 463 -29.40 -1.72 32.56
N LEU B 464 -28.08 -1.72 32.49
CA LEU B 464 -27.38 -2.71 31.69
C LEU B 464 -27.78 -4.10 32.20
N ASP B 465 -27.78 -4.27 33.51
CA ASP B 465 -28.12 -5.53 34.15
C ASP B 465 -29.51 -6.04 33.71
N LYS B 466 -30.49 -5.14 33.74
CA LYS B 466 -31.86 -5.45 33.36
C LYS B 466 -31.91 -6.03 31.93
N MET B 467 -31.12 -5.45 31.04
CA MET B 467 -31.07 -5.89 29.64
C MET B 467 -30.34 -7.21 29.44
N LEU B 468 -29.20 -7.36 30.10
CA LEU B 468 -28.42 -8.58 29.97
C LEU B 468 -29.14 -9.80 30.53
N GLN B 469 -30.29 -9.56 31.15
CA GLN B 469 -31.10 -10.63 31.73
C GLN B 469 -31.61 -11.55 30.63
N ASP B 470 -32.12 -10.95 29.57
CA ASP B 470 -32.67 -11.71 28.46
C ASP B 470 -31.58 -12.14 27.45
N VAL B 471 -30.36 -12.32 27.93
CA VAL B 471 -29.29 -12.73 27.03
C VAL B 471 -28.41 -13.79 27.68
N GLN B 472 -27.98 -14.75 26.87
CA GLN B 472 -27.14 -15.82 27.36
C GLN B 472 -25.69 -15.37 27.35
N MET B 473 -25.30 -14.59 28.35
CA MET B 473 -23.93 -14.08 28.47
C MET B 473 -22.96 -15.18 28.84
N PRO B 474 -21.72 -15.08 28.36
CA PRO B 474 -20.71 -16.09 28.69
C PRO B 474 -20.05 -15.70 30.01
N SER B 475 -19.33 -16.63 30.62
CA SER B 475 -18.67 -16.34 31.87
C SER B 475 -17.19 -16.08 31.63
N LYS B 476 -16.45 -15.82 32.70
CA LYS B 476 -15.02 -15.55 32.57
C LYS B 476 -14.28 -16.18 33.73
N LYS B 477 -13.40 -17.12 33.43
CA LYS B 477 -12.63 -17.77 34.47
C LYS B 477 -11.25 -17.11 34.52
N LEU B 478 -10.80 -16.74 35.71
CA LEU B 478 -9.49 -16.13 35.86
C LEU B 478 -8.67 -16.93 36.85
N ASP B 479 -7.91 -17.90 36.33
CA ASP B 479 -7.10 -18.72 37.19
C ASP B 479 -5.66 -18.70 36.70
N PHE B 480 -4.88 -19.66 37.18
CA PHE B 480 -3.50 -19.75 36.79
C PHE B 480 -3.09 -21.19 36.60
N ILE B 481 -2.07 -21.40 35.79
CA ILE B 481 -1.54 -22.72 35.52
C ILE B 481 -0.11 -22.56 36.06
N VAL B 482 0.60 -23.64 36.29
CA VAL B 482 1.96 -23.51 36.78
C VAL B 482 2.93 -24.23 35.88
N LEU B 483 3.91 -23.47 35.39
CA LEU B 483 4.95 -23.97 34.48
C LEU B 483 6.30 -23.81 35.19
N ASN B 484 7.24 -24.72 34.93
CA ASN B 484 8.57 -24.71 35.54
C ASN B 484 8.56 -24.15 36.99
N GLU B 485 7.56 -24.54 37.78
CA GLU B 485 7.44 -24.10 39.18
C GLU B 485 7.01 -22.65 39.45
N THR B 486 6.30 -22.04 38.51
CA THR B 486 5.90 -20.66 38.67
C THR B 486 4.45 -20.43 38.29
N ARG B 487 3.76 -19.58 39.02
CA ARG B 487 2.37 -19.30 38.67
C ARG B 487 2.37 -18.44 37.40
N PHE B 488 1.40 -18.72 36.53
CA PHE B 488 1.22 -17.96 35.29
C PHE B 488 -0.28 -17.87 35.09
N TRP B 489 -0.82 -16.67 35.24
CA TRP B 489 -2.26 -16.49 35.10
C TRP B 489 -2.81 -16.44 33.68
N TYR B 490 -4.04 -16.90 33.55
CA TYR B 490 -4.72 -16.93 32.26
C TYR B 490 -6.17 -16.66 32.54
N GLN B 491 -6.93 -16.40 31.48
CA GLN B 491 -8.34 -16.15 31.63
C GLN B 491 -9.07 -16.77 30.43
N MET B 492 -10.29 -17.22 30.67
CA MET B 492 -11.08 -17.85 29.62
C MET B 492 -12.51 -17.31 29.55
N ILE B 493 -12.92 -16.91 28.34
CA ILE B 493 -14.28 -16.43 28.16
C ILE B 493 -15.02 -17.68 27.75
N LEU B 494 -15.72 -18.27 28.71
CA LEU B 494 -16.46 -19.51 28.49
C LEU B 494 -17.86 -19.25 27.97
N PRO B 495 -18.23 -19.94 26.87
CA PRO B 495 -19.56 -19.77 26.28
C PRO B 495 -20.66 -20.17 27.26
N PRO B 496 -21.83 -19.49 27.21
CA PRO B 496 -22.96 -19.75 28.10
C PRO B 496 -22.97 -21.03 28.92
N HIS B 497 -23.93 -21.91 28.66
CA HIS B 497 -24.07 -23.15 29.43
C HIS B 497 -22.87 -24.09 29.34
N PHE B 498 -21.68 -23.52 29.42
CA PHE B 498 -20.42 -24.26 29.32
C PHE B 498 -20.39 -25.55 30.11
N ASP B 499 -20.34 -26.66 29.37
CA ASP B 499 -20.29 -27.99 29.95
C ASP B 499 -18.90 -28.58 29.84
N LYS B 500 -18.20 -28.58 30.97
CA LYS B 500 -16.83 -29.07 31.10
C LYS B 500 -16.54 -30.43 30.43
N SER B 501 -17.59 -31.17 30.09
CA SER B 501 -17.42 -32.48 29.48
C SER B 501 -17.33 -32.41 27.95
N LYS B 502 -18.10 -31.51 27.34
CA LYS B 502 -18.07 -31.39 25.88
C LYS B 502 -16.74 -30.82 25.38
N LYS B 503 -16.61 -30.71 24.06
CA LYS B 503 -15.40 -30.16 23.45
C LYS B 503 -15.73 -28.90 22.69
N TYR B 504 -14.98 -27.84 22.95
CA TYR B 504 -15.21 -26.57 22.27
C TYR B 504 -13.97 -26.14 21.49
N PRO B 505 -14.16 -25.28 20.47
CA PRO B 505 -13.02 -24.79 19.69
C PRO B 505 -12.36 -23.70 20.56
N LEU B 506 -11.04 -23.61 20.50
CA LEU B 506 -10.30 -22.62 21.29
C LEU B 506 -9.67 -21.52 20.43
N LEU B 507 -9.73 -20.29 20.94
CA LEU B 507 -9.15 -19.14 20.26
C LEU B 507 -8.25 -18.41 21.25
N ILE B 508 -6.95 -18.42 21.00
CA ILE B 508 -6.04 -17.70 21.88
C ILE B 508 -6.06 -16.23 21.44
N ASP B 509 -6.22 -15.35 22.41
CA ASP B 509 -6.24 -13.91 22.18
C ASP B 509 -4.90 -13.42 22.71
N VAL B 510 -4.09 -12.78 21.86
CA VAL B 510 -2.77 -12.32 22.29
C VAL B 510 -2.33 -10.89 22.13
N TYR B 511 -1.31 -10.59 22.92
CA TYR B 511 -0.59 -9.34 22.92
C TYR B 511 0.78 -9.79 23.42
N ALA B 512 0.91 -9.96 24.74
CA ALA B 512 2.14 -10.45 25.34
C ALA B 512 3.41 -9.65 25.05
N GLY B 513 3.28 -8.33 25.01
CA GLY B 513 4.44 -7.50 24.79
C GLY B 513 5.05 -7.30 26.15
N PRO B 514 6.23 -6.68 26.26
CA PRO B 514 6.82 -6.48 27.59
C PRO B 514 5.89 -5.72 28.54
N CYS B 515 5.80 -6.21 29.78
CA CYS B 515 4.98 -5.60 30.82
C CYS B 515 3.48 -5.46 30.48
N SER B 516 2.95 -6.37 29.68
CA SER B 516 1.53 -6.30 29.31
C SER B 516 0.76 -7.25 30.22
N GLN B 517 -0.56 -7.18 30.16
CA GLN B 517 -1.38 -8.06 30.98
C GLN B 517 -2.74 -8.30 30.35
N LYS B 518 -2.93 -9.49 29.78
CA LYS B 518 -4.18 -9.83 29.13
C LYS B 518 -5.15 -10.58 30.03
N ALA B 519 -4.66 -11.10 31.16
CA ALA B 519 -5.48 -11.85 32.10
C ALA B 519 -5.75 -11.01 33.35
N ASP B 520 -6.97 -10.48 33.45
CA ASP B 520 -7.32 -9.68 34.61
C ASP B 520 -8.80 -9.79 34.98
N ALA B 521 -9.14 -9.26 36.15
CA ALA B 521 -10.50 -9.31 36.67
C ALA B 521 -11.40 -8.16 36.24
N ALA B 522 -11.24 -7.66 35.03
CA ALA B 522 -12.07 -6.54 34.60
C ALA B 522 -13.19 -6.98 33.67
N PHE B 523 -14.36 -6.35 33.84
CA PHE B 523 -15.52 -6.66 33.03
C PHE B 523 -15.43 -6.04 31.63
N ARG B 524 -15.84 -6.79 30.62
CA ARG B 524 -15.80 -6.31 29.24
C ARG B 524 -16.84 -6.94 28.32
N LEU B 525 -17.27 -6.16 27.34
CA LEU B 525 -18.24 -6.62 26.34
C LEU B 525 -17.57 -6.36 25.00
N ASN B 526 -16.72 -7.30 24.57
CA ASN B 526 -16.01 -7.15 23.32
C ASN B 526 -16.39 -8.19 22.28
N TRP B 527 -15.50 -8.44 21.34
CA TRP B 527 -15.73 -9.41 20.28
C TRP B 527 -15.78 -10.81 20.88
N ALA B 528 -14.85 -11.10 21.79
CA ALA B 528 -14.79 -12.41 22.43
C ALA B 528 -16.12 -12.77 23.11
N THR B 529 -16.87 -11.75 23.53
CA THR B 529 -18.15 -12.00 24.17
C THR B 529 -19.01 -12.68 23.13
N TYR B 530 -19.15 -12.04 21.98
CA TYR B 530 -19.95 -12.59 20.89
C TYR B 530 -19.43 -13.97 20.50
N LEU B 531 -18.12 -14.10 20.38
CA LEU B 531 -17.53 -15.37 19.99
C LEU B 531 -17.90 -16.56 20.86
N ALA B 532 -18.10 -16.34 22.16
CA ALA B 532 -18.46 -17.43 23.05
C ALA B 532 -19.98 -17.52 23.19
N SER B 533 -20.63 -16.37 23.33
CA SER B 533 -22.08 -16.34 23.48
C SER B 533 -22.87 -16.80 22.27
N THR B 534 -22.25 -16.83 21.10
CA THR B 534 -22.99 -17.21 19.90
C THR B 534 -22.29 -18.22 19.00
N GLU B 535 -20.98 -18.32 19.11
CA GLU B 535 -20.25 -19.25 18.27
C GLU B 535 -19.75 -20.41 19.11
N ASN B 536 -19.99 -20.32 20.41
CA ASN B 536 -19.56 -21.33 21.38
C ASN B 536 -18.07 -21.58 21.28
N ILE B 537 -17.30 -20.50 21.18
CA ILE B 537 -15.86 -20.61 21.10
C ILE B 537 -15.28 -20.13 22.40
N ILE B 538 -14.26 -20.85 22.87
CA ILE B 538 -13.59 -20.49 24.10
C ILE B 538 -12.43 -19.54 23.77
N VAL B 539 -12.56 -18.28 24.19
CA VAL B 539 -11.53 -17.27 23.96
C VAL B 539 -10.66 -17.16 25.21
N ALA B 540 -9.38 -17.50 25.09
CA ALA B 540 -8.49 -17.46 26.25
C ALA B 540 -7.22 -16.64 26.04
N SER B 541 -6.75 -16.00 27.11
CA SER B 541 -5.53 -15.19 27.05
C SER B 541 -4.55 -15.72 28.11
N PHE B 542 -3.26 -15.59 27.86
CA PHE B 542 -2.29 -16.09 28.83
C PHE B 542 -1.11 -15.16 29.04
N ASP B 543 -0.96 -14.64 30.26
CA ASP B 543 0.17 -13.76 30.59
C ASP B 543 1.38 -14.60 30.94
N GLY B 544 2.28 -14.77 29.98
CA GLY B 544 3.48 -15.56 30.18
C GLY B 544 4.69 -14.71 30.48
N ARG B 545 5.87 -15.25 30.18
CA ARG B 545 7.09 -14.54 30.44
C ARG B 545 7.24 -13.19 29.74
N GLY B 546 7.86 -12.26 30.45
CA GLY B 546 8.06 -10.92 29.95
C GLY B 546 6.78 -10.12 30.15
N SER B 547 6.00 -10.47 31.17
CA SER B 547 4.77 -9.75 31.34
C SER B 547 4.48 -9.05 32.68
N GLY B 548 3.24 -8.59 32.71
CA GLY B 548 2.61 -7.92 33.83
C GLY B 548 3.33 -7.35 35.02
N TYR B 549 2.67 -7.48 36.16
CA TYR B 549 3.17 -6.94 37.40
C TYR B 549 3.42 -8.08 38.36
N GLN B 550 4.46 -8.84 38.06
CA GLN B 550 4.81 -9.99 38.86
C GLN B 550 6.31 -10.06 39.08
N GLY B 551 6.95 -8.90 39.18
CA GLY B 551 8.38 -8.88 39.39
C GLY B 551 9.18 -8.90 38.10
N ASP B 552 10.38 -8.35 38.16
CA ASP B 552 11.24 -8.28 37.00
C ASP B 552 11.77 -9.63 36.56
N LYS B 553 11.70 -10.64 37.43
CA LYS B 553 12.21 -11.94 37.03
C LYS B 553 11.35 -12.41 35.86
N ILE B 554 10.04 -12.19 35.96
CA ILE B 554 9.13 -12.58 34.91
C ILE B 554 9.14 -11.59 33.75
N MET B 555 9.13 -10.29 34.04
CA MET B 555 9.13 -9.26 33.00
C MET B 555 10.45 -9.15 32.23
N HIS B 556 11.57 -9.03 32.91
CA HIS B 556 12.87 -8.92 32.24
C HIS B 556 13.34 -10.20 31.56
N ALA B 557 12.58 -11.28 31.75
CA ALA B 557 12.91 -12.58 31.18
C ALA B 557 13.10 -12.55 29.66
N ILE B 558 12.49 -11.56 29.03
CA ILE B 558 12.54 -11.39 27.59
C ILE B 558 13.67 -10.49 27.10
N ASN B 559 14.25 -9.72 28.01
CA ASN B 559 15.31 -8.77 27.70
C ASN B 559 16.27 -9.21 26.60
N LYS B 560 16.55 -8.29 25.68
CA LYS B 560 17.45 -8.54 24.58
C LYS B 560 17.04 -9.66 23.63
N ARG B 561 15.82 -10.18 23.79
CA ARG B 561 15.40 -11.25 22.91
C ARG B 561 13.89 -11.39 22.78
N LEU B 562 13.25 -10.41 22.15
CA LEU B 562 11.82 -10.44 21.93
C LEU B 562 11.59 -11.55 20.91
N GLY B 563 10.35 -12.00 20.76
CA GLY B 563 10.06 -13.06 19.81
C GLY B 563 10.59 -14.42 20.22
N THR B 564 10.79 -14.59 21.53
CA THR B 564 11.32 -15.82 22.11
C THR B 564 10.36 -16.46 23.11
N LEU B 565 10.72 -16.32 24.39
CA LEU B 565 9.96 -16.89 25.48
C LEU B 565 8.48 -16.54 25.50
N GLU B 566 8.13 -15.28 25.23
CA GLU B 566 6.72 -14.88 25.24
C GLU B 566 5.92 -15.64 24.17
N VAL B 567 6.58 -16.01 23.07
CA VAL B 567 5.93 -16.76 22.00
C VAL B 567 5.75 -18.19 22.50
N GLU B 568 6.86 -18.83 22.82
CA GLU B 568 6.85 -20.20 23.32
C GLU B 568 5.79 -20.46 24.39
N ASP B 569 5.82 -19.66 25.46
CA ASP B 569 4.88 -19.78 26.57
C ASP B 569 3.45 -19.68 26.09
N GLN B 570 3.24 -18.97 25.00
CA GLN B 570 1.89 -18.86 24.49
C GLN B 570 1.48 -20.22 23.93
N ILE B 571 2.44 -20.97 23.39
CA ILE B 571 2.16 -22.29 22.84
C ILE B 571 1.97 -23.28 23.99
N GLU B 572 2.84 -23.20 25.00
CA GLU B 572 2.76 -24.06 26.17
C GLU B 572 1.37 -23.96 26.76
N ALA B 573 0.94 -22.71 26.97
CA ALA B 573 -0.36 -22.42 27.54
C ALA B 573 -1.48 -23.13 26.78
N ALA B 574 -1.36 -23.18 25.46
CA ALA B 574 -2.39 -23.83 24.64
C ALA B 574 -2.36 -25.32 25.00
N ARG B 575 -1.15 -25.89 25.06
CA ARG B 575 -0.98 -27.30 25.42
C ARG B 575 -1.80 -27.57 26.68
N GLN B 576 -1.48 -26.82 27.73
CA GLN B 576 -2.15 -26.94 29.02
C GLN B 576 -3.67 -26.92 28.90
N PHE B 577 -4.19 -25.92 28.20
CA PHE B 577 -5.63 -25.80 28.00
C PHE B 577 -6.22 -27.07 27.38
N LEU B 578 -5.46 -27.67 26.48
CA LEU B 578 -5.89 -28.90 25.83
C LEU B 578 -5.98 -29.99 26.89
N LYS B 579 -4.91 -30.15 27.65
CA LYS B 579 -4.85 -31.15 28.71
C LYS B 579 -5.99 -30.93 29.70
N MET B 580 -6.60 -29.75 29.65
CA MET B 580 -7.72 -29.48 30.54
C MET B 580 -9.00 -30.14 30.06
N GLY B 581 -8.90 -30.95 29.00
CA GLY B 581 -10.09 -31.63 28.48
C GLY B 581 -10.93 -30.93 27.43
N PHE B 582 -11.90 -30.15 27.88
CA PHE B 582 -12.87 -29.41 27.06
C PHE B 582 -12.47 -28.65 25.80
N VAL B 583 -11.30 -28.94 25.25
CA VAL B 583 -10.84 -28.26 24.05
C VAL B 583 -10.70 -29.26 22.89
N ASP B 584 -11.36 -28.94 21.79
CA ASP B 584 -11.33 -29.75 20.57
C ASP B 584 -9.98 -29.49 19.90
N SER B 585 -8.97 -30.31 20.22
CA SER B 585 -7.64 -30.09 19.63
C SER B 585 -7.64 -29.87 18.11
N LYS B 586 -8.69 -30.32 17.42
CA LYS B 586 -8.77 -30.14 15.97
C LYS B 586 -9.26 -28.76 15.53
N ARG B 587 -9.50 -27.90 16.50
CA ARG B 587 -9.94 -26.55 16.20
C ARG B 587 -9.47 -25.49 17.21
N VAL B 588 -8.17 -25.23 17.14
CA VAL B 588 -7.49 -24.24 17.98
C VAL B 588 -6.95 -23.15 17.07
N ALA B 589 -7.23 -21.89 17.39
CA ALA B 589 -6.76 -20.77 16.58
C ALA B 589 -6.11 -19.71 17.47
N ILE B 590 -5.51 -18.70 16.84
CA ILE B 590 -4.86 -17.63 17.59
C ILE B 590 -4.79 -16.34 16.79
N TRP B 591 -5.21 -15.24 17.39
CA TRP B 591 -5.16 -13.93 16.74
C TRP B 591 -4.60 -12.89 17.69
N GLY B 592 -4.06 -11.82 17.13
CA GLY B 592 -3.49 -10.77 17.96
C GLY B 592 -3.38 -9.51 17.14
N TRP B 593 -3.37 -8.37 17.83
CA TRP B 593 -3.29 -7.07 17.20
C TRP B 593 -1.97 -6.43 17.62
N SER B 594 -1.41 -5.56 16.78
CA SER B 594 -0.16 -4.89 17.12
C SER B 594 0.91 -5.92 17.54
N TYR B 595 1.45 -5.76 18.74
CA TYR B 595 2.47 -6.69 19.23
C TYR B 595 1.91 -8.10 19.17
N GLY B 596 0.61 -8.22 19.46
CA GLY B 596 -0.07 -9.50 19.46
C GLY B 596 -0.07 -10.11 18.08
N GLY B 597 -0.16 -9.26 17.07
CA GLY B 597 -0.15 -9.75 15.70
C GLY B 597 1.21 -10.38 15.42
N TYR B 598 2.24 -9.85 16.08
CA TYR B 598 3.61 -10.36 15.93
C TYR B 598 3.65 -11.78 16.50
N VAL B 599 3.27 -11.91 17.75
CA VAL B 599 3.30 -13.21 18.40
C VAL B 599 2.43 -14.20 17.63
N THR B 600 1.22 -13.78 17.26
CA THR B 600 0.35 -14.66 16.49
C THR B 600 1.14 -15.18 15.30
N SER B 601 1.76 -14.28 14.55
CA SER B 601 2.54 -14.67 13.38
C SER B 601 3.73 -15.55 13.72
N MET B 602 4.43 -15.23 14.80
CA MET B 602 5.57 -16.02 15.21
C MET B 602 5.15 -17.43 15.65
N VAL B 603 3.95 -17.53 16.25
CA VAL B 603 3.41 -18.80 16.71
C VAL B 603 2.98 -19.66 15.52
N LEU B 604 2.24 -19.06 14.60
CA LEU B 604 1.78 -19.77 13.42
C LEU B 604 2.98 -20.25 12.61
N GLY B 605 4.05 -19.47 12.63
CA GLY B 605 5.22 -19.84 11.87
C GLY B 605 6.25 -20.66 12.60
N SER B 606 5.88 -21.16 13.77
CA SER B 606 6.79 -21.98 14.56
C SER B 606 6.68 -23.45 14.21
N GLY B 607 5.67 -23.78 13.42
CA GLY B 607 5.43 -25.16 13.03
C GLY B 607 5.23 -26.10 14.22
N SER B 608 4.64 -25.60 15.30
CA SER B 608 4.40 -26.42 16.50
C SER B 608 3.25 -27.38 16.24
N GLY B 609 2.50 -27.12 15.18
CA GLY B 609 1.38 -27.97 14.83
C GLY B 609 0.16 -27.82 15.74
N VAL B 610 0.31 -27.07 16.82
CA VAL B 610 -0.79 -26.89 17.76
C VAL B 610 -1.93 -26.00 17.30
N PHE B 611 -1.68 -25.13 16.31
CA PHE B 611 -2.73 -24.22 15.81
C PHE B 611 -3.14 -24.44 14.36
N LYS B 612 -4.43 -24.32 14.11
CA LYS B 612 -5.01 -24.53 12.79
C LYS B 612 -4.94 -23.30 11.92
N CYS B 613 -5.26 -22.16 12.51
CA CYS B 613 -5.25 -20.90 11.78
C CYS B 613 -5.02 -19.73 12.73
N GLY B 614 -4.92 -18.54 12.17
CA GLY B 614 -4.69 -17.36 12.98
C GLY B 614 -4.85 -16.07 12.20
N ILE B 615 -4.99 -14.99 12.95
CA ILE B 615 -5.14 -13.67 12.36
C ILE B 615 -4.24 -12.67 13.06
N ALA B 616 -3.40 -12.00 12.28
CA ALA B 616 -2.49 -10.97 12.79
C ALA B 616 -2.95 -9.63 12.20
N VAL B 617 -3.21 -8.66 13.06
CA VAL B 617 -3.66 -7.34 12.59
C VAL B 617 -2.56 -6.35 12.90
N ALA B 618 -2.06 -5.67 11.85
CA ALA B 618 -0.99 -4.69 11.97
C ALA B 618 0.14 -5.22 12.83
N PRO B 619 0.73 -6.35 12.43
CA PRO B 619 1.80 -6.93 13.21
C PRO B 619 3.15 -6.28 12.95
N VAL B 620 4.11 -6.60 13.80
CA VAL B 620 5.46 -6.13 13.61
C VAL B 620 6.09 -7.39 13.01
N SER B 621 6.94 -7.25 12.01
CA SER B 621 7.54 -8.41 11.39
C SER B 621 9.01 -8.58 11.67
N ARG B 622 9.67 -7.48 12.05
CA ARG B 622 11.08 -7.52 12.43
C ARG B 622 11.35 -6.22 13.12
N TRP B 623 12.05 -6.28 14.23
CA TRP B 623 12.29 -5.08 15.02
C TRP B 623 13.01 -3.90 14.41
N GLU B 624 13.77 -4.08 13.34
CA GLU B 624 14.42 -2.90 12.77
C GLU B 624 13.40 -1.93 12.20
N TYR B 625 12.22 -2.43 11.83
CA TYR B 625 11.19 -1.57 11.26
C TYR B 625 10.46 -0.76 12.31
N TYR B 626 10.54 -1.18 13.57
CA TYR B 626 9.83 -0.45 14.59
C TYR B 626 10.63 0.68 15.18
N ASP B 627 9.94 1.67 15.79
CA ASP B 627 10.62 2.84 16.33
C ASP B 627 11.73 2.54 17.34
N SER B 628 12.57 3.55 17.59
CA SER B 628 13.70 3.40 18.47
C SER B 628 13.46 3.29 19.98
N VAL B 629 12.85 4.31 20.56
CA VAL B 629 12.60 4.31 22.00
C VAL B 629 12.07 2.99 22.52
N TYR B 630 11.03 2.47 21.88
CA TYR B 630 10.43 1.21 22.31
C TYR B 630 11.33 0.01 22.08
N THR B 631 11.63 -0.29 20.82
CA THR B 631 12.45 -1.43 20.45
C THR B 631 13.73 -1.54 21.26
N GLU B 632 14.56 -0.51 21.17
CA GLU B 632 15.84 -0.48 21.86
C GLU B 632 15.76 -0.71 23.36
N ARG B 633 14.61 -0.38 23.94
CA ARG B 633 14.43 -0.55 25.37
C ARG B 633 14.49 -2.02 25.76
N TYR B 634 14.05 -2.88 24.85
CA TYR B 634 14.03 -4.31 25.10
C TYR B 634 15.00 -5.05 24.21
N MET B 635 15.49 -4.39 23.15
CA MET B 635 16.39 -5.06 22.23
C MET B 635 17.79 -4.51 22.12
N GLY B 636 18.00 -3.30 22.62
CA GLY B 636 19.31 -2.67 22.51
C GLY B 636 19.43 -2.14 21.09
N LEU B 637 20.66 -1.99 20.58
CA LEU B 637 20.83 -1.50 19.23
C LEU B 637 21.06 -2.64 18.24
N PRO B 638 20.54 -2.50 17.02
CA PRO B 638 20.69 -3.50 15.97
C PRO B 638 22.07 -3.48 15.33
N THR B 639 23.10 -3.45 16.16
CA THR B 639 24.47 -3.40 15.66
C THR B 639 25.29 -4.61 16.07
N PRO B 640 26.25 -5.02 15.24
CA PRO B 640 27.07 -6.19 15.59
C PRO B 640 27.74 -5.99 16.92
N GLU B 641 27.88 -4.74 17.33
CA GLU B 641 28.52 -4.44 18.61
C GLU B 641 27.55 -4.68 19.76
N ASP B 642 26.27 -4.84 19.45
CA ASP B 642 25.28 -5.07 20.49
C ASP B 642 24.43 -6.31 20.27
N ASN B 643 23.19 -6.12 19.83
CA ASN B 643 22.26 -7.21 19.64
C ASN B 643 21.77 -7.47 18.21
N LEU B 644 22.58 -7.16 17.21
CA LEU B 644 22.16 -7.37 15.83
C LEU B 644 21.65 -8.78 15.58
N ASP B 645 22.28 -9.77 16.21
CA ASP B 645 21.86 -11.13 16.00
C ASP B 645 20.44 -11.46 16.43
N HIS B 646 20.03 -11.08 17.64
CA HIS B 646 18.66 -11.37 18.05
C HIS B 646 17.67 -10.58 17.21
N TYR B 647 18.11 -9.48 16.61
CA TYR B 647 17.21 -8.72 15.78
C TYR B 647 16.87 -9.56 14.55
N ARG B 648 17.91 -10.07 13.90
CA ARG B 648 17.72 -10.86 12.70
C ARG B 648 17.17 -12.26 12.88
N ASN B 649 17.19 -12.73 14.12
CA ASN B 649 16.66 -14.07 14.43
C ASN B 649 15.15 -14.02 14.65
N SER B 650 14.66 -12.93 15.21
CA SER B 650 13.24 -12.78 15.51
C SER B 650 12.39 -12.22 14.38
N THR B 651 12.68 -12.61 13.15
CA THR B 651 11.92 -12.13 12.02
C THR B 651 10.71 -13.02 11.72
N VAL B 652 9.59 -12.43 11.31
CA VAL B 652 8.43 -13.24 10.98
C VAL B 652 8.65 -13.87 9.63
N MET B 653 9.25 -13.13 8.72
CA MET B 653 9.48 -13.66 7.39
C MET B 653 10.48 -14.81 7.36
N SER B 654 11.30 -14.93 8.40
CA SER B 654 12.29 -16.01 8.41
C SER B 654 11.62 -17.33 8.74
N ARG B 655 10.33 -17.29 9.01
CA ARG B 655 9.56 -18.49 9.33
C ARG B 655 8.47 -18.76 8.31
N ALA B 656 8.61 -18.14 7.14
CA ALA B 656 7.64 -18.26 6.04
C ALA B 656 7.25 -19.71 5.75
N GLU B 657 8.26 -20.55 5.54
CA GLU B 657 8.01 -21.96 5.25
C GLU B 657 6.95 -22.60 6.16
N ASN B 658 7.15 -22.53 7.47
CA ASN B 658 6.20 -23.14 8.40
C ASN B 658 4.76 -22.71 8.28
N PHE B 659 4.47 -21.69 7.47
CA PHE B 659 3.11 -21.23 7.30
C PHE B 659 2.33 -22.15 6.37
N LYS B 660 3.03 -23.04 5.67
CA LYS B 660 2.36 -23.95 4.76
C LYS B 660 1.40 -24.86 5.53
N GLN B 661 1.61 -24.97 6.84
CA GLN B 661 0.77 -25.80 7.70
C GLN B 661 -0.31 -25.00 8.40
N VAL B 662 -0.68 -23.83 7.87
CA VAL B 662 -1.67 -22.99 8.53
C VAL B 662 -2.50 -22.10 7.61
N GLU B 663 -3.71 -21.77 8.05
CA GLU B 663 -4.57 -20.84 7.31
C GLU B 663 -4.24 -19.52 8.00
N TYR B 664 -3.67 -18.59 7.25
CA TYR B 664 -3.27 -17.30 7.81
C TYR B 664 -4.03 -16.11 7.24
N LEU B 665 -4.44 -15.19 8.10
CA LEU B 665 -5.12 -13.96 7.69
C LEU B 665 -4.33 -12.73 8.13
N LEU B 666 -3.74 -12.03 7.18
CA LEU B 666 -2.94 -10.83 7.46
C LEU B 666 -3.74 -9.58 7.13
N ILE B 667 -3.93 -8.71 8.13
CA ILE B 667 -4.70 -7.49 7.94
C ILE B 667 -3.89 -6.25 8.31
N HIS B 668 -3.92 -5.22 7.46
CA HIS B 668 -3.16 -4.02 7.80
C HIS B 668 -3.74 -2.72 7.28
N GLY B 669 -3.53 -1.66 8.06
CA GLY B 669 -4.02 -0.35 7.68
C GLY B 669 -3.06 0.42 6.81
N THR B 670 -3.58 0.98 5.73
CA THR B 670 -2.81 1.77 4.77
C THR B 670 -2.09 2.97 5.34
N ALA B 671 -2.73 3.68 6.26
CA ALA B 671 -2.12 4.87 6.84
C ALA B 671 -1.67 4.63 8.27
N ASP B 672 -1.10 3.46 8.51
CA ASP B 672 -0.60 3.13 9.82
C ASP B 672 0.74 3.83 10.03
N ASP B 673 0.73 4.86 10.87
CA ASP B 673 1.93 5.64 11.17
C ASP B 673 2.75 5.02 12.30
N ASN B 674 2.20 4.00 12.95
CA ASN B 674 2.88 3.33 14.05
C ASN B 674 3.66 2.09 13.55
N VAL B 675 2.93 1.07 13.16
CA VAL B 675 3.50 -0.15 12.61
C VAL B 675 3.22 0.04 11.13
N HIS B 676 4.21 0.57 10.45
CA HIS B 676 4.19 0.98 9.06
C HIS B 676 3.59 0.27 7.85
N PHE B 677 3.04 -0.93 7.99
CA PHE B 677 2.47 -1.60 6.79
C PHE B 677 3.63 -2.20 6.05
N GLN B 678 4.73 -1.46 6.01
CA GLN B 678 5.94 -1.93 5.39
C GLN B 678 6.16 -3.30 6.06
N GLN B 679 5.74 -3.37 7.31
CA GLN B 679 5.90 -4.59 8.10
C GLN B 679 5.11 -5.78 7.54
N SER B 680 3.86 -5.55 7.19
CA SER B 680 3.06 -6.63 6.64
C SER B 680 3.43 -6.86 5.17
N ALA B 681 3.82 -5.80 4.49
CA ALA B 681 4.21 -5.89 3.09
C ALA B 681 5.41 -6.81 2.94
N GLN B 682 6.26 -6.80 3.95
CA GLN B 682 7.45 -7.62 3.96
C GLN B 682 7.07 -9.08 4.28
N ILE B 683 6.01 -9.29 5.05
CA ILE B 683 5.53 -10.62 5.41
C ILE B 683 4.89 -11.29 4.20
N SER B 684 3.94 -10.61 3.59
CA SER B 684 3.26 -11.16 2.43
C SER B 684 4.31 -11.54 1.40
N LYS B 685 5.19 -10.60 1.09
CA LYS B 685 6.25 -10.84 0.12
C LYS B 685 7.08 -12.09 0.47
N ALA B 686 7.33 -12.33 1.75
CA ALA B 686 8.11 -13.48 2.18
C ALA B 686 7.36 -14.79 1.95
N LEU B 687 6.05 -14.76 2.21
CA LEU B 687 5.23 -15.95 2.03
C LEU B 687 5.06 -16.23 0.54
N VAL B 688 4.94 -15.18 -0.27
CA VAL B 688 4.80 -15.33 -1.71
C VAL B 688 6.05 -15.98 -2.27
N ASP B 689 7.21 -15.58 -1.77
CA ASP B 689 8.47 -16.16 -2.22
C ASP B 689 8.58 -17.60 -1.74
N ALA B 690 7.95 -17.91 -0.62
CA ALA B 690 7.99 -19.26 -0.06
C ALA B 690 6.95 -20.17 -0.68
N GLY B 691 6.04 -19.58 -1.45
CA GLY B 691 4.99 -20.35 -2.09
C GLY B 691 3.93 -20.81 -1.12
N VAL B 692 3.62 -19.96 -0.14
CA VAL B 692 2.62 -20.26 0.89
C VAL B 692 1.38 -19.46 0.62
N ASP B 693 0.25 -20.11 0.41
CA ASP B 693 -0.97 -19.35 0.17
C ASP B 693 -1.46 -18.83 1.51
N PHE B 694 -2.10 -17.67 1.49
CA PHE B 694 -2.62 -17.06 2.71
C PHE B 694 -3.66 -16.04 2.32
N GLN B 695 -4.25 -15.38 3.31
CA GLN B 695 -5.26 -14.37 3.04
C GLN B 695 -4.88 -13.01 3.55
N ALA B 696 -5.08 -11.99 2.72
CA ALA B 696 -4.74 -10.63 3.11
C ALA B 696 -5.94 -9.69 3.00
N MET B 697 -5.79 -8.52 3.59
CA MET B 697 -6.84 -7.51 3.59
C MET B 697 -6.23 -6.20 4.07
N TRP B 698 -6.25 -5.21 3.18
CA TRP B 698 -5.72 -3.89 3.52
C TRP B 698 -6.91 -2.97 3.81
N TYR B 699 -6.70 -1.99 4.69
CA TYR B 699 -7.75 -1.04 5.00
C TYR B 699 -7.30 0.35 4.59
N THR B 700 -7.84 0.80 3.46
CA THR B 700 -7.50 2.09 2.89
C THR B 700 -7.64 3.26 3.85
N ASP B 701 -6.55 3.99 3.99
CA ASP B 701 -6.49 5.16 4.84
C ASP B 701 -6.78 4.92 6.30
N GLU B 702 -6.76 3.66 6.73
CA GLU B 702 -7.01 3.38 8.12
C GLU B 702 -5.74 3.46 8.93
N ASP B 703 -5.95 3.75 10.20
CA ASP B 703 -4.89 3.93 11.17
C ASP B 703 -4.31 2.61 11.65
N HIS B 704 -3.62 2.68 12.79
CA HIS B 704 -3.05 1.48 13.40
C HIS B 704 -4.17 0.87 14.22
N GLY B 705 -5.23 1.64 14.42
CA GLY B 705 -6.35 1.15 15.18
C GLY B 705 -7.52 0.75 14.33
N ILE B 706 -7.39 0.92 13.01
CA ILE B 706 -8.46 0.58 12.07
C ILE B 706 -9.76 0.83 12.83
N ALA B 707 -9.83 2.02 13.43
CA ALA B 707 -10.95 2.40 14.25
C ALA B 707 -12.02 3.30 13.67
N SER B 708 -11.99 3.57 12.38
CA SER B 708 -13.05 4.40 11.82
C SER B 708 -14.28 3.53 11.98
N SER B 709 -15.46 4.15 12.04
CA SER B 709 -16.68 3.38 12.23
C SER B 709 -16.90 2.24 11.25
N THR B 710 -16.97 2.57 9.95
CA THR B 710 -17.19 1.54 8.94
C THR B 710 -16.09 0.49 8.89
N ALA B 711 -14.84 0.91 9.03
CA ALA B 711 -13.74 -0.04 9.00
C ALA B 711 -13.76 -0.98 10.21
N HIS B 712 -14.04 -0.43 11.38
CA HIS B 712 -14.12 -1.22 12.60
C HIS B 712 -15.12 -2.35 12.43
N GLN B 713 -16.29 -2.03 11.90
CA GLN B 713 -17.30 -3.04 11.70
C GLN B 713 -16.85 -4.04 10.65
N HIS B 714 -16.35 -3.54 9.53
CA HIS B 714 -15.89 -4.38 8.43
C HIS B 714 -14.80 -5.38 8.84
N ILE B 715 -13.79 -4.91 9.57
CA ILE B 715 -12.71 -5.79 9.96
C ILE B 715 -13.14 -6.91 10.90
N TYR B 716 -14.06 -6.65 11.80
CA TYR B 716 -14.50 -7.69 12.71
C TYR B 716 -15.43 -8.68 12.04
N SER B 717 -16.21 -8.19 11.10
CA SER B 717 -17.11 -9.07 10.38
C SER B 717 -16.24 -10.01 9.58
N HIS B 718 -15.21 -9.46 8.95
CA HIS B 718 -14.28 -10.23 8.13
C HIS B 718 -13.53 -11.29 8.91
N MET B 719 -13.09 -10.95 10.11
CA MET B 719 -12.37 -11.91 10.93
C MET B 719 -13.34 -13.01 11.41
N SER B 720 -14.58 -12.60 11.68
CA SER B 720 -15.59 -13.52 12.14
C SER B 720 -15.76 -14.62 11.09
N HIS B 721 -16.01 -14.22 9.85
CA HIS B 721 -16.17 -15.19 8.78
C HIS B 721 -14.92 -16.03 8.60
N PHE B 722 -13.74 -15.45 8.84
CA PHE B 722 -12.50 -16.19 8.68
C PHE B 722 -12.45 -17.34 9.69
N LEU B 723 -12.89 -17.08 10.91
CA LEU B 723 -12.89 -18.11 11.94
C LEU B 723 -13.99 -19.13 11.63
N GLN B 724 -15.15 -18.64 11.21
CA GLN B 724 -16.26 -19.50 10.86
C GLN B 724 -15.82 -20.49 9.77
N GLN B 725 -15.14 -20.00 8.75
CA GLN B 725 -14.66 -20.87 7.69
C GLN B 725 -13.66 -21.82 8.33
N CYS B 726 -12.66 -21.28 9.02
CA CYS B 726 -11.63 -22.11 9.65
C CYS B 726 -12.16 -23.15 10.65
N PHE B 727 -13.16 -22.79 11.45
CA PHE B 727 -13.73 -23.71 12.45
C PHE B 727 -14.89 -24.55 11.94
N SER B 728 -15.13 -24.51 10.64
CA SER B 728 -16.19 -25.29 9.99
C SER B 728 -17.61 -24.94 10.45
N LEU B 729 -17.77 -23.78 11.08
CA LEU B 729 -19.09 -23.33 11.54
C LEU B 729 -19.73 -22.67 10.32
N ARG B 730 -20.18 -21.42 10.52
CA ARG B 730 -20.81 -20.55 9.48
C ARG B 730 -21.63 -21.22 8.39
S SO4 C . -2.90 -4.27 -20.19
O1 SO4 C . -3.33 -5.57 -19.54
O2 SO4 C . -4.03 -3.55 -20.83
O3 SO4 C . -2.27 -3.41 -19.15
O4 SO4 C . -1.91 -4.58 -21.25
C1 AIL D . -1.40 0.97 -23.41
N2 AIL D . -1.61 1.08 -21.98
C3 AIL D . -3.03 0.90 -21.68
C4 AIL D . -3.51 0.11 -22.88
C5 AIL D . -2.78 0.77 -24.02
C6 AIL D . -2.75 -0.07 -25.29
C7 AIL D . -3.06 0.16 -20.33
O8 AIL D . -1.99 -0.29 -19.93
N9 AIL D . -4.23 0.05 -19.64
C10 AIL D . -4.24 -0.65 -18.35
C11 AIL D . -5.53 -0.36 -17.60
S12 AIL D . -6.74 0.16 -18.82
C13 AIL D . -5.54 0.58 -20.08
N14 AIL D . -2.01 0.67 -26.29
C15 AIL D . -0.90 0.16 -26.88
O16 AIL D . -0.43 -0.95 -26.63
N17 AIL D . -0.75 2.28 -28.16
C18 AIL D . -0.01 2.92 -29.09
S19 AIL D . 1.31 1.97 -29.60
C20 AIL D . 0.87 0.71 -28.57
C21 AIL D . -0.29 1.01 -27.83
#